data_6S09
#
_entry.id   6S09
#
_cell.length_a   92.310
_cell.length_b   105.230
_cell.length_c   106.990
_cell.angle_alpha   90.000
_cell.angle_beta   90.000
_cell.angle_gamma   90.000
#
_symmetry.space_group_name_H-M   'P 21 21 21'
#
loop_
_entity.id
_entity.type
_entity.pdbx_description
1 polymer FimA
2 non-polymer 'SULFATE ION'
3 non-polymer 'SODIUM ION'
4 non-polymer 'ACETIC ACID'
5 water water
#
_entity_poly.entity_id   1
_entity_poly.type   'polypeptide(L)'
_entity_poly.pdbx_seq_one_letter_code
;AACAVDAGSVDQTVQLGQVRTASLAQEGATSSAVGFNIQLNDCDTNVASKAAVAFLGTAIDAGHTNVLALQSSAAGSATN
VGVQILDRTGAALTLDGATFSSETTLNNGTNTIPFQARYFATGAATPGAANADATFKVQYQGGGGGGANVVEGKFHVTGG
NVTTAA
;
_entity_poly.pdbx_strand_id   F,A,B,C,D,E,G,H
#
loop_
_chem_comp.id
_chem_comp.type
_chem_comp.name
_chem_comp.formula
ACY non-polymer 'ACETIC ACID' 'C2 H4 O2'
NA non-polymer 'SODIUM ION' 'Na 1'
SO4 non-polymer 'SULFATE ION' 'O4 S -2'
#
# COMPACT_ATOMS: atom_id res chain seq x y z
N ALA A 1 -2.58 40.05 -4.86
CA ALA A 1 -3.37 40.97 -5.75
C ALA A 1 -2.94 40.88 -7.21
N ALA A 2 -1.97 40.03 -7.52
CA ALA A 2 -1.64 39.82 -8.92
C ALA A 2 -2.87 39.37 -9.70
N CYS A 3 -3.75 38.64 -9.06
CA CYS A 3 -4.99 38.14 -9.62
C CYS A 3 -6.10 38.39 -8.62
N ALA A 4 -7.31 38.11 -9.05
CA ALA A 4 -8.45 38.03 -8.15
C ALA A 4 -9.00 36.61 -8.14
N VAL A 5 -9.44 36.15 -6.97
CA VAL A 5 -10.08 34.85 -6.89
C VAL A 5 -11.49 34.97 -7.45
N ASP A 6 -11.83 34.12 -8.40
CA ASP A 6 -13.18 34.12 -8.97
C ASP A 6 -14.23 33.91 -7.88
N ALA A 7 -15.32 34.67 -7.95
CA ALA A 7 -16.36 34.53 -6.95
C ALA A 7 -16.91 33.11 -6.89
N GLY A 8 -16.99 32.43 -8.03
CA GLY A 8 -17.39 31.02 -8.03
C GLY A 8 -16.45 30.07 -7.30
N SER A 9 -15.20 30.45 -7.10
CA SER A 9 -14.22 29.64 -6.41
C SER A 9 -14.15 29.95 -4.94
N VAL A 10 -14.58 31.15 -4.55
CA VAL A 10 -14.31 31.58 -3.18
CA VAL A 10 -14.37 31.64 -3.19
C VAL A 10 -15.17 30.84 -2.18
N ASP A 11 -16.31 30.29 -2.58
CA ASP A 11 -17.12 29.47 -1.69
C ASP A 11 -17.65 28.36 -2.59
N GLN A 12 -17.08 27.17 -2.49
CA GLN A 12 -17.41 26.10 -3.41
C GLN A 12 -17.45 24.77 -2.70
N THR A 13 -18.04 23.81 -3.38
CA THR A 13 -18.35 22.51 -2.80
C THR A 13 -18.06 21.39 -3.78
N VAL A 14 -17.58 20.27 -3.21
CA VAL A 14 -17.43 19.03 -3.94
CA VAL A 14 -17.41 19.02 -3.92
C VAL A 14 -18.27 17.98 -3.21
N GLN A 15 -18.85 17.07 -3.97
CA GLN A 15 -19.59 15.95 -3.43
C GLN A 15 -18.89 14.69 -3.91
N LEU A 16 -18.56 13.82 -2.98
CA LEU A 16 -17.74 12.65 -3.24
C LEU A 16 -18.54 11.39 -3.45
N GLY A 17 -19.83 11.42 -3.22
CA GLY A 17 -20.66 10.26 -3.48
C GLY A 17 -20.68 9.30 -2.31
N GLN A 18 -21.07 8.05 -2.62
CA GLN A 18 -21.30 7.04 -1.61
C GLN A 18 -20.16 6.05 -1.63
N VAL A 19 -19.65 5.73 -0.45
CA VAL A 19 -18.50 4.88 -0.28
C VAL A 19 -18.85 3.72 0.65
N ARG A 20 -18.39 2.54 0.30
CA ARG A 20 -18.60 1.38 1.13
C ARG A 20 -17.60 1.32 2.27
N THR A 21 -18.05 0.85 3.43
CA THR A 21 -17.09 0.52 4.48
C THR A 21 -16.04 -0.49 3.97
N ALA A 22 -16.43 -1.43 3.10
CA ALA A 22 -15.49 -2.40 2.57
C ALA A 22 -14.39 -1.76 1.75
N SER A 23 -14.63 -0.57 1.23
CA SER A 23 -13.67 0.16 0.45
C SER A 23 -12.78 1.04 1.31
N LEU A 24 -13.02 1.12 2.60
CA LEU A 24 -12.28 1.96 3.53
C LEU A 24 -11.95 1.16 4.78
N ALA A 25 -11.46 -0.06 4.54
CA ALA A 25 -11.34 -1.08 5.58
C ALA A 25 -10.02 -1.03 6.35
N GLN A 26 -9.06 -0.25 5.90
CA GLN A 26 -7.79 -0.16 6.58
C GLN A 26 -7.16 1.17 6.24
N GLU A 27 -6.25 1.59 7.12
CA GLU A 27 -5.55 2.84 6.94
C GLU A 27 -4.93 2.91 5.55
N GLY A 28 -5.10 4.05 4.90
CA GLY A 28 -4.59 4.32 3.57
C GLY A 28 -5.51 3.96 2.44
N ALA A 29 -6.62 3.27 2.72
CA ALA A 29 -7.60 3.09 1.66
C ALA A 29 -8.22 4.44 1.35
N THR A 30 -8.60 4.61 0.08
CA THR A 30 -9.12 5.88 -0.40
C THR A 30 -10.33 5.64 -1.28
N SER A 31 -11.21 6.63 -1.27
CA SER A 31 -12.33 6.71 -2.20
C SER A 31 -11.87 7.29 -3.53
N SER A 32 -12.77 7.32 -4.51
CA SER A 32 -12.48 7.95 -5.77
C SER A 32 -12.32 9.43 -5.56
N ALA A 33 -11.48 10.05 -6.37
CA ALA A 33 -11.13 11.46 -6.22
C ALA A 33 -11.94 12.28 -7.20
N VAL A 34 -12.43 13.44 -6.74
CA VAL A 34 -13.25 14.34 -7.53
C VAL A 34 -12.51 15.66 -7.67
N GLY A 35 -12.47 16.20 -8.87
CA GLY A 35 -11.68 17.40 -9.13
C GLY A 35 -12.41 18.67 -8.73
N PHE A 36 -11.62 19.66 -8.37
CA PHE A 36 -12.11 21.03 -8.27
C PHE A 36 -10.95 21.94 -8.59
N ASN A 37 -11.24 23.24 -8.71
CA ASN A 37 -10.14 24.15 -8.99
C ASN A 37 -10.34 25.43 -8.23
N ILE A 38 -9.26 26.18 -8.11
CA ILE A 38 -9.34 27.57 -7.69
C ILE A 38 -9.08 28.39 -8.94
N GLN A 39 -10.08 29.17 -9.35
CA GLN A 39 -9.95 30.00 -10.54
C GLN A 39 -9.54 31.40 -10.15
N LEU A 40 -8.50 31.90 -10.82
CA LEU A 40 -8.02 33.26 -10.68
C LEU A 40 -8.32 34.02 -11.94
N ASN A 41 -8.76 35.26 -11.80
CA ASN A 41 -9.06 36.16 -12.91
C ASN A 41 -8.17 37.38 -12.90
N ASP A 42 -8.11 38.03 -14.06
CA ASP A 42 -7.45 39.32 -14.19
C ASP A 42 -6.01 39.26 -13.74
N CYS A 43 -5.37 38.12 -13.93
CA CYS A 43 -3.99 37.97 -13.49
C CYS A 43 -3.09 38.91 -14.29
N ASP A 44 -2.11 39.44 -13.61
CA ASP A 44 -1.14 40.39 -14.15
C ASP A 44 0.23 39.75 -13.93
N THR A 45 0.78 39.16 -14.96
CA THR A 45 2.08 38.53 -14.80
C THR A 45 3.22 39.56 -14.78
N ASN A 46 2.91 40.86 -14.86
CA ASN A 46 3.89 41.88 -14.45
C ASN A 46 4.20 41.76 -12.96
N VAL A 47 3.27 41.21 -12.18
CA VAL A 47 3.30 41.19 -10.72
C VAL A 47 3.64 39.81 -10.18
N ALA A 48 3.08 38.75 -10.77
CA ALA A 48 3.30 37.40 -10.30
C ALA A 48 3.29 36.44 -11.48
N SER A 49 4.18 35.44 -11.43
CA SER A 49 4.22 34.43 -12.48
C SER A 49 3.53 33.14 -12.09
N LYS A 50 3.29 32.92 -10.80
CA LYS A 50 2.84 31.63 -10.28
C LYS A 50 1.93 31.84 -9.09
N ALA A 51 1.03 30.88 -8.86
CA ALA A 51 0.14 30.92 -7.71
C ALA A 51 0.04 29.55 -7.09
N ALA A 52 -0.21 29.53 -5.79
CA ALA A 52 -0.38 28.30 -5.04
C ALA A 52 -1.43 28.55 -3.96
N VAL A 53 -1.93 27.48 -3.36
CA VAL A 53 -3.04 27.54 -2.44
C VAL A 53 -2.69 26.72 -1.20
N ALA A 54 -3.04 27.24 -0.04
CA ALA A 54 -2.96 26.50 1.21
C ALA A 54 -4.35 26.36 1.81
N PHE A 55 -4.53 25.29 2.55
CA PHE A 55 -5.81 24.93 3.13
C PHE A 55 -5.66 24.75 4.62
N LEU A 56 -6.63 25.29 5.36
CA LEU A 56 -6.68 25.19 6.81
C LEU A 56 -7.99 24.54 7.23
N GLY A 57 -7.90 23.55 8.11
CA GLY A 57 -9.09 22.95 8.69
C GLY A 57 -8.68 22.11 9.87
N THR A 58 -9.68 21.57 10.53
CA THR A 58 -9.44 20.70 11.67
C THR A 58 -9.08 19.35 11.13
N ALA A 59 -7.87 18.87 11.44
CA ALA A 59 -7.47 17.54 11.01
C ALA A 59 -8.04 16.49 11.94
N ILE A 60 -8.13 15.27 11.42
CA ILE A 60 -8.83 14.19 12.12
C ILE A 60 -8.08 13.83 13.39
N ASP A 61 -6.75 13.87 13.36
CA ASP A 61 -5.94 13.68 14.56
C ASP A 61 -4.50 14.07 14.27
N ALA A 62 -3.67 14.01 15.31
CA ALA A 62 -2.28 14.45 15.23
C ALA A 62 -1.45 13.58 14.29
N GLY A 63 -1.80 12.32 14.14
CA GLY A 63 -1.09 11.47 13.22
C GLY A 63 -1.49 11.58 11.77
N HIS A 64 -2.50 12.41 11.46
CA HIS A 64 -3.00 12.56 10.11
C HIS A 64 -3.31 14.03 9.84
N THR A 65 -2.28 14.85 9.78
CA THR A 65 -2.45 16.29 9.67
C THR A 65 -2.92 16.74 8.29
N ASN A 66 -2.96 15.84 7.32
CA ASN A 66 -3.49 16.10 5.99
C ASN A 66 -4.83 15.40 5.75
N VAL A 67 -5.50 15.01 6.83
CA VAL A 67 -6.85 14.41 6.72
C VAL A 67 -7.81 15.29 7.51
N LEU A 68 -8.78 15.84 6.83
CA LEU A 68 -9.76 16.73 7.43
C LEU A 68 -10.77 15.91 8.22
N ALA A 69 -10.98 16.29 9.47
CA ALA A 69 -12.00 15.68 10.32
C ALA A 69 -13.38 15.93 9.72
N LEU A 70 -14.27 14.96 9.91
CA LEU A 70 -15.63 15.12 9.46
C LEU A 70 -16.46 15.89 10.47
N GLN A 71 -17.44 16.63 9.96
CA GLN A 71 -18.44 17.27 10.80
C GLN A 71 -19.28 16.21 11.49
N SER A 72 -19.64 16.48 12.74
CA SER A 72 -20.57 15.63 13.44
C SER A 72 -21.96 15.76 12.82
N SER A 73 -22.80 14.78 13.12
CA SER A 73 -24.14 14.75 12.54
C SER A 73 -25.07 14.15 13.57
N ALA A 74 -26.35 14.51 13.50
CA ALA A 74 -27.30 14.00 14.47
C ALA A 74 -27.34 12.47 14.46
N ALA A 75 -27.30 11.87 13.28
CA ALA A 75 -27.39 10.42 13.15
C ALA A 75 -26.06 9.70 13.38
N GLY A 76 -24.95 10.43 13.46
CA GLY A 76 -23.66 9.82 13.67
C GLY A 76 -22.85 9.80 12.39
N SER A 77 -21.73 10.49 12.38
CA SER A 77 -20.91 10.54 11.19
C SER A 77 -20.00 9.33 11.11
N ALA A 78 -19.47 9.10 9.92
CA ALA A 78 -18.51 8.02 9.75
C ALA A 78 -17.30 8.28 10.65
N THR A 79 -16.66 7.20 11.07
CA THR A 79 -15.43 7.30 11.86
C THR A 79 -14.32 6.58 11.12
N ASN A 80 -13.09 6.94 11.51
CA ASN A 80 -11.86 6.45 10.92
C ASN A 80 -11.75 6.78 9.43
N VAL A 81 -12.24 7.96 9.03
CA VAL A 81 -12.07 8.42 7.67
C VAL A 81 -12.27 9.92 7.67
N GLY A 82 -11.47 10.58 6.84
CA GLY A 82 -11.63 12.01 6.65
C GLY A 82 -11.41 12.37 5.21
N VAL A 83 -11.27 13.66 4.93
CA VAL A 83 -11.16 14.17 3.56
C VAL A 83 -9.73 14.66 3.35
N GLN A 84 -9.14 14.29 2.23
CA GLN A 84 -7.88 14.85 1.77
C GLN A 84 -8.09 15.75 0.59
N ILE A 85 -7.27 16.80 0.54
CA ILE A 85 -7.20 17.73 -0.58
C ILE A 85 -5.86 17.51 -1.26
N LEU A 86 -5.92 17.08 -2.51
CA LEU A 86 -4.73 16.69 -3.27
C LEU A 86 -4.44 17.81 -4.23
N ASP A 87 -3.18 18.21 -4.33
CA ASP A 87 -2.80 19.21 -5.32
C ASP A 87 -2.50 18.52 -6.64
N ARG A 88 -2.00 19.29 -7.60
CA ARG A 88 -1.79 18.79 -8.97
C ARG A 88 -0.79 17.68 -9.07
N THR A 89 0.02 17.43 -8.03
CA THR A 89 0.99 16.36 -8.02
C THR A 89 0.42 15.09 -7.40
N GLY A 90 -0.81 15.14 -6.90
CA GLY A 90 -1.44 14.01 -6.24
C GLY A 90 -1.18 13.92 -4.75
N ALA A 91 -0.35 14.81 -4.20
CA ALA A 91 -0.07 14.81 -2.77
C ALA A 91 -1.17 15.50 -1.97
N ALA A 92 -1.53 14.86 -0.86
CA ALA A 92 -2.46 15.43 0.07
C ALA A 92 -1.76 16.49 0.89
N LEU A 93 -2.38 17.66 1.00
CA LEU A 93 -1.74 18.81 1.63
C LEU A 93 -2.07 18.83 3.11
N THR A 94 -1.06 19.08 3.92
CA THR A 94 -1.27 19.36 5.33
C THR A 94 -2.24 20.50 5.50
N LEU A 95 -3.17 20.35 6.45
CA LEU A 95 -4.31 21.25 6.59
C LEU A 95 -4.06 22.34 7.64
N ASP A 96 -2.84 22.88 7.68
CA ASP A 96 -2.44 23.85 8.68
C ASP A 96 -2.39 25.27 8.14
N GLY A 97 -2.95 25.52 6.97
CA GLY A 97 -2.96 26.83 6.34
C GLY A 97 -1.61 27.40 5.99
N ALA A 98 -0.58 26.55 5.94
CA ALA A 98 0.78 27.00 5.68
C ALA A 98 1.55 26.05 4.78
N THR A 99 0.92 24.99 4.30
CA THR A 99 1.54 24.00 3.42
C THR A 99 0.95 24.20 2.04
N PHE A 100 1.69 24.86 1.18
CA PHE A 100 1.11 25.27 -0.06
C PHE A 100 1.24 24.19 -1.12
N SER A 101 0.22 24.14 -1.95
CA SER A 101 0.26 23.35 -3.18
C SER A 101 1.50 23.67 -4.01
N SER A 102 1.86 22.76 -4.89
CA SER A 102 2.79 23.09 -5.96
C SER A 102 2.21 24.28 -6.72
N GLU A 103 3.09 25.00 -7.40
CA GLU A 103 2.68 26.22 -8.10
C GLU A 103 2.01 25.90 -9.43
N THR A 104 1.05 26.74 -9.77
CA THR A 104 0.53 26.84 -11.13
C THR A 104 1.13 28.06 -11.83
N THR A 105 1.67 27.85 -13.02
CA THR A 105 2.25 28.95 -13.79
C THR A 105 1.16 29.68 -14.54
N LEU A 106 1.16 31.01 -14.44
CA LEU A 106 0.05 31.82 -14.89
C LEU A 106 0.25 32.42 -16.28
N ASN A 107 -0.85 32.55 -17.02
CA ASN A 107 -0.97 33.53 -18.09
C ASN A 107 -1.70 34.75 -17.55
N ASN A 108 -1.70 35.84 -18.31
CA ASN A 108 -2.54 36.96 -17.92
C ASN A 108 -4.01 36.53 -17.98
N GLY A 109 -4.83 37.17 -17.18
CA GLY A 109 -6.25 36.86 -17.22
C GLY A 109 -6.57 35.66 -16.37
N THR A 110 -7.36 34.76 -16.93
CA THR A 110 -7.92 33.66 -16.15
C THR A 110 -7.05 32.41 -16.17
N ASN A 111 -6.90 31.83 -14.98
CA ASN A 111 -6.11 30.65 -14.72
C ASN A 111 -6.87 29.77 -13.77
N THR A 112 -6.69 28.46 -13.89
CA THR A 112 -7.24 27.52 -12.91
C THR A 112 -6.14 26.65 -12.28
N ILE A 113 -6.20 26.55 -10.95
CA ILE A 113 -5.26 25.76 -10.16
C ILE A 113 -5.98 24.47 -9.79
N PRO A 114 -5.52 23.30 -10.26
CA PRO A 114 -6.32 22.07 -10.10
C PRO A 114 -6.05 21.33 -8.80
N PHE A 115 -7.13 20.82 -8.22
CA PHE A 115 -7.08 20.03 -7.00
C PHE A 115 -8.03 18.84 -7.14
N GLN A 116 -7.95 17.93 -6.17
CA GLN A 116 -8.91 16.87 -6.03
C GLN A 116 -9.23 16.72 -4.55
N ALA A 117 -10.41 16.19 -4.25
CA ALA A 117 -10.78 15.78 -2.92
C ALA A 117 -11.12 14.30 -2.95
N ARG A 118 -10.81 13.64 -1.85
CA ARG A 118 -11.13 12.21 -1.68
C ARG A 118 -11.26 11.87 -0.21
N TYR A 119 -11.86 10.72 0.07
CA TYR A 119 -11.86 10.19 1.41
C TYR A 119 -10.61 9.33 1.60
N PHE A 120 -10.05 9.39 2.81
CA PHE A 120 -8.88 8.64 3.22
C PHE A 120 -9.19 7.97 4.55
N ALA A 121 -9.04 6.64 4.60
CA ALA A 121 -9.27 5.89 5.82
C ALA A 121 -8.04 5.93 6.72
N THR A 122 -8.27 6.15 8.00
CA THR A 122 -7.23 6.08 9.03
C THR A 122 -7.34 4.81 9.86
N GLY A 123 -8.15 3.87 9.41
CA GLY A 123 -8.48 2.69 10.17
C GLY A 123 -9.62 2.01 9.44
N ALA A 124 -10.32 1.13 10.12
CA ALA A 124 -11.48 0.48 9.53
C ALA A 124 -12.67 1.44 9.67
N ALA A 125 -13.10 2.02 8.55
CA ALA A 125 -14.14 3.02 8.60
C ALA A 125 -15.45 2.40 9.07
N THR A 126 -16.27 3.22 9.71
CA THR A 126 -17.62 2.89 10.08
C THR A 126 -18.58 3.82 9.35
N PRO A 127 -19.85 3.42 9.21
CA PRO A 127 -20.78 4.17 8.36
C PRO A 127 -21.29 5.45 8.99
N GLY A 128 -21.70 6.36 8.11
CA GLY A 128 -22.32 7.62 8.52
C GLY A 128 -22.00 8.72 7.52
N ALA A 129 -22.62 9.88 7.79
CA ALA A 129 -22.37 11.05 6.96
C ALA A 129 -20.89 11.40 6.97
N ALA A 130 -20.43 12.01 5.89
CA ALA A 130 -19.01 12.31 5.77
C ALA A 130 -18.82 13.67 5.10
N ASN A 131 -19.23 14.73 5.79
CA ASN A 131 -19.08 16.09 5.29
C ASN A 131 -17.94 16.77 6.03
N ALA A 132 -17.31 17.72 5.36
CA ALA A 132 -16.15 18.40 5.93
C ALA A 132 -16.03 19.80 5.36
N ASP A 133 -15.27 20.65 6.07
CA ASP A 133 -15.09 22.04 5.64
C ASP A 133 -13.65 22.44 5.83
N ALA A 134 -13.19 23.33 4.97
CA ALA A 134 -11.87 23.94 5.10
C ALA A 134 -11.92 25.37 4.56
N THR A 135 -10.91 26.12 4.91
CA THR A 135 -10.70 27.46 4.39
C THR A 135 -9.41 27.44 3.59
N PHE A 136 -9.25 28.41 2.70
CA PHE A 136 -8.05 28.41 1.87
C PHE A 136 -7.59 29.83 1.62
N LYS A 137 -6.31 29.91 1.28
CA LYS A 137 -5.65 31.17 1.00
C LYS A 137 -4.74 30.99 -0.21
N VAL A 138 -4.69 32.01 -1.04
CA VAL A 138 -3.94 32.01 -2.29
C VAL A 138 -2.71 32.87 -2.09
N GLN A 139 -1.55 32.35 -2.51
CA GLN A 139 -0.29 33.06 -2.43
C GLN A 139 0.34 33.09 -3.79
N TYR A 140 1.04 34.20 -4.09
CA TYR A 140 1.69 34.38 -5.39
C TYR A 140 3.20 34.34 -5.23
N GLN A 141 3.85 33.89 -6.28
CA GLN A 141 5.27 34.04 -6.43
C GLN A 141 5.48 35.15 -7.44
N GLY A 142 6.06 36.26 -6.99
CA GLY A 142 6.36 37.39 -7.82
C GLY A 142 7.43 38.26 -7.16
N GLY A 143 7.55 39.51 -7.63
CA GLY A 143 8.59 40.37 -7.13
C GLY A 143 8.34 40.85 -5.71
N GLY A 144 9.44 41.19 -5.03
CA GLY A 144 9.36 41.76 -3.70
C GLY A 144 8.84 40.82 -2.64
N GLY A 145 9.00 39.51 -2.84
CA GLY A 145 8.43 38.52 -1.96
C GLY A 145 7.05 38.04 -2.36
N GLY A 146 6.57 38.42 -3.54
CA GLY A 146 5.25 37.99 -3.98
C GLY A 146 4.14 38.72 -3.23
N GLY A 147 3.01 38.04 -3.11
CA GLY A 147 1.89 38.61 -2.41
C GLY A 147 0.84 37.57 -2.10
N ALA A 148 -0.30 38.04 -1.61
CA ALA A 148 -1.40 37.14 -1.32
C ALA A 148 -2.71 37.88 -1.51
N ASN A 149 -3.72 37.15 -1.96
CA ASN A 149 -5.07 37.65 -1.91
C ASN A 149 -5.47 37.80 -0.46
N VAL A 150 -6.17 38.88 -0.15
CA VAL A 150 -6.67 39.05 1.20
C VAL A 150 -7.90 38.22 1.47
N VAL A 151 -8.52 37.60 0.46
CA VAL A 151 -9.72 36.82 0.70
CA VAL A 151 -9.71 36.80 0.67
C VAL A 151 -9.37 35.48 1.37
N GLU A 152 -10.26 35.03 2.26
CA GLU A 152 -10.23 33.69 2.84
C GLU A 152 -11.30 32.87 2.12
N GLY A 153 -10.88 31.93 1.25
CA GLY A 153 -11.84 31.08 0.56
C GLY A 153 -12.39 29.98 1.45
N LYS A 154 -13.52 29.43 1.06
CA LYS A 154 -14.18 28.35 1.79
C LYS A 154 -14.39 27.19 0.83
N PHE A 155 -14.06 25.99 1.31
CA PHE A 155 -14.18 24.76 0.59
C PHE A 155 -15.05 23.81 1.42
N HIS A 156 -15.97 23.15 0.76
CA HIS A 156 -16.86 22.23 1.46
C HIS A 156 -16.97 20.91 0.74
N VAL A 157 -17.16 19.86 1.55
CA VAL A 157 -17.56 18.55 1.07
C VAL A 157 -18.90 18.25 1.71
N THR A 158 -19.91 18.00 0.89
CA THR A 158 -21.24 17.65 1.36
C THR A 158 -21.74 16.48 0.55
N GLY A 159 -22.92 15.98 0.94
CA GLY A 159 -23.53 14.88 0.23
C GLY A 159 -22.81 13.57 0.33
N GLY A 160 -21.88 13.44 1.26
CA GLY A 160 -21.04 12.25 1.35
C GLY A 160 -21.63 11.28 2.35
N ASN A 161 -21.43 9.98 2.07
CA ASN A 161 -22.02 8.95 2.89
C ASN A 161 -21.13 7.73 2.82
N VAL A 162 -20.81 7.16 3.98
CA VAL A 162 -20.15 5.88 4.09
C VAL A 162 -21.19 4.90 4.57
N THR A 163 -21.42 3.83 3.82
CA THR A 163 -22.40 2.83 4.20
C THR A 163 -21.77 1.46 4.21
N THR A 164 -22.38 0.57 4.95
CA THR A 164 -21.99 -0.84 4.92
C THR A 164 -22.98 -1.51 3.99
N ALA A 165 -22.53 -1.75 2.79
CA ALA A 165 -23.36 -2.30 1.73
C ALA A 165 -22.42 -2.95 0.74
N ALA A 166 -23.00 -3.84 -0.06
CA ALA A 166 -22.28 -4.60 -1.06
C ALA A 166 -22.15 -3.82 -2.38
N ALA B 1 7.22 10.10 8.16
CA ALA B 1 5.81 9.71 7.86
C ALA B 1 5.73 8.83 6.61
N ALA B 2 5.80 9.46 5.44
CA ALA B 2 5.74 8.71 4.18
C ALA B 2 6.78 7.61 4.11
N CYS B 3 7.93 7.82 4.74
CA CYS B 3 9.04 6.89 4.76
C CYS B 3 9.60 6.86 6.17
N ALA B 4 10.56 5.96 6.42
CA ALA B 4 11.37 5.98 7.63
C ALA B 4 12.83 6.19 7.25
N VAL B 5 13.54 7.05 8.00
CA VAL B 5 14.95 7.20 7.75
C VAL B 5 15.66 5.94 8.19
N ASP B 6 16.47 5.38 7.29
CA ASP B 6 17.21 4.17 7.61
C ASP B 6 18.13 4.37 8.81
N ALA B 7 18.24 3.35 9.65
CA ALA B 7 19.04 3.48 10.87
C ALA B 7 20.49 3.81 10.56
N GLY B 8 21.03 3.34 9.44
CA GLY B 8 22.38 3.71 9.07
C GLY B 8 22.51 5.13 8.59
N SER B 9 21.42 5.77 8.20
CA SER B 9 21.48 7.15 7.76
C SER B 9 21.23 8.13 8.88
N VAL B 10 20.57 7.71 9.95
CA VAL B 10 20.15 8.65 10.97
C VAL B 10 21.34 9.21 11.70
N ASP B 11 22.45 8.47 11.74
CA ASP B 11 23.68 8.93 12.36
C ASP B 11 24.79 8.39 11.48
N GLN B 12 25.41 9.25 10.67
CA GLN B 12 26.40 8.80 9.71
C GLN B 12 27.52 9.83 9.57
N THR B 13 28.63 9.34 9.04
CA THR B 13 29.86 10.08 8.95
C THR B 13 30.46 9.95 7.55
N VAL B 14 31.03 11.05 7.09
CA VAL B 14 31.85 11.07 5.90
CA VAL B 14 31.85 11.11 5.89
C VAL B 14 33.26 11.45 6.32
N GLN B 15 34.25 10.83 5.67
CA GLN B 15 35.63 11.21 5.91
C GLN B 15 36.15 11.81 4.61
N LEU B 16 36.58 13.05 4.68
CA LEU B 16 37.01 13.78 3.52
C LEU B 16 38.48 13.64 3.23
N GLY B 17 39.22 12.96 4.08
CA GLY B 17 40.64 12.80 3.81
C GLY B 17 41.47 14.04 4.13
N GLN B 18 42.59 14.15 3.43
CA GLN B 18 43.65 15.09 3.79
C GLN B 18 43.81 16.13 2.70
N VAL B 19 43.76 17.40 3.10
CA VAL B 19 43.74 18.54 2.20
C VAL B 19 44.89 19.45 2.57
N ARG B 20 45.52 20.02 1.56
CA ARG B 20 46.66 20.87 1.77
C ARG B 20 46.25 22.33 1.88
N THR B 21 46.92 23.07 2.76
CA THR B 21 46.68 24.51 2.81
C THR B 21 46.85 25.15 1.44
N ALA B 22 47.80 24.66 0.64
CA ALA B 22 48.03 25.23 -0.68
C ALA B 22 46.84 25.04 -1.61
N SER B 23 46.01 24.03 -1.37
CA SER B 23 44.81 23.80 -2.15
C SER B 23 43.61 24.60 -1.64
N LEU B 24 43.76 25.30 -0.53
CA LEU B 24 42.70 26.06 0.11
C LEU B 24 43.21 27.43 0.45
N ALA B 25 43.88 28.04 -0.52
CA ALA B 25 44.70 29.22 -0.32
C ALA B 25 43.93 30.52 -0.48
N GLN B 26 42.74 30.46 -1.08
CA GLN B 26 41.91 31.64 -1.22
C GLN B 26 40.46 31.23 -1.12
N GLU B 27 39.62 32.21 -0.81
CA GLU B 27 38.18 32.02 -0.77
C GLU B 27 37.66 31.35 -2.03
N GLY B 28 36.75 30.39 -1.85
CA GLY B 28 36.16 29.65 -2.94
C GLY B 28 36.89 28.38 -3.33
N ALA B 29 38.14 28.21 -2.90
CA ALA B 29 38.81 26.93 -3.08
C ALA B 29 38.10 25.83 -2.30
N THR B 30 38.10 24.63 -2.87
CA THR B 30 37.41 23.51 -2.24
C THR B 30 38.27 22.26 -2.29
N SER B 31 38.01 21.38 -1.33
CA SER B 31 38.58 20.06 -1.42
C SER B 31 37.75 19.22 -2.38
N SER B 32 38.24 18.01 -2.62
CA SER B 32 37.46 17.00 -3.31
C SER B 32 36.19 16.71 -2.50
N ALA B 33 35.13 16.38 -3.20
CA ALA B 33 33.86 16.13 -2.57
C ALA B 33 33.69 14.63 -2.40
N VAL B 34 33.02 14.27 -1.33
CA VAL B 34 32.70 12.87 -1.05
C VAL B 34 31.18 12.74 -0.98
N GLY B 35 30.65 11.71 -1.63
CA GLY B 35 29.23 11.49 -1.66
C GLY B 35 28.70 10.87 -0.38
N PHE B 36 27.45 11.20 -0.06
CA PHE B 36 26.69 10.48 0.94
C PHE B 36 25.23 10.57 0.55
N ASN B 37 24.40 9.81 1.23
CA ASN B 37 22.99 9.91 0.94
C ASN B 37 22.21 9.85 2.22
N ILE B 38 20.98 10.33 2.17
CA ILE B 38 19.99 10.03 3.19
C ILE B 38 19.13 8.92 2.61
N GLN B 39 19.16 7.75 3.25
CA GLN B 39 18.35 6.64 2.78
C GLN B 39 17.03 6.60 3.52
N LEU B 40 15.95 6.50 2.74
CA LEU B 40 14.60 6.34 3.23
C LEU B 40 14.15 4.91 2.97
N ASN B 41 13.52 4.29 3.98
CA ASN B 41 12.94 2.97 3.83
C ASN B 41 11.42 3.05 3.92
N ASP B 42 10.76 2.01 3.43
CA ASP B 42 9.33 1.81 3.64
C ASP B 42 8.50 2.94 3.05
N CYS B 43 9.00 3.59 2.02
CA CYS B 43 8.28 4.70 1.42
C CYS B 43 7.01 4.19 0.77
N ASP B 44 5.98 5.02 0.81
CA ASP B 44 4.67 4.69 0.25
C ASP B 44 4.27 5.89 -0.59
N THR B 45 4.29 5.73 -1.90
CA THR B 45 4.01 6.88 -2.74
C THR B 45 2.55 7.31 -2.70
N ASN B 46 1.63 6.49 -2.15
CA ASN B 46 0.25 6.92 -1.82
C ASN B 46 0.23 7.97 -0.74
N VAL B 47 1.32 8.16 -0.05
CA VAL B 47 1.46 9.15 0.99
C VAL B 47 2.29 10.33 0.51
N ALA B 48 3.43 10.05 -0.12
CA ALA B 48 4.29 11.11 -0.63
C ALA B 48 5.13 10.54 -1.77
N SER B 49 5.40 11.37 -2.77
CA SER B 49 6.18 10.94 -3.92
C SER B 49 7.50 11.66 -4.04
N LYS B 50 7.77 12.67 -3.21
CA LYS B 50 9.03 13.37 -3.24
C LYS B 50 9.45 13.71 -1.82
N ALA B 51 10.77 13.72 -1.59
CA ALA B 51 11.31 14.07 -0.29
C ALA B 51 12.56 14.93 -0.45
N ALA B 52 12.80 15.77 0.56
CA ALA B 52 13.90 16.71 0.59
C ALA B 52 14.47 16.77 2.00
N VAL B 53 15.69 17.29 2.12
CA VAL B 53 16.39 17.32 3.39
C VAL B 53 16.89 18.72 3.68
N ALA B 54 16.75 19.13 4.94
CA ALA B 54 17.34 20.39 5.41
C ALA B 54 18.34 20.09 6.50
N PHE B 55 19.45 20.80 6.46
CA PHE B 55 20.51 20.62 7.44
C PHE B 55 20.59 21.85 8.35
N LEU B 56 21.00 21.59 9.59
CA LEU B 56 21.17 22.59 10.62
C LEU B 56 22.56 22.43 11.25
N GLY B 57 23.31 23.53 11.31
CA GLY B 57 24.57 23.49 12.03
C GLY B 57 25.02 24.91 12.32
N THR B 58 26.12 25.01 13.04
CA THR B 58 26.72 26.32 13.29
C THR B 58 27.58 26.72 12.11
N ALA B 59 27.30 27.90 11.57
CA ALA B 59 28.10 28.40 10.46
C ALA B 59 29.46 28.90 10.95
N ILE B 60 30.43 28.82 10.04
CA ILE B 60 31.79 29.24 10.33
C ILE B 60 31.82 30.71 10.73
N ASP B 61 30.99 31.54 10.09
CA ASP B 61 30.81 32.93 10.51
C ASP B 61 29.43 33.37 10.04
N ALA B 62 29.05 34.61 10.39
CA ALA B 62 27.68 35.05 10.14
C ALA B 62 27.37 35.18 8.65
N GLY B 63 28.36 35.48 7.83
CA GLY B 63 28.13 35.62 6.41
C GLY B 63 28.02 34.32 5.65
N HIS B 64 28.86 33.34 5.99
CA HIS B 64 28.90 32.11 5.21
C HIS B 64 27.88 31.12 5.77
N THR B 65 26.61 31.40 5.48
CA THR B 65 25.51 30.64 6.08
C THR B 65 25.43 29.19 5.60
N ASN B 66 26.21 28.78 4.58
CA ASN B 66 26.24 27.39 4.14
C ASN B 66 27.59 26.71 4.38
N VAL B 67 28.43 27.31 5.21
CA VAL B 67 29.72 26.71 5.55
C VAL B 67 29.71 26.37 7.02
N LEU B 68 29.75 25.08 7.34
CA LEU B 68 29.79 24.61 8.71
C LEU B 68 31.10 24.97 9.37
N ALA B 69 31.01 25.45 10.60
CA ALA B 69 32.18 25.61 11.46
C ALA B 69 32.84 24.26 11.70
N LEU B 70 34.12 24.32 12.01
CA LEU B 70 34.83 23.12 12.41
C LEU B 70 34.79 22.99 13.92
N GLN B 71 34.74 21.75 14.37
CA GLN B 71 34.79 21.49 15.80
CA GLN B 71 34.83 21.42 15.78
C GLN B 71 36.12 21.96 16.38
N SER B 72 36.06 22.39 17.64
CA SER B 72 37.27 22.80 18.30
C SER B 72 38.14 21.56 18.59
N SER B 73 39.44 21.80 18.77
CA SER B 73 40.37 20.73 19.09
C SER B 73 41.49 21.30 19.97
N ALA B 74 42.07 20.43 20.79
CA ALA B 74 43.13 20.88 21.70
C ALA B 74 44.31 21.45 20.94
N ALA B 75 44.73 20.78 19.86
CA ALA B 75 45.88 21.21 19.07
C ALA B 75 45.61 22.49 18.28
N GLY B 76 44.35 22.90 18.14
CA GLY B 76 44.01 23.94 17.21
C GLY B 76 43.47 23.33 15.92
N SER B 77 42.25 23.69 15.57
CA SER B 77 41.63 23.22 14.35
C SER B 77 42.03 24.13 13.21
N ALA B 78 41.80 23.65 11.98
CA ALA B 78 42.07 24.49 10.82
C ALA B 78 41.24 25.76 10.90
N THR B 79 41.79 26.85 10.37
CA THR B 79 41.02 28.08 10.26
C THR B 79 40.82 28.47 8.81
N ASN B 80 39.79 29.30 8.58
CA ASN B 80 39.40 29.76 7.25
C ASN B 80 39.00 28.62 6.30
N VAL B 81 38.48 27.54 6.86
CA VAL B 81 37.91 26.44 6.10
C VAL B 81 36.76 25.85 6.90
N GLY B 82 35.69 25.53 6.20
CA GLY B 82 34.59 24.82 6.80
C GLY B 82 34.06 23.74 5.88
N VAL B 83 32.88 23.19 6.21
CA VAL B 83 32.30 22.10 5.42
C VAL B 83 31.03 22.59 4.75
N GLN B 84 30.89 22.28 3.48
CA GLN B 84 29.65 22.49 2.76
C GLN B 84 29.02 21.15 2.44
N ILE B 85 27.70 21.18 2.41
CA ILE B 85 26.86 20.06 2.00
C ILE B 85 26.14 20.49 0.73
N LEU B 86 26.39 19.79 -0.36
CA LEU B 86 25.84 20.13 -1.65
C LEU B 86 24.72 19.17 -1.99
N ASP B 87 23.63 19.70 -2.52
CA ASP B 87 22.59 18.85 -3.04
C ASP B 87 22.84 18.55 -4.51
N ARG B 88 21.88 17.84 -5.11
CA ARG B 88 22.05 17.33 -6.47
C ARG B 88 22.10 18.41 -7.54
N THR B 89 21.84 19.67 -7.21
CA THR B 89 22.03 20.78 -8.13
C THR B 89 23.41 21.39 -8.04
N GLY B 90 24.27 20.87 -7.16
CA GLY B 90 25.57 21.43 -6.94
C GLY B 90 25.59 22.59 -5.99
N ALA B 91 24.45 22.97 -5.45
CA ALA B 91 24.33 24.11 -4.56
C ALA B 91 24.63 23.72 -3.13
N ALA B 92 25.44 24.54 -2.47
CA ALA B 92 25.68 24.36 -1.05
C ALA B 92 24.47 24.84 -0.28
N LEU B 93 24.02 24.01 0.65
CA LEU B 93 22.76 24.24 1.35
C LEU B 93 22.94 25.13 2.58
N THR B 94 22.08 26.13 2.69
CA THR B 94 22.07 26.95 3.88
C THR B 94 21.81 26.09 5.10
N LEU B 95 22.60 26.31 6.14
CA LEU B 95 22.61 25.44 7.32
C LEU B 95 21.68 25.90 8.42
N ASP B 96 20.49 26.38 8.08
CA ASP B 96 19.62 27.01 9.04
C ASP B 96 18.45 26.13 9.46
N GLY B 97 18.45 24.87 9.08
CA GLY B 97 17.38 23.96 9.43
C GLY B 97 16.08 24.18 8.70
N ALA B 98 16.05 25.13 7.77
CA ALA B 98 14.80 25.50 7.10
C ALA B 98 14.92 25.57 5.59
N THR B 99 16.11 25.47 5.04
CA THR B 99 16.37 25.53 3.61
C THR B 99 16.47 24.10 3.12
N PHE B 100 15.42 23.62 2.47
CA PHE B 100 15.43 22.24 2.03
C PHE B 100 16.12 22.09 0.68
N SER B 101 16.80 20.95 0.55
CA SER B 101 17.41 20.52 -0.69
C SER B 101 16.38 20.40 -1.80
N SER B 102 16.89 20.29 -3.03
CA SER B 102 16.07 19.78 -4.13
C SER B 102 15.42 18.45 -3.74
N GLU B 103 14.25 18.20 -4.34
CA GLU B 103 13.47 17.01 -4.09
C GLU B 103 14.04 15.82 -4.83
N THR B 104 13.98 14.68 -4.18
CA THR B 104 14.21 13.41 -4.83
C THR B 104 12.86 12.73 -5.01
N THR B 105 12.61 12.21 -6.19
CA THR B 105 11.38 11.51 -6.51
C THR B 105 11.48 10.05 -6.06
N LEU B 106 10.44 9.56 -5.38
CA LEU B 106 10.47 8.29 -4.68
C LEU B 106 9.75 7.16 -5.42
N ASN B 107 10.28 5.95 -5.25
CA ASN B 107 9.53 4.72 -5.43
C ASN B 107 9.09 4.18 -4.08
N ASN B 108 8.18 3.20 -4.09
CA ASN B 108 7.87 2.50 -2.86
C ASN B 108 9.12 1.82 -2.30
N GLY B 109 9.18 1.72 -0.99
CA GLY B 109 10.32 1.04 -0.36
C GLY B 109 11.50 1.96 -0.21
N THR B 110 12.66 1.53 -0.68
CA THR B 110 13.92 2.19 -0.32
C THR B 110 14.41 3.15 -1.41
N ASN B 111 14.84 4.32 -0.97
CA ASN B 111 15.23 5.43 -1.83
C ASN B 111 16.45 6.08 -1.20
N THR B 112 17.32 6.63 -2.02
CA THR B 112 18.47 7.37 -1.55
C THR B 112 18.46 8.77 -2.14
N ILE B 113 18.63 9.75 -1.26
CA ILE B 113 18.68 11.17 -1.62
C ILE B 113 20.16 11.58 -1.61
N PRO B 114 20.73 11.94 -2.75
CA PRO B 114 22.19 12.12 -2.82
C PRO B 114 22.66 13.50 -2.44
N PHE B 115 23.80 13.51 -1.72
CA PHE B 115 24.45 14.74 -1.32
C PHE B 115 25.94 14.56 -1.47
N GLN B 116 26.65 15.67 -1.39
CA GLN B 116 28.10 15.64 -1.28
C GLN B 116 28.56 16.55 -0.15
N ALA B 117 29.67 16.20 0.46
CA ALA B 117 30.31 17.06 1.42
C ALA B 117 31.69 17.43 0.91
N ARG B 118 32.10 18.64 1.25
CA ARG B 118 33.43 19.07 0.85
C ARG B 118 33.91 20.15 1.81
N TYR B 119 35.22 20.34 1.85
CA TYR B 119 35.77 21.51 2.51
C TYR B 119 35.70 22.72 1.56
N PHE B 120 35.42 23.89 2.15
CA PHE B 120 35.33 25.17 1.45
C PHE B 120 36.16 26.20 2.21
N ALA B 121 37.10 26.84 1.51
CA ALA B 121 37.94 27.85 2.10
C ALA B 121 37.25 29.21 2.09
N THR B 122 37.25 29.88 3.23
CA THR B 122 36.72 31.22 3.35
C THR B 122 37.82 32.25 3.34
N GLY B 123 39.06 31.79 3.21
CA GLY B 123 40.22 32.63 3.10
C GLY B 123 41.39 31.68 2.92
N ALA B 124 42.60 32.14 3.27
CA ALA B 124 43.75 31.25 3.24
C ALA B 124 43.68 30.30 4.44
N ALA B 125 43.42 29.01 4.17
CA ALA B 125 43.36 28.02 5.24
C ALA B 125 44.69 27.89 5.98
N THR B 126 44.56 27.67 7.29
CA THR B 126 45.66 27.26 8.16
C THR B 126 45.43 25.82 8.64
N PRO B 127 46.49 25.13 9.04
CA PRO B 127 46.39 23.68 9.26
C PRO B 127 45.73 23.29 10.59
N GLY B 128 45.23 22.08 10.60
CA GLY B 128 44.71 21.47 11.81
C GLY B 128 43.54 20.56 11.51
N ALA B 129 42.98 20.04 12.59
CA ALA B 129 41.83 19.15 12.51
C ALA B 129 40.67 19.84 11.81
N ALA B 130 39.85 19.06 11.15
CA ALA B 130 38.73 19.62 10.39
C ALA B 130 37.54 18.70 10.45
N ASN B 131 36.99 18.58 11.66
CA ASN B 131 35.77 17.79 11.87
C ASN B 131 34.58 18.74 11.98
N ALA B 132 33.40 18.22 11.65
CA ALA B 132 32.22 19.07 11.76
C ALA B 132 31.00 18.22 12.00
N ASP B 133 29.93 18.87 12.46
CA ASP B 133 28.71 18.16 12.79
C ASP B 133 27.50 18.99 12.33
N ALA B 134 26.44 18.30 11.95
CA ALA B 134 25.18 18.92 11.62
C ALA B 134 24.06 17.95 11.97
N THR B 135 22.85 18.47 11.98
CA THR B 135 21.68 17.60 12.08
C THR B 135 20.84 17.82 10.83
N PHE B 136 19.84 16.98 10.65
CA PHE B 136 19.04 17.12 9.46
C PHE B 136 17.65 16.61 9.72
N LYS B 137 16.74 17.08 8.88
CA LYS B 137 15.32 16.77 8.92
C LYS B 137 14.87 16.50 7.49
N VAL B 138 13.92 15.59 7.35
CA VAL B 138 13.38 15.20 6.06
C VAL B 138 11.95 15.73 5.96
N GLN B 139 11.64 16.29 4.80
CA GLN B 139 10.33 16.85 4.49
C GLN B 139 9.79 16.14 3.26
N TYR B 140 8.55 15.70 3.32
CA TYR B 140 7.88 15.10 2.19
C TYR B 140 7.02 16.15 1.52
N GLN B 141 7.08 16.20 0.20
CA GLN B 141 6.34 17.23 -0.51
C GLN B 141 4.85 17.07 -0.25
N GLY B 142 4.19 18.19 -0.01
CA GLY B 142 2.81 18.24 0.42
C GLY B 142 2.63 18.13 1.92
N GLY B 143 3.65 17.71 2.64
CA GLY B 143 3.56 17.48 4.08
C GLY B 143 3.78 16.05 4.56
N GLY B 144 3.29 15.04 3.82
CA GLY B 144 3.53 13.66 4.19
C GLY B 144 2.68 13.11 5.34
N GLY B 145 1.69 13.85 5.84
CA GLY B 145 0.76 13.34 6.85
C GLY B 145 1.19 13.56 8.30
N GLY B 146 2.46 13.87 8.54
CA GLY B 146 2.94 14.06 9.90
C GLY B 146 2.95 12.78 10.72
N GLU B 152 15.25 13.34 14.16
CA GLU B 152 16.36 14.25 13.85
C GLU B 152 17.67 13.49 13.54
N GLY B 153 18.10 13.49 12.29
CA GLY B 153 19.31 12.78 11.95
C GLY B 153 20.56 13.58 12.29
N LYS B 154 21.68 12.88 12.38
CA LYS B 154 22.98 13.47 12.67
C LYS B 154 23.96 13.16 11.54
N PHE B 155 24.75 14.15 11.16
CA PHE B 155 25.72 14.05 10.10
C PHE B 155 27.05 14.51 10.66
N HIS B 156 28.10 13.73 10.42
CA HIS B 156 29.44 14.06 10.92
C HIS B 156 30.44 14.02 9.79
N VAL B 157 31.42 14.91 9.87
CA VAL B 157 32.67 14.79 9.15
C VAL B 157 33.72 14.58 10.22
N THR B 158 34.43 13.46 10.15
CA THR B 158 35.52 13.21 11.10
C THR B 158 36.75 12.81 10.30
N GLY B 159 37.85 12.58 11.02
CA GLY B 159 39.07 12.14 10.37
C GLY B 159 39.66 13.19 9.44
N GLY B 160 39.24 14.43 9.58
CA GLY B 160 39.66 15.47 8.67
C GLY B 160 40.93 16.16 9.15
N ASN B 161 41.76 16.57 8.17
CA ASN B 161 43.03 17.19 8.47
C ASN B 161 43.42 18.09 7.32
N VAL B 162 43.68 19.35 7.62
CA VAL B 162 44.30 20.30 6.69
C VAL B 162 45.77 20.40 7.09
N THR B 163 46.67 20.10 6.16
CA THR B 163 48.08 20.03 6.47
C THR B 163 48.86 21.00 5.61
N THR B 164 50.10 21.26 6.00
CA THR B 164 50.96 22.13 5.21
C THR B 164 51.84 21.34 4.24
N ALA B 165 51.46 20.13 3.90
CA ALA B 165 52.31 19.28 3.09
C ALA B 165 52.32 19.76 1.64
N ALA B 166 53.33 19.32 0.90
CA ALA B 166 53.45 19.57 -0.54
C ALA B 166 52.64 18.55 -1.33
N ALA C 1 -48.45 6.23 -23.21
CA ALA C 1 -48.12 5.28 -22.13
C ALA C 1 -48.30 5.93 -20.78
N ALA C 2 -48.02 5.18 -19.71
CA ALA C 2 -48.34 5.65 -18.39
C ALA C 2 -47.59 6.94 -18.07
N CYS C 3 -46.30 6.99 -18.40
CA CYS C 3 -45.48 8.18 -18.21
C CYS C 3 -44.71 8.43 -19.51
N ALA C 4 -44.00 9.53 -19.55
CA ALA C 4 -42.99 9.77 -20.57
C ALA C 4 -41.66 9.95 -19.84
N VAL C 5 -40.59 9.55 -20.49
CA VAL C 5 -39.28 9.78 -19.90
C VAL C 5 -38.93 11.25 -20.13
N ASP C 6 -38.46 11.91 -19.08
CA ASP C 6 -38.03 13.30 -19.21
C ASP C 6 -36.94 13.41 -20.26
N ALA C 7 -37.03 14.47 -21.07
CA ALA C 7 -36.07 14.66 -22.16
C ALA C 7 -34.66 14.73 -21.64
N GLY C 8 -34.48 15.26 -20.43
CA GLY C 8 -33.16 15.29 -19.82
C GLY C 8 -32.69 13.95 -19.29
N SER C 9 -33.59 12.96 -19.15
CA SER C 9 -33.23 11.63 -18.69
C SER C 9 -33.02 10.62 -19.80
N VAL C 10 -33.54 10.89 -21.00
CA VAL C 10 -33.47 9.88 -22.06
C VAL C 10 -32.05 9.64 -22.50
N ASP C 11 -31.18 10.64 -22.36
CA ASP C 11 -29.77 10.53 -22.72
C ASP C 11 -29.03 11.27 -21.62
N GLN C 12 -28.44 10.52 -20.70
CA GLN C 12 -27.83 11.14 -19.55
C GLN C 12 -26.54 10.43 -19.20
N THR C 13 -25.78 11.08 -18.34
CA THR C 13 -24.40 10.73 -18.13
C THR C 13 -24.06 10.85 -16.66
N VAL C 14 -23.20 9.97 -16.21
CA VAL C 14 -22.59 10.05 -14.89
C VAL C 14 -21.08 10.09 -15.08
N GLN C 15 -20.39 10.83 -14.23
CA GLN C 15 -18.93 10.80 -14.20
C GLN C 15 -18.48 10.32 -12.84
N LEU C 16 -17.61 9.33 -12.84
CA LEU C 16 -17.28 8.61 -11.61
C LEU C 16 -15.95 9.01 -11.00
N GLY C 17 -15.17 9.86 -11.65
CA GLY C 17 -13.97 10.37 -11.02
C GLY C 17 -12.77 9.50 -11.26
N GLN C 18 -11.75 9.75 -10.44
CA GLN C 18 -10.44 9.18 -10.64
C GLN C 18 -10.18 8.11 -9.59
N VAL C 19 -9.85 6.91 -10.03
CA VAL C 19 -9.72 5.75 -9.17
C VAL C 19 -8.29 5.22 -9.25
N ARG C 20 -7.69 4.96 -8.10
CA ARG C 20 -6.36 4.34 -8.08
C ARG C 20 -6.45 2.84 -8.34
N THR C 21 -5.48 2.30 -9.07
CA THR C 21 -5.46 0.86 -9.30
C THR C 21 -5.44 0.11 -7.98
N ALA C 22 -4.80 0.67 -6.95
CA ALA C 22 -4.76 0.01 -5.66
C ALA C 22 -6.15 -0.15 -5.05
N SER C 23 -7.13 0.66 -5.48
CA SER C 23 -8.49 0.61 -4.97
C SER C 23 -9.38 -0.35 -5.77
N LEU C 24 -8.84 -0.92 -6.84
CA LEU C 24 -9.55 -1.90 -7.66
C LEU C 24 -8.62 -3.09 -7.89
N ALA C 25 -8.17 -3.69 -6.79
CA ALA C 25 -7.01 -4.60 -6.84
C ALA C 25 -7.37 -6.07 -6.80
N GLN C 26 -8.62 -6.42 -6.55
CA GLN C 26 -9.08 -7.79 -6.64
C GLN C 26 -10.54 -7.78 -7.05
N GLU C 27 -11.02 -8.93 -7.53
CA GLU C 27 -12.40 -9.06 -7.92
C GLU C 27 -13.33 -8.62 -6.81
N GLY C 28 -14.26 -7.77 -7.16
CA GLY C 28 -15.28 -7.31 -6.26
C GLY C 28 -14.97 -5.99 -5.58
N ALA C 29 -13.76 -5.49 -5.71
CA ALA C 29 -13.48 -4.12 -5.29
C ALA C 29 -14.30 -3.17 -6.13
N THR C 30 -14.77 -2.10 -5.51
CA THR C 30 -15.61 -1.15 -6.20
C THR C 30 -15.16 0.27 -5.88
N SER C 31 -15.45 1.18 -6.82
CA SER C 31 -15.19 2.58 -6.65
C SER C 31 -16.40 3.26 -6.00
N SER C 32 -16.22 4.52 -5.66
CA SER C 32 -17.32 5.28 -5.12
C SER C 32 -18.47 5.34 -6.11
N ALA C 33 -19.67 5.29 -5.57
CA ALA C 33 -20.87 5.21 -6.38
C ALA C 33 -21.50 6.59 -6.49
N VAL C 34 -21.98 6.92 -7.69
CA VAL C 34 -22.62 8.19 -7.98
C VAL C 34 -24.06 7.90 -8.33
N GLY C 35 -24.98 8.65 -7.71
CA GLY C 35 -26.38 8.46 -7.99
C GLY C 35 -26.80 9.07 -9.31
N PHE C 36 -27.84 8.49 -9.89
CA PHE C 36 -28.56 9.10 -10.97
C PHE C 36 -30.00 8.63 -10.87
N ASN C 37 -30.87 9.28 -11.63
CA ASN C 37 -32.25 8.89 -11.63
C ASN C 37 -32.77 8.87 -13.05
N ILE C 38 -33.66 7.95 -13.32
CA ILE C 38 -34.52 8.01 -14.50
C ILE C 38 -35.77 8.79 -14.08
N GLN C 39 -35.98 9.96 -14.68
CA GLN C 39 -37.11 10.81 -14.35
C GLN C 39 -38.23 10.60 -15.32
N LEU C 40 -39.41 10.33 -14.80
CA LEU C 40 -40.62 10.13 -15.58
C LEU C 40 -41.52 11.33 -15.38
N ASN C 41 -42.09 11.82 -16.47
CA ASN C 41 -43.01 12.94 -16.43
C ASN C 41 -44.42 12.52 -16.79
N ASP C 42 -45.37 13.34 -16.36
CA ASP C 42 -46.74 13.25 -16.84
C ASP C 42 -47.30 11.85 -16.61
N CYS C 43 -46.90 11.25 -15.49
CA CYS C 43 -47.41 9.94 -15.12
C CYS C 43 -48.89 10.01 -14.81
N ASP C 44 -49.63 9.04 -15.32
CA ASP C 44 -51.03 8.81 -15.00
C ASP C 44 -51.14 7.51 -14.23
N THR C 45 -51.32 7.60 -12.90
CA THR C 45 -51.28 6.37 -12.11
C THR C 45 -52.51 5.50 -12.29
N ASN C 46 -53.59 6.03 -12.86
CA ASN C 46 -54.70 5.17 -13.21
C ASN C 46 -54.34 4.27 -14.38
N VAL C 47 -53.29 4.61 -15.13
CA VAL C 47 -52.76 3.72 -16.14
C VAL C 47 -51.74 2.77 -15.54
N ALA C 48 -50.77 3.30 -14.81
CA ALA C 48 -49.80 2.46 -14.14
C ALA C 48 -49.32 3.15 -12.89
N SER C 49 -49.20 2.40 -11.81
CA SER C 49 -48.76 2.96 -10.54
C SER C 49 -47.35 2.57 -10.15
N LYS C 50 -46.66 1.79 -10.97
CA LYS C 50 -45.29 1.39 -10.68
C LYS C 50 -44.50 1.35 -11.98
N ALA C 51 -43.20 1.62 -11.86
CA ALA C 51 -42.31 1.55 -12.99
C ALA C 51 -40.99 0.93 -12.58
N ALA C 52 -40.34 0.30 -13.54
CA ALA C 52 -39.04 -0.30 -13.34
C ALA C 52 -38.24 -0.13 -14.63
N VAL C 53 -36.93 -0.34 -14.55
CA VAL C 53 -36.03 -0.06 -15.66
C VAL C 53 -35.11 -1.25 -15.87
N ALA C 54 -34.87 -1.59 -17.13
CA ALA C 54 -33.91 -2.63 -17.47
C ALA C 54 -32.84 -2.01 -18.35
N PHE C 55 -31.59 -2.44 -18.13
CA PHE C 55 -30.44 -1.89 -18.82
C PHE C 55 -29.82 -2.97 -19.70
N LEU C 56 -29.31 -2.55 -20.86
CA LEU C 56 -28.75 -3.45 -21.84
C LEU C 56 -27.37 -2.92 -22.23
N GLY C 57 -26.36 -3.77 -22.09
CA GLY C 57 -25.05 -3.39 -22.58
C GLY C 57 -24.20 -4.62 -22.68
N THR C 58 -23.03 -4.45 -23.24
CA THR C 58 -22.10 -5.55 -23.42
C THR C 58 -21.42 -5.83 -22.08
N ALA C 59 -21.59 -7.05 -21.58
CA ALA C 59 -20.92 -7.43 -20.35
C ALA C 59 -19.42 -7.51 -20.57
N ILE C 60 -18.68 -7.23 -19.51
CA ILE C 60 -17.22 -7.32 -19.58
C ILE C 60 -16.80 -8.74 -19.90
N ASP C 61 -17.49 -9.74 -19.34
CA ASP C 61 -17.29 -11.12 -19.75
C ASP C 61 -18.47 -11.97 -19.30
N ALA C 62 -18.50 -13.21 -19.81
CA ALA C 62 -19.63 -14.08 -19.52
C ALA C 62 -19.77 -14.40 -18.03
N GLY C 63 -18.69 -14.30 -17.26
CA GLY C 63 -18.75 -14.52 -15.81
C GLY C 63 -19.22 -13.34 -14.98
N HIS C 64 -19.44 -12.18 -15.62
CA HIS C 64 -19.90 -10.96 -14.92
C HIS C 64 -20.93 -10.24 -15.77
N THR C 65 -22.12 -10.81 -15.89
CA THR C 65 -23.16 -10.26 -16.75
C THR C 65 -23.80 -9.01 -16.18
N ASN C 66 -23.43 -8.60 -14.96
CA ASN C 66 -23.88 -7.35 -14.38
C ASN C 66 -22.74 -6.33 -14.31
N VAL C 67 -21.69 -6.51 -15.12
CA VAL C 67 -20.59 -5.56 -15.17
C VAL C 67 -20.41 -5.15 -16.62
N LEU C 68 -20.59 -3.87 -16.89
CA LEU C 68 -20.52 -3.33 -18.24
C LEU C 68 -19.07 -3.25 -18.70
N ALA C 69 -18.80 -3.73 -19.91
CA ALA C 69 -17.48 -3.51 -20.52
C ALA C 69 -17.20 -2.03 -20.69
N LEU C 70 -15.93 -1.70 -20.71
CA LEU C 70 -15.52 -0.34 -20.97
C LEU C 70 -15.43 -0.07 -22.46
N GLN C 71 -15.76 1.15 -22.85
CA GLN C 71 -15.60 1.59 -24.23
C GLN C 71 -14.13 1.53 -24.60
N SER C 72 -13.82 1.13 -25.82
CA SER C 72 -12.41 1.05 -26.19
C SER C 72 -11.89 2.44 -26.51
N SER C 73 -10.60 2.65 -26.28
CA SER C 73 -10.02 3.98 -26.38
C SER C 73 -8.65 3.94 -27.04
N ALA C 74 -8.26 5.10 -27.57
CA ALA C 74 -7.01 5.23 -28.31
C ALA C 74 -5.82 4.80 -27.46
N ALA C 75 -5.50 5.57 -26.42
CA ALA C 75 -4.41 5.22 -25.52
C ALA C 75 -4.59 3.83 -24.93
N GLY C 76 -5.82 3.34 -24.85
CA GLY C 76 -6.09 2.10 -24.17
C GLY C 76 -6.97 2.35 -22.98
N SER C 77 -7.88 1.44 -22.76
CA SER C 77 -8.79 1.55 -21.63
C SER C 77 -8.26 0.70 -20.50
N ALA C 78 -8.73 1.04 -19.31
CA ALA C 78 -8.42 0.21 -18.15
C ALA C 78 -8.83 -1.22 -18.42
N THR C 79 -8.10 -2.15 -17.81
CA THR C 79 -8.48 -3.56 -17.93
C THR C 79 -8.90 -4.09 -16.55
N ASN C 80 -9.62 -5.20 -16.57
CA ASN C 80 -10.13 -5.87 -15.36
C ASN C 80 -11.04 -4.95 -14.52
N VAL C 81 -11.72 -4.03 -15.20
CA VAL C 81 -12.63 -3.09 -14.56
C VAL C 81 -13.82 -2.85 -15.48
N GLY C 82 -15.01 -2.81 -14.89
CA GLY C 82 -16.21 -2.41 -15.62
C GLY C 82 -17.13 -1.58 -14.77
N VAL C 83 -18.34 -1.32 -15.27
CA VAL C 83 -19.29 -0.45 -14.60
C VAL C 83 -20.50 -1.25 -14.18
N GLN C 84 -20.91 -1.10 -12.94
CA GLN C 84 -22.16 -1.66 -12.47
C GLN C 84 -23.19 -0.56 -12.33
N ILE C 85 -24.44 -0.95 -12.56
CA ILE C 85 -25.60 -0.12 -12.34
C ILE C 85 -26.42 -0.77 -11.24
N LEU C 86 -26.58 -0.07 -10.12
CA LEU C 86 -27.28 -0.59 -8.96
C LEU C 86 -28.66 0.04 -8.88
N ASP C 87 -29.68 -0.77 -8.56
CA ASP C 87 -30.98 -0.18 -8.34
C ASP C 87 -31.12 0.24 -6.88
N ARG C 88 -32.34 0.61 -6.50
CA ARG C 88 -32.59 1.19 -5.22
C ARG C 88 -32.39 0.23 -4.06
N THR C 89 -32.24 -1.08 -4.34
CA THR C 89 -31.91 -2.05 -3.29
C THR C 89 -30.41 -2.22 -3.09
N GLY C 90 -29.61 -1.59 -3.92
CA GLY C 90 -28.18 -1.78 -3.91
C GLY C 90 -27.67 -2.94 -4.74
N ALA C 91 -28.56 -3.74 -5.33
CA ALA C 91 -28.15 -4.85 -6.17
C ALA C 91 -27.74 -4.37 -7.55
N ALA C 92 -26.66 -4.93 -8.07
CA ALA C 92 -26.27 -4.66 -9.45
C ALA C 92 -27.20 -5.38 -10.41
N LEU C 93 -27.63 -4.68 -11.45
CA LEU C 93 -28.56 -5.24 -12.41
C LEU C 93 -27.85 -5.98 -13.53
N THR C 94 -28.40 -7.12 -13.90
CA THR C 94 -27.94 -7.83 -15.08
C THR C 94 -28.23 -6.99 -16.32
N LEU C 95 -27.25 -6.88 -17.21
CA LEU C 95 -27.27 -5.92 -18.30
C LEU C 95 -27.78 -6.55 -19.58
N ASP C 96 -28.86 -7.32 -19.48
CA ASP C 96 -29.35 -8.12 -20.60
C ASP C 96 -30.61 -7.55 -21.23
N GLY C 97 -31.05 -6.37 -20.79
CA GLY C 97 -32.22 -5.73 -21.35
C GLY C 97 -33.52 -6.40 -20.95
N ALA C 98 -33.47 -7.40 -20.08
CA ALA C 98 -34.66 -8.14 -19.68
C ALA C 98 -34.84 -8.26 -18.18
N THR C 99 -33.82 -7.96 -17.38
CA THR C 99 -33.85 -8.08 -15.93
C THR C 99 -34.14 -6.70 -15.35
N PHE C 100 -35.39 -6.48 -14.96
CA PHE C 100 -35.81 -5.16 -14.54
C PHE C 100 -35.47 -4.90 -13.09
N SER C 101 -35.24 -3.63 -12.80
CA SER C 101 -34.97 -3.15 -11.47
C SER C 101 -36.17 -3.41 -10.56
N SER C 102 -35.94 -3.21 -9.27
CA SER C 102 -37.06 -3.09 -8.34
C SER C 102 -37.96 -1.95 -8.80
N GLU C 103 -39.23 -2.08 -8.47
CA GLU C 103 -40.23 -1.10 -8.88
C GLU C 103 -40.17 0.17 -8.02
N THR C 104 -40.36 1.32 -8.66
CA THR C 104 -40.67 2.55 -7.96
C THR C 104 -42.17 2.81 -8.05
N THR C 105 -42.76 3.15 -6.92
CA THR C 105 -44.20 3.45 -6.85
C THR C 105 -44.42 4.92 -7.21
N LEU C 106 -45.36 5.17 -8.11
CA LEU C 106 -45.50 6.47 -8.75
C LEU C 106 -46.60 7.31 -8.13
N ASN C 107 -46.41 8.62 -8.24
CA ASN C 107 -47.48 9.59 -8.13
C ASN C 107 -47.79 10.12 -9.52
N ASN C 108 -48.95 10.76 -9.68
CA ASN C 108 -49.21 11.46 -10.92
C ASN C 108 -48.12 12.49 -11.15
N GLY C 109 -47.79 12.72 -12.41
CA GLY C 109 -46.82 13.75 -12.75
C GLY C 109 -45.40 13.19 -12.69
N THR C 110 -44.50 13.93 -12.05
CA THR C 110 -43.08 13.66 -12.12
C THR C 110 -42.61 12.72 -11.00
N ASN C 111 -41.82 11.75 -11.40
CA ASN C 111 -41.31 10.71 -10.52
C ASN C 111 -39.86 10.49 -10.87
N THR C 112 -39.06 10.09 -9.89
CA THR C 112 -37.67 9.73 -10.12
C THR C 112 -37.38 8.34 -9.61
N ILE C 113 -36.77 7.54 -10.47
CA ILE C 113 -36.38 6.17 -10.17
C ILE C 113 -34.88 6.18 -9.88
N PRO C 114 -34.45 5.84 -8.69
CA PRO C 114 -33.05 6.08 -8.33
C PRO C 114 -32.14 4.89 -8.58
N PHE C 115 -30.92 5.20 -9.05
CA PHE C 115 -29.90 4.21 -9.36
C PHE C 115 -28.57 4.74 -8.88
N GLN C 116 -27.58 3.84 -8.90
CA GLN C 116 -26.20 4.23 -8.70
C GLN C 116 -25.36 3.60 -9.80
N ALA C 117 -24.29 4.28 -10.15
CA ALA C 117 -23.26 3.71 -11.00
C ALA C 117 -21.94 3.70 -10.24
N ARG C 118 -21.13 2.68 -10.53
CA ARG C 118 -19.81 2.56 -9.92
C ARG C 118 -18.95 1.66 -10.76
N TYR C 119 -17.65 1.71 -10.52
CA TYR C 119 -16.74 0.73 -11.10
C TYR C 119 -16.66 -0.51 -10.22
N PHE C 120 -16.45 -1.65 -10.87
CA PHE C 120 -16.32 -2.94 -10.22
C PHE C 120 -15.13 -3.65 -10.86
N ALA C 121 -14.20 -4.13 -10.04
CA ALA C 121 -13.02 -4.83 -10.54
C ALA C 121 -13.32 -6.30 -10.74
N THR C 122 -12.88 -6.85 -11.88
CA THR C 122 -12.96 -8.28 -12.13
C THR C 122 -11.64 -8.97 -11.86
N GLY C 123 -10.66 -8.22 -11.42
CA GLY C 123 -9.34 -8.72 -11.13
C GLY C 123 -8.55 -7.53 -10.67
N ALA C 124 -7.23 -7.59 -10.83
CA ALA C 124 -6.38 -6.44 -10.49
C ALA C 124 -6.46 -5.45 -11.65
N ALA C 125 -7.06 -4.30 -11.41
CA ALA C 125 -7.26 -3.33 -12.47
C ALA C 125 -5.93 -2.76 -12.93
N THR C 126 -5.90 -2.37 -14.21
CA THR C 126 -4.78 -1.68 -14.85
C THR C 126 -5.25 -0.31 -15.30
N PRO C 127 -4.32 0.64 -15.48
CA PRO C 127 -4.73 2.02 -15.75
C PRO C 127 -5.31 2.25 -17.16
N GLY C 128 -6.14 3.27 -17.24
CA GLY C 128 -6.68 3.68 -18.52
C GLY C 128 -8.00 4.39 -18.36
N ALA C 129 -8.48 4.92 -19.48
CA ALA C 129 -9.82 5.50 -19.53
C ALA C 129 -10.84 4.45 -19.18
N ALA C 130 -11.94 4.89 -18.59
CA ALA C 130 -12.94 3.97 -18.10
C ALA C 130 -14.33 4.55 -18.37
N ASN C 131 -14.67 4.61 -19.64
CA ASN C 131 -15.97 5.10 -20.09
C ASN C 131 -16.81 3.91 -20.52
N ALA C 132 -18.12 4.10 -20.53
CA ALA C 132 -19.01 2.97 -20.78
C ALA C 132 -20.36 3.51 -21.21
N ASP C 133 -21.12 2.65 -21.90
CA ASP C 133 -22.41 2.99 -22.45
C ASP C 133 -23.38 1.84 -22.28
N ALA C 134 -24.64 2.18 -22.11
CA ALA C 134 -25.73 1.21 -22.05
C ALA C 134 -26.97 1.87 -22.59
N THR C 135 -28.00 1.07 -22.86
CA THR C 135 -29.31 1.60 -23.13
C THR C 135 -30.26 1.11 -22.03
N PHE C 136 -31.42 1.74 -21.95
CA PHE C 136 -32.39 1.33 -20.96
C PHE C 136 -33.79 1.45 -21.51
N LYS C 137 -34.68 0.67 -20.92
CA LYS C 137 -36.09 0.62 -21.27
C LYS C 137 -36.88 0.70 -19.97
N VAL C 138 -37.99 1.42 -20.00
CA VAL C 138 -38.88 1.51 -18.85
C VAL C 138 -40.05 0.56 -19.05
N GLN C 139 -40.40 -0.17 -18.01
CA GLN C 139 -41.58 -1.02 -17.99
C GLN C 139 -42.53 -0.54 -16.90
N TYR C 140 -43.82 -0.48 -17.23
CA TYR C 140 -44.85 -0.02 -16.32
C TYR C 140 -45.68 -1.21 -15.86
N GLN C 141 -46.04 -1.20 -14.60
CA GLN C 141 -46.83 -2.28 -14.02
C GLN C 141 -47.76 -1.69 -12.95
N GLU C 152 -36.66 4.40 -25.91
CA GLU C 152 -35.50 3.83 -25.25
C GLU C 152 -34.42 4.87 -24.92
N GLY C 153 -33.84 4.74 -23.74
CA GLY C 153 -32.87 5.71 -23.28
C GLY C 153 -31.46 5.22 -23.40
N LYS C 154 -30.54 6.17 -23.22
CA LYS C 154 -29.12 5.92 -23.25
C LYS C 154 -28.51 6.39 -21.94
N PHE C 155 -27.58 5.58 -21.44
CA PHE C 155 -26.86 5.88 -20.22
C PHE C 155 -25.37 5.85 -20.52
N HIS C 156 -24.65 6.84 -20.01
CA HIS C 156 -23.23 6.99 -20.30
C HIS C 156 -22.47 7.20 -19.00
N VAL C 157 -21.29 6.60 -18.93
CA VAL C 157 -20.25 6.96 -17.98
C VAL C 157 -19.12 7.60 -18.78
N THR C 158 -18.77 8.84 -18.44
CA THR C 158 -17.64 9.52 -19.05
C THR C 158 -16.81 10.13 -17.93
N GLY C 159 -15.69 10.73 -18.32
CA GLY C 159 -14.85 11.47 -17.40
C GLY C 159 -14.11 10.65 -16.38
N GLY C 160 -14.10 9.33 -16.53
CA GLY C 160 -13.54 8.45 -15.53
C GLY C 160 -12.20 7.92 -15.96
N ASN C 161 -11.39 7.56 -14.97
CA ASN C 161 -9.97 7.31 -15.18
C ASN C 161 -9.49 6.40 -14.05
N VAL C 162 -8.82 5.32 -14.40
CA VAL C 162 -8.10 4.48 -13.47
C VAL C 162 -6.62 4.78 -13.64
N THR C 163 -5.94 5.08 -12.55
CA THR C 163 -4.55 5.52 -12.61
CA THR C 163 -4.56 5.53 -12.60
C THR C 163 -3.74 4.79 -11.55
N THR C 164 -2.46 4.57 -11.84
CA THR C 164 -1.58 3.97 -10.84
C THR C 164 -1.34 4.92 -9.68
N ALA C 165 -0.97 6.16 -9.97
CA ALA C 165 -0.79 7.20 -8.97
C ALA C 165 -1.91 8.22 -9.08
N ALA C 166 -2.33 8.76 -7.93
CA ALA C 166 -3.35 9.82 -7.90
C ALA C 166 -2.83 11.10 -8.56
N ALA D 1 4.15 -4.78 8.70
CA ALA D 1 3.74 -3.64 7.82
C ALA D 1 3.82 -4.04 6.36
N ALA D 2 4.86 -4.80 5.98
CA ALA D 2 4.98 -5.23 4.59
C ALA D 2 3.80 -6.08 4.18
N CYS D 3 3.27 -6.85 5.11
CA CYS D 3 2.12 -7.69 4.90
C CYS D 3 1.21 -7.57 6.11
N ALA D 4 0.04 -8.21 6.02
CA ALA D 4 -0.85 -8.37 7.17
C ALA D 4 -1.15 -9.85 7.35
N VAL D 5 -1.16 -10.32 8.61
CA VAL D 5 -1.53 -11.71 8.87
C VAL D 5 -3.00 -11.91 8.57
N ASP D 6 -3.31 -12.95 7.81
CA ASP D 6 -4.69 -13.27 7.51
C ASP D 6 -5.46 -13.60 8.78
N ALA D 7 -6.70 -13.16 8.83
CA ALA D 7 -7.50 -13.40 10.03
C ALA D 7 -7.63 -14.88 10.36
N GLY D 8 -7.72 -15.74 9.34
CA GLY D 8 -7.76 -17.18 9.56
C GLY D 8 -6.52 -17.74 10.23
N SER D 9 -5.40 -17.05 10.17
CA SER D 9 -4.16 -17.51 10.78
C SER D 9 -3.92 -16.93 12.16
N VAL D 10 -4.64 -15.85 12.52
CA VAL D 10 -4.40 -15.17 13.79
C VAL D 10 -4.81 -16.03 14.95
N ASP D 11 -5.76 -16.94 14.74
CA ASP D 11 -6.23 -17.82 15.81
C ASP D 11 -6.61 -19.11 15.11
N GLN D 12 -5.75 -20.11 15.23
CA GLN D 12 -5.94 -21.33 14.45
C GLN D 12 -5.48 -22.53 15.25
N THR D 13 -5.95 -23.70 14.81
CA THR D 13 -5.81 -24.94 15.56
C THR D 13 -5.49 -26.09 14.63
N VAL D 14 -4.67 -27.03 15.13
CA VAL D 14 -4.48 -28.33 14.53
C VAL D 14 -4.86 -29.41 15.54
N GLN D 15 -5.30 -30.53 15.02
CA GLN D 15 -5.61 -31.70 15.86
C GLN D 15 -4.78 -32.84 15.34
N LEU D 16 -4.01 -33.46 16.22
CA LEU D 16 -2.98 -34.43 15.86
C LEU D 16 -3.43 -35.88 15.92
N GLY D 17 -4.66 -36.15 16.29
CA GLY D 17 -5.14 -37.51 16.29
C GLY D 17 -4.82 -38.28 17.56
N GLN D 18 -4.95 -39.58 17.44
CA GLN D 18 -4.83 -40.49 18.57
C GLN D 18 -3.51 -41.21 18.49
N VAL D 19 -2.78 -41.19 19.60
CA VAL D 19 -1.41 -41.66 19.66
C VAL D 19 -1.30 -42.70 20.77
N ARG D 20 -0.76 -43.84 20.44
CA ARG D 20 -0.59 -44.88 21.46
C ARG D 20 0.62 -44.59 22.31
N THR D 21 0.49 -44.79 23.64
CA THR D 21 1.66 -44.65 24.50
C THR D 21 2.83 -45.49 23.96
N ALA D 22 2.53 -46.62 23.34
CA ALA D 22 3.58 -47.46 22.74
C ALA D 22 4.31 -46.77 21.60
N SER D 23 3.72 -45.75 20.99
CA SER D 23 4.37 -45.00 19.93
C SER D 23 5.19 -43.84 20.44
N LEU D 24 5.11 -43.57 21.73
CA LEU D 24 5.82 -42.48 22.37
C LEU D 24 6.51 -43.04 23.60
N ALA D 25 7.24 -44.13 23.39
CA ALA D 25 7.71 -44.95 24.49
C ALA D 25 9.07 -44.55 25.02
N GLN D 26 9.78 -43.68 24.32
CA GLN D 26 11.13 -43.31 24.69
C GLN D 26 11.36 -41.88 24.19
N GLU D 27 12.24 -41.17 24.85
CA GLU D 27 12.53 -39.80 24.45
C GLU D 27 12.93 -39.77 22.97
N GLY D 28 12.42 -38.78 22.24
CA GLY D 28 12.73 -38.62 20.85
C GLY D 28 11.71 -39.23 19.92
N ALA D 29 10.83 -40.09 20.43
CA ALA D 29 9.73 -40.60 19.64
C ALA D 29 8.79 -39.47 19.29
N THR D 30 8.23 -39.51 18.06
CA THR D 30 7.34 -38.47 17.61
C THR D 30 6.10 -39.08 16.99
N SER D 31 5.01 -38.36 17.10
CA SER D 31 3.76 -38.71 16.45
C SER D 31 3.76 -38.17 15.03
N SER D 32 2.74 -38.54 14.28
CA SER D 32 2.58 -38.00 12.93
C SER D 32 2.40 -36.49 12.96
N ALA D 33 2.91 -35.83 11.94
CA ALA D 33 2.91 -34.39 11.87
C ALA D 33 1.73 -33.90 11.06
N VAL D 34 1.12 -32.81 11.49
CA VAL D 34 0.02 -32.21 10.75
C VAL D 34 0.45 -30.82 10.33
N GLY D 35 0.13 -30.45 9.08
CA GLY D 35 0.57 -29.18 8.55
C GLY D 35 -0.34 -28.03 8.89
N PHE D 36 0.27 -26.84 8.94
CA PHE D 36 -0.50 -25.62 9.03
C PHE D 36 0.33 -24.52 8.41
N ASN D 37 -0.24 -23.34 8.30
CA ASN D 37 0.55 -22.25 7.75
C ASN D 37 0.19 -20.95 8.43
N ILE D 38 1.11 -20.01 8.33
CA ILE D 38 0.81 -18.62 8.58
C ILE D 38 0.60 -17.95 7.23
N GLN D 39 -0.57 -17.39 7.01
CA GLN D 39 -0.90 -16.74 5.76
C GLN D 39 -0.74 -15.23 5.90
N LEU D 40 0.05 -14.65 5.02
CA LEU D 40 0.26 -13.20 4.95
C LEU D 40 -0.49 -12.68 3.74
N ASN D 41 -1.22 -11.58 3.91
CA ASN D 41 -1.93 -10.94 2.83
C ASN D 41 -1.31 -9.58 2.51
N ASP D 42 -1.64 -9.08 1.32
CA ASP D 42 -1.33 -7.68 0.96
C ASP D 42 0.17 -7.37 1.03
N CYS D 43 1.02 -8.36 0.80
CA CYS D 43 2.46 -8.12 0.86
C CYS D 43 2.91 -7.20 -0.26
N ASP D 44 3.87 -6.34 0.07
CA ASP D 44 4.51 -5.44 -0.88
C ASP D 44 6.01 -5.76 -0.86
N THR D 45 6.50 -6.40 -1.91
CA THR D 45 7.89 -6.81 -1.94
C THR D 45 8.85 -5.62 -2.12
N ASN D 46 8.34 -4.41 -2.33
CA ASN D 46 9.19 -3.23 -2.20
C ASN D 46 9.64 -3.02 -0.77
N VAL D 47 8.90 -3.58 0.19
CA VAL D 47 9.12 -3.37 1.61
C VAL D 47 9.62 -4.62 2.31
N ALA D 48 9.13 -5.80 1.92
CA ALA D 48 9.72 -7.04 2.40
C ALA D 48 9.80 -8.05 1.26
N SER D 49 10.98 -8.63 1.06
CA SER D 49 11.11 -9.71 0.09
C SER D 49 11.08 -11.10 0.74
N LYS D 50 11.24 -11.17 2.06
CA LYS D 50 11.15 -12.46 2.77
C LYS D 50 10.44 -12.26 4.10
N ALA D 51 9.92 -13.34 4.67
CA ALA D 51 9.35 -13.28 6.02
C ALA D 51 9.58 -14.58 6.78
N ALA D 52 9.57 -14.47 8.12
CA ALA D 52 9.80 -15.60 9.01
C ALA D 52 8.88 -15.46 10.22
N VAL D 53 8.71 -16.54 10.96
CA VAL D 53 7.81 -16.58 12.10
C VAL D 53 8.56 -17.12 13.32
N ALA D 54 8.28 -16.54 14.49
CA ALA D 54 8.78 -17.06 15.76
C ALA D 54 7.57 -17.48 16.60
N PHE D 55 7.66 -18.67 17.19
CA PHE D 55 6.63 -19.20 18.08
C PHE D 55 7.10 -19.11 19.52
N LEU D 56 6.17 -18.86 20.43
CA LEU D 56 6.47 -18.61 21.83
C LEU D 56 5.53 -19.43 22.72
N GLY D 57 6.09 -20.05 23.73
CA GLY D 57 5.32 -20.81 24.70
C GLY D 57 6.27 -21.41 25.70
N THR D 58 5.69 -21.94 26.78
CA THR D 58 6.49 -22.53 27.85
C THR D 58 6.98 -23.91 27.42
N ALA D 59 8.28 -24.12 27.56
CA ALA D 59 8.92 -25.39 27.22
C ALA D 59 8.62 -26.44 28.28
N ILE D 60 8.58 -27.71 27.84
CA ILE D 60 8.22 -28.80 28.75
C ILE D 60 9.29 -29.00 29.81
N ASP D 61 10.56 -28.87 29.44
CA ASP D 61 11.63 -28.93 30.43
C ASP D 61 12.87 -28.26 29.84
N ALA D 62 13.88 -28.08 30.70
CA ALA D 62 15.05 -27.28 30.32
C ALA D 62 15.90 -27.96 29.27
N GLY D 63 15.83 -29.28 29.18
CA GLY D 63 16.53 -30.00 28.15
C GLY D 63 15.78 -30.16 26.85
N HIS D 64 14.59 -29.53 26.73
CA HIS D 64 13.78 -29.63 25.51
C HIS D 64 13.13 -28.26 25.25
N THR D 65 13.96 -27.29 24.90
CA THR D 65 13.49 -25.91 24.73
C THR D 65 12.71 -25.71 23.45
N ASN D 66 12.69 -26.72 22.57
CA ASN D 66 11.85 -26.70 21.38
C ASN D 66 10.66 -27.64 21.51
N VAL D 67 10.27 -27.98 22.75
CA VAL D 67 9.09 -28.81 22.98
C VAL D 67 8.15 -28.04 23.90
N LEU D 68 6.94 -27.80 23.41
CA LEU D 68 5.95 -27.03 24.12
C LEU D 68 5.29 -27.90 25.19
N ALA D 69 5.22 -27.38 26.40
CA ALA D 69 4.49 -28.02 27.48
C ALA D 69 3.01 -28.08 27.14
N LEU D 70 2.35 -29.10 27.66
CA LEU D 70 0.92 -29.23 27.49
C LEU D 70 0.19 -28.24 28.38
N GLN D 71 -0.98 -27.85 27.90
CA GLN D 71 -1.89 -26.99 28.61
C GLN D 71 -2.42 -27.68 29.86
N SER D 72 -2.56 -26.91 30.93
CA SER D 72 -3.15 -27.46 32.13
C SER D 72 -4.63 -27.69 31.92
N SER D 73 -5.17 -28.65 32.65
CA SER D 73 -6.61 -28.86 32.63
C SER D 73 -7.00 -29.53 33.93
N ALA D 74 -8.29 -29.43 34.26
CA ALA D 74 -8.84 -30.19 35.37
C ALA D 74 -8.97 -31.67 35.03
N ALA D 75 -8.78 -32.03 33.77
CA ALA D 75 -8.68 -33.42 33.35
C ALA D 75 -7.22 -33.87 33.35
N GLY D 76 -7.02 -35.17 33.19
CA GLY D 76 -5.70 -35.74 33.23
C GLY D 76 -4.97 -35.60 31.91
N SER D 77 -3.82 -34.95 31.93
CA SER D 77 -3.01 -34.79 30.74
C SER D 77 -1.94 -35.87 30.66
N ALA D 78 -1.56 -36.22 29.44
CA ALA D 78 -0.40 -37.07 29.25
C ALA D 78 0.80 -36.44 29.92
N THR D 79 1.74 -37.28 30.32
CA THR D 79 3.04 -36.84 30.81
C THR D 79 4.14 -37.38 29.90
N ASN D 80 5.30 -36.72 29.98
CA ASN D 80 6.44 -37.02 29.13
C ASN D 80 6.12 -36.82 27.64
N VAL D 81 5.20 -35.91 27.32
CA VAL D 81 4.81 -35.61 25.95
C VAL D 81 4.64 -34.11 25.79
N GLY D 82 5.25 -33.54 24.75
CA GLY D 82 5.01 -32.16 24.40
C GLY D 82 4.72 -31.99 22.92
N VAL D 83 4.63 -30.74 22.45
CA VAL D 83 4.35 -30.43 21.05
C VAL D 83 5.55 -29.71 20.44
N GLN D 84 5.93 -30.13 19.24
CA GLN D 84 6.92 -29.43 18.45
C GLN D 84 6.27 -28.76 17.26
N ILE D 85 6.78 -27.57 16.95
CA ILE D 85 6.45 -26.84 15.74
C ILE D 85 7.70 -26.88 14.85
N LEU D 86 7.55 -27.45 13.67
CA LEU D 86 8.60 -27.59 12.68
C LEU D 86 8.41 -26.57 11.56
N ASP D 87 9.51 -26.01 11.09
CA ASP D 87 9.47 -25.10 9.95
C ASP D 87 9.73 -25.91 8.68
N ARG D 88 9.87 -25.21 7.55
CA ARG D 88 9.89 -25.80 6.23
C ARG D 88 11.11 -26.67 5.97
N THR D 89 12.12 -26.60 6.85
CA THR D 89 13.30 -27.44 6.77
C THR D 89 13.20 -28.66 7.66
N GLY D 90 12.09 -28.81 8.36
CA GLY D 90 11.92 -29.91 9.28
C GLY D 90 12.47 -29.68 10.68
N ALA D 91 13.09 -28.53 10.93
CA ALA D 91 13.67 -28.24 12.23
C ALA D 91 12.60 -27.82 13.23
N ALA D 92 12.67 -28.39 14.44
CA ALA D 92 11.76 -27.97 15.51
C ALA D 92 12.25 -26.62 16.02
N LEU D 93 11.32 -25.67 16.16
CA LEU D 93 11.67 -24.31 16.51
C LEU D 93 11.76 -24.16 18.03
N THR D 94 12.78 -23.42 18.47
CA THR D 94 12.86 -22.99 19.86
C THR D 94 11.73 -22.01 20.15
N LEU D 95 11.29 -21.98 21.40
CA LEU D 95 9.99 -21.38 21.75
C LEU D 95 10.13 -20.16 22.65
N ASP D 96 11.31 -19.53 22.65
CA ASP D 96 11.58 -18.45 23.58
C ASP D 96 11.41 -17.07 22.97
N GLY D 97 11.10 -16.97 21.69
CA GLY D 97 11.03 -15.70 21.01
C GLY D 97 12.35 -15.19 20.46
N ALA D 98 13.47 -15.85 20.76
CA ALA D 98 14.75 -15.37 20.26
C ALA D 98 15.01 -15.75 18.81
N THR D 99 14.43 -16.84 18.31
CA THR D 99 14.80 -17.36 17.01
C THR D 99 13.58 -17.55 16.13
N PHE D 100 13.74 -17.15 14.88
CA PHE D 100 12.69 -17.20 13.88
C PHE D 100 12.90 -18.40 12.96
N SER D 101 11.82 -18.80 12.31
CA SER D 101 11.84 -19.88 11.36
C SER D 101 12.74 -19.54 10.18
N SER D 102 13.02 -20.56 9.38
CA SER D 102 13.53 -20.32 8.03
C SER D 102 12.60 -19.36 7.30
N GLU D 103 13.18 -18.57 6.41
CA GLU D 103 12.46 -17.55 5.67
C GLU D 103 11.64 -18.13 4.53
N THR D 104 10.49 -17.52 4.28
CA THR D 104 9.75 -17.74 3.05
C THR D 104 9.88 -16.51 2.16
N THR D 105 10.23 -16.73 0.90
CA THR D 105 10.40 -15.62 -0.04
C THR D 105 9.04 -15.24 -0.61
N LEU D 106 8.75 -13.96 -0.66
CA LEU D 106 7.41 -13.46 -0.89
C LEU D 106 7.17 -13.02 -2.33
N ASN D 107 5.91 -13.19 -2.76
CA ASN D 107 5.37 -12.40 -3.86
C ASN D 107 4.48 -11.31 -3.28
N ASN D 108 4.11 -10.34 -4.14
CA ASN D 108 3.08 -9.39 -3.74
C ASN D 108 1.79 -10.13 -3.46
N GLY D 109 0.97 -9.57 -2.57
CA GLY D 109 -0.29 -10.20 -2.20
C GLY D 109 -0.11 -11.32 -1.20
N THR D 110 -0.79 -12.44 -1.46
CA THR D 110 -0.92 -13.48 -0.46
C THR D 110 0.18 -14.51 -0.57
N ASN D 111 0.68 -14.90 0.59
CA ASN D 111 1.77 -15.85 0.75
C ASN D 111 1.45 -16.76 1.92
N THR D 112 1.90 -18.00 1.86
CA THR D 112 1.76 -18.92 2.99
C THR D 112 3.13 -19.42 3.42
N ILE D 113 3.37 -19.31 4.73
CA ILE D 113 4.59 -19.81 5.35
C ILE D 113 4.25 -21.15 5.98
N PRO D 114 4.83 -22.26 5.53
CA PRO D 114 4.39 -23.58 5.98
C PRO D 114 5.11 -24.08 7.22
N PHE D 115 4.33 -24.70 8.10
CA PHE D 115 4.82 -25.33 9.33
C PHE D 115 4.16 -26.69 9.53
N GLN D 116 4.66 -27.43 10.52
CA GLN D 116 4.04 -28.66 10.96
C GLN D 116 4.02 -28.67 12.48
N ALA D 117 3.05 -29.36 13.05
CA ALA D 117 3.05 -29.65 14.48
C ALA D 117 3.00 -31.16 14.72
N ARG D 118 3.62 -31.60 15.81
CA ARG D 118 3.61 -33.01 16.15
C ARG D 118 3.84 -33.18 17.65
N TYR D 119 3.55 -34.38 18.14
CA TYR D 119 3.91 -34.68 19.51
C TYR D 119 5.32 -35.24 19.55
N PHE D 120 6.02 -34.95 20.64
CA PHE D 120 7.39 -35.36 20.87
C PHE D 120 7.46 -35.91 22.29
N ALA D 121 7.96 -37.13 22.44
CA ALA D 121 8.15 -37.71 23.76
C ALA D 121 9.46 -37.27 24.43
N THR D 122 9.37 -36.91 25.70
CA THR D 122 10.55 -36.64 26.51
C THR D 122 10.91 -37.81 27.41
N GLY D 123 10.18 -38.92 27.28
CA GLY D 123 10.33 -40.09 28.12
C GLY D 123 9.25 -41.07 27.71
N ALA D 124 9.03 -42.09 28.54
CA ALA D 124 7.92 -43.02 28.31
C ALA D 124 6.61 -42.30 28.58
N ALA D 125 5.86 -42.03 27.52
CA ALA D 125 4.62 -41.30 27.66
C ALA D 125 3.62 -42.05 28.54
N THR D 126 2.82 -41.28 29.28
CA THR D 126 1.66 -41.76 30.04
C THR D 126 0.38 -41.18 29.40
N PRO D 127 -0.75 -41.85 29.55
CA PRO D 127 -1.91 -41.48 28.73
C PRO D 127 -2.65 -40.26 29.25
N GLY D 128 -3.40 -39.65 28.34
CA GLY D 128 -4.22 -38.52 28.69
C GLY D 128 -4.31 -37.51 27.57
N ALA D 129 -5.04 -36.43 27.87
CA ALA D 129 -5.20 -35.33 26.93
C ALA D 129 -3.87 -34.67 26.65
N ALA D 130 -3.75 -34.08 25.48
CA ALA D 130 -2.49 -33.47 25.12
C ALA D 130 -2.76 -32.25 24.24
N ASN D 131 -3.27 -31.23 24.87
CA ASN D 131 -3.54 -29.95 24.23
C ASN D 131 -2.40 -28.98 24.52
N ALA D 132 -2.24 -27.99 23.65
CA ALA D 132 -1.13 -27.05 23.81
C ALA D 132 -1.45 -25.74 23.14
N ASP D 133 -0.77 -24.69 23.58
CA ASP D 133 -0.99 -23.35 23.03
C ASP D 133 0.35 -22.66 22.84
N ALA D 134 0.48 -21.93 21.75
CA ALA D 134 1.61 -21.03 21.55
C ALA D 134 1.09 -19.73 20.99
N THR D 135 1.94 -18.71 21.01
CA THR D 135 1.67 -17.46 20.32
C THR D 135 2.75 -17.28 19.25
N PHE D 136 2.55 -16.33 18.35
CA PHE D 136 3.58 -16.14 17.35
C PHE D 136 3.67 -14.69 16.91
N LYS D 137 4.83 -14.39 16.32
CA LYS D 137 5.16 -13.09 15.78
C LYS D 137 5.87 -13.28 14.44
N VAL D 138 5.82 -12.25 13.61
CA VAL D 138 6.33 -12.31 12.25
C VAL D 138 7.46 -11.31 12.06
N GLN D 139 8.53 -11.75 11.40
CA GLN D 139 9.66 -10.90 11.05
C GLN D 139 9.67 -10.68 9.56
N TYR D 140 9.69 -9.44 9.15
CA TYR D 140 9.76 -9.07 7.74
C TYR D 140 11.19 -8.71 7.40
N GLN D 141 11.61 -9.14 6.21
CA GLN D 141 12.99 -8.97 5.75
C GLN D 141 13.01 -8.25 4.42
N GLY D 142 13.63 -7.07 4.40
CA GLY D 142 13.82 -6.30 3.18
C GLY D 142 15.28 -6.06 2.89
N GLY D 143 15.60 -4.87 2.36
CA GLY D 143 16.99 -4.59 2.07
C GLY D 143 17.82 -4.26 3.29
N GLY D 144 17.17 -3.83 4.36
CA GLY D 144 17.87 -3.46 5.58
C GLY D 144 16.89 -3.08 6.66
N GLY D 145 17.32 -2.26 7.60
CA GLY D 145 16.46 -1.92 8.71
C GLY D 145 16.05 -3.15 9.51
N GLY D 146 14.90 -2.99 10.19
CA GLY D 146 14.38 -4.03 11.06
C GLY D 146 14.13 -3.46 12.45
N GLY D 147 13.07 -3.90 13.09
CA GLY D 147 12.70 -3.37 14.38
C GLY D 147 12.03 -4.43 15.23
N ALA D 148 11.22 -3.98 16.19
CA ALA D 148 10.55 -4.89 17.09
C ALA D 148 9.39 -5.57 16.39
N ASN D 149 9.08 -6.77 16.85
CA ASN D 149 7.90 -7.50 16.41
C ASN D 149 7.02 -7.75 17.62
N VAL D 150 5.75 -7.54 17.45
CA VAL D 150 4.81 -7.77 18.54
C VAL D 150 4.18 -9.14 18.32
N VAL D 151 3.86 -9.80 19.43
CA VAL D 151 3.09 -11.02 19.35
C VAL D 151 1.74 -10.65 18.75
N GLU D 152 1.32 -11.37 17.72
CA GLU D 152 0.05 -11.04 17.14
C GLU D 152 -0.82 -12.23 16.76
N GLY D 153 -0.40 -13.47 17.03
CA GLY D 153 -1.29 -14.59 16.79
C GLY D 153 -1.18 -15.68 17.82
N LYS D 154 -2.16 -16.60 17.75
CA LYS D 154 -2.21 -17.75 18.63
C LYS D 154 -2.38 -19.01 17.79
N PHE D 155 -1.74 -20.06 18.26
CA PHE D 155 -1.75 -21.36 17.64
C PHE D 155 -2.12 -22.38 18.70
N HIS D 156 -3.06 -23.24 18.39
CA HIS D 156 -3.54 -24.21 19.35
C HIS D 156 -3.42 -25.64 18.80
N VAL D 157 -3.21 -26.58 19.72
CA VAL D 157 -3.37 -28.01 19.47
C VAL D 157 -4.48 -28.48 20.41
N THR D 158 -5.54 -29.06 19.85
CA THR D 158 -6.63 -29.59 20.65
C THR D 158 -6.98 -30.98 20.14
N GLY D 159 -7.93 -31.62 20.80
CA GLY D 159 -8.47 -32.87 20.34
C GLY D 159 -7.50 -34.03 20.36
N GLY D 160 -6.41 -33.93 21.09
CA GLY D 160 -5.39 -34.96 21.09
C GLY D 160 -5.55 -35.88 22.28
N ASN D 161 -5.12 -37.13 22.08
CA ASN D 161 -5.32 -38.16 23.09
C ASN D 161 -4.15 -39.11 22.96
N VAL D 162 -3.40 -39.26 24.03
CA VAL D 162 -2.37 -40.29 24.16
C VAL D 162 -3.01 -41.41 24.95
N THR D 163 -3.10 -42.60 24.37
CA THR D 163 -3.99 -43.61 24.90
C THR D 163 -3.26 -44.86 25.36
N THR D 164 -3.87 -45.53 26.34
CA THR D 164 -3.55 -46.90 26.73
C THR D 164 -4.89 -47.61 26.93
N ALA E 1 16.90 -24.82 40.05
CA ALA E 1 17.31 -23.39 39.94
C ALA E 1 17.57 -22.81 41.32
N ALA E 2 18.01 -21.54 41.35
CA ALA E 2 18.40 -20.93 42.62
C ALA E 2 17.25 -20.94 43.62
N CYS E 3 16.03 -20.80 43.12
CA CYS E 3 14.83 -20.67 43.94
C CYS E 3 13.75 -21.51 43.28
N ALA E 4 12.63 -21.67 43.97
CA ALA E 4 11.43 -22.21 43.38
C ALA E 4 10.37 -21.12 43.36
N VAL E 5 9.59 -21.02 42.29
CA VAL E 5 8.48 -20.07 42.29
C VAL E 5 7.37 -20.62 43.18
N ASP E 6 6.92 -19.82 44.13
CA ASP E 6 5.80 -20.25 44.97
C ASP E 6 4.60 -20.61 44.14
N ALA E 7 3.96 -21.74 44.51
CA ALA E 7 2.80 -22.20 43.76
C ALA E 7 1.72 -21.14 43.65
N GLY E 8 1.58 -20.29 44.68
CA GLY E 8 0.59 -19.22 44.63
C GLY E 8 0.92 -18.09 43.67
N SER E 9 2.18 -17.97 43.29
CA SER E 9 2.61 -16.95 42.34
C SER E 9 2.60 -17.44 40.92
N VAL E 10 2.64 -18.76 40.71
CA VAL E 10 2.76 -19.33 39.36
C VAL E 10 1.52 -19.01 38.53
N ASP E 11 0.37 -18.91 39.16
CA ASP E 11 -0.87 -18.58 38.47
C ASP E 11 -1.62 -17.66 39.42
N GLN E 12 -1.65 -16.36 39.10
CA GLN E 12 -2.20 -15.38 40.02
C GLN E 12 -2.87 -14.26 39.23
N THR E 13 -3.67 -13.47 39.94
CA THR E 13 -4.59 -12.52 39.34
C THR E 13 -4.64 -11.25 40.18
N VAL E 14 -4.79 -10.11 39.50
CA VAL E 14 -5.15 -8.85 40.15
C VAL E 14 -6.44 -8.34 39.51
N GLN E 15 -7.23 -7.63 40.31
CA GLN E 15 -8.40 -6.95 39.80
C GLN E 15 -8.21 -5.45 40.04
N LEU E 16 -8.38 -4.68 39.00
CA LEU E 16 -8.03 -3.26 38.97
C LEU E 16 -9.19 -2.33 39.26
N GLY E 17 -10.38 -2.84 39.36
CA GLY E 17 -11.48 -1.95 39.74
C GLY E 17 -12.20 -1.38 38.55
N GLN E 18 -13.07 -0.44 38.86
CA GLN E 18 -13.91 0.17 37.85
C GLN E 18 -13.35 1.55 37.53
N VAL E 19 -13.24 1.83 36.24
CA VAL E 19 -12.61 3.04 35.74
C VAL E 19 -13.59 3.80 34.88
N ARG E 20 -13.57 5.12 35.02
CA ARG E 20 -14.36 5.98 34.18
C ARG E 20 -13.66 6.31 32.87
N THR E 21 -14.45 6.46 31.80
CA THR E 21 -13.89 6.96 30.55
C THR E 21 -13.30 8.34 30.72
N ALA E 22 -13.88 9.16 31.62
CA ALA E 22 -13.35 10.49 31.88
C ALA E 22 -11.96 10.45 32.48
N SER E 23 -11.57 9.35 33.11
CA SER E 23 -10.26 9.19 33.70
C SER E 23 -9.25 8.57 32.74
N LEU E 24 -9.70 8.09 31.59
CA LEU E 24 -8.83 7.51 30.57
C LEU E 24 -9.17 8.17 29.21
N ALA E 25 -9.10 9.49 29.19
CA ALA E 25 -9.67 10.28 28.12
C ALA E 25 -8.65 10.71 27.07
N GLN E 26 -7.38 10.46 27.29
CA GLN E 26 -6.37 10.73 26.30
C GLN E 26 -5.18 9.81 26.51
N GLU E 27 -4.40 9.67 25.45
CA GLU E 27 -3.14 8.95 25.50
C GLU E 27 -2.34 9.31 26.74
N GLY E 28 -1.93 8.28 27.47
CA GLY E 28 -1.05 8.47 28.61
C GLY E 28 -1.75 8.54 29.93
N ALA E 29 -3.06 8.67 29.95
CA ALA E 29 -3.81 8.60 31.19
C ALA E 29 -3.73 7.19 31.75
N THR E 30 -3.69 7.10 33.07
CA THR E 30 -3.54 5.83 33.76
C THR E 30 -4.55 5.70 34.90
N SER E 31 -4.95 4.48 35.13
CA SER E 31 -5.80 4.14 36.25
C SER E 31 -4.96 3.84 37.48
N SER E 32 -5.66 3.66 38.59
CA SER E 32 -5.00 3.34 39.85
C SER E 32 -4.25 2.02 39.76
N ALA E 33 -3.09 1.95 40.41
CA ALA E 33 -2.25 0.77 40.29
C ALA E 33 -2.45 -0.17 41.47
N VAL E 34 -2.43 -1.45 41.18
CA VAL E 34 -2.65 -2.48 42.18
C VAL E 34 -1.39 -3.34 42.24
N GLY E 35 -0.90 -3.59 43.46
CA GLY E 35 0.33 -4.35 43.61
C GLY E 35 0.16 -5.85 43.52
N PHE E 36 1.21 -6.51 43.04
CA PHE E 36 1.33 -7.95 43.16
C PHE E 36 2.81 -8.26 43.32
N ASN E 37 3.09 -9.53 43.56
CA ASN E 37 4.47 -9.95 43.68
C ASN E 37 4.65 -11.32 43.07
N ILE E 38 5.89 -11.59 42.66
CA ILE E 38 6.37 -12.93 42.40
C ILE E 38 7.13 -13.40 43.64
N GLN E 39 6.66 -14.45 44.26
CA GLN E 39 7.31 -15.03 45.42
C GLN E 39 8.18 -16.22 45.03
N LEU E 40 9.40 -16.19 45.53
CA LEU E 40 10.39 -17.23 45.34
C LEU E 40 10.64 -17.88 46.69
N ASN E 41 10.66 -19.20 46.72
CA ASN E 41 10.91 -19.98 47.93
C ASN E 41 12.21 -20.75 47.79
N ASP E 42 12.76 -21.15 48.93
CA ASP E 42 13.92 -22.01 49.02
C ASP E 42 15.12 -21.46 48.28
N CYS E 43 15.28 -20.15 48.25
CA CYS E 43 16.39 -19.56 47.54
C CYS E 43 17.69 -19.91 48.25
N ASP E 44 18.72 -20.14 47.46
CA ASP E 44 20.07 -20.41 47.97
C ASP E 44 20.95 -19.32 47.40
N THR E 45 21.36 -18.36 48.22
CA THR E 45 22.11 -17.23 47.69
C THR E 45 23.49 -17.60 47.21
N ASN E 46 23.96 -18.82 47.51
CA ASN E 46 25.17 -19.33 46.88
C ASN E 46 24.97 -19.63 45.40
N VAL E 47 23.75 -19.85 44.97
CA VAL E 47 23.46 -20.11 43.56
C VAL E 47 23.06 -18.85 42.82
N ALA E 48 22.28 -18.00 43.46
CA ALA E 48 21.90 -16.72 42.87
C ALA E 48 21.68 -15.72 43.99
N SER E 49 22.13 -14.49 43.77
CA SER E 49 21.92 -13.43 44.72
C SER E 49 20.88 -12.42 44.26
N LYS E 50 20.42 -12.50 43.02
CA LYS E 50 19.44 -11.56 42.50
C LYS E 50 18.49 -12.27 41.57
N ALA E 51 17.26 -11.80 41.50
CA ALA E 51 16.31 -12.32 40.53
C ALA E 51 15.54 -11.19 39.88
N ALA E 52 15.12 -11.45 38.65
CA ALA E 52 14.35 -10.51 37.88
C ALA E 52 13.33 -11.28 37.07
N VAL E 53 12.34 -10.57 36.51
CA VAL E 53 11.19 -11.18 35.89
C VAL E 53 10.93 -10.49 34.57
N ALA E 54 10.67 -11.27 33.54
CA ALA E 54 10.23 -10.75 32.26
C ALA E 54 8.82 -11.21 32.00
N PHE E 55 8.04 -10.34 31.37
CA PHE E 55 6.65 -10.60 31.04
C PHE E 55 6.49 -10.67 29.52
N LEU E 56 5.61 -11.57 29.08
CA LEU E 56 5.33 -11.79 27.67
C LEU E 56 3.84 -11.69 27.46
N GLY E 57 3.44 -10.89 26.49
CA GLY E 57 2.05 -10.84 26.10
C GLY E 57 1.89 -10.13 24.76
N THR E 58 0.64 -10.03 24.35
CA THR E 58 0.30 -9.38 23.09
C THR E 58 0.15 -7.89 23.33
N ALA E 59 0.98 -7.08 22.67
CA ALA E 59 0.92 -5.64 22.85
C ALA E 59 -0.32 -5.07 22.16
N ILE E 60 -0.84 -3.98 22.71
CA ILE E 60 -2.05 -3.41 22.18
C ILE E 60 -1.83 -2.89 20.76
N ASP E 61 -0.65 -2.35 20.47
CA ASP E 61 -0.30 -1.92 19.13
C ASP E 61 1.19 -1.66 19.08
N ALA E 62 1.70 -1.40 17.87
CA ALA E 62 3.15 -1.29 17.69
C ALA E 62 3.73 -0.06 18.37
N GLY E 63 2.92 0.96 18.61
CA GLY E 63 3.39 2.14 19.29
C GLY E 63 3.44 2.04 20.80
N HIS E 64 2.94 0.92 21.37
CA HIS E 64 2.86 0.73 22.81
C HIS E 64 3.28 -0.70 23.16
N THR E 65 4.60 -0.95 23.07
CA THR E 65 5.10 -2.29 23.30
C THR E 65 5.14 -2.66 24.77
N ASN E 66 4.88 -1.71 25.69
CA ASN E 66 4.70 -2.00 27.11
C ASN E 66 3.24 -1.87 27.55
N VAL E 67 2.29 -1.98 26.62
CA VAL E 67 0.88 -1.97 26.97
C VAL E 67 0.25 -3.26 26.44
N LEU E 68 -0.29 -4.06 27.36
CA LEU E 68 -0.91 -5.32 27.03
C LEU E 68 -2.28 -5.06 26.41
N ALA E 69 -2.53 -5.69 25.28
CA ALA E 69 -3.87 -5.71 24.71
C ALA E 69 -4.83 -6.40 25.65
N LEU E 70 -6.09 -6.05 25.54
CA LEU E 70 -7.11 -6.69 26.35
C LEU E 70 -7.44 -8.06 25.77
N GLN E 71 -7.83 -8.95 26.68
CA GLN E 71 -8.19 -10.31 26.35
C GLN E 71 -9.42 -10.36 25.46
N SER E 72 -9.38 -11.24 24.48
CA SER E 72 -10.55 -11.50 23.66
C SER E 72 -11.66 -12.11 24.50
N SER E 73 -12.88 -11.85 24.10
CA SER E 73 -14.04 -12.27 24.84
C SER E 73 -15.25 -12.15 23.93
N ALA E 74 -16.28 -12.94 24.20
CA ALA E 74 -17.54 -12.70 23.54
C ALA E 74 -18.18 -11.40 23.99
N ALA E 75 -17.70 -10.80 25.08
CA ALA E 75 -18.21 -9.52 25.53
C ALA E 75 -17.49 -8.39 24.79
N GLY E 76 -18.10 -7.20 24.87
CA GLY E 76 -17.46 -6.01 24.35
C GLY E 76 -16.36 -5.58 25.29
N SER E 77 -15.13 -5.48 24.77
CA SER E 77 -14.01 -4.91 25.52
C SER E 77 -13.85 -3.42 25.21
N ALA E 78 -13.42 -2.70 26.23
CA ALA E 78 -13.05 -1.31 26.07
C ALA E 78 -12.06 -1.13 24.93
N THR E 79 -12.12 0.02 24.29
CA THR E 79 -11.15 0.38 23.28
C THR E 79 -10.23 1.47 23.82
N ASN E 80 -9.02 1.52 23.27
CA ASN E 80 -8.02 2.53 23.60
C ASN E 80 -7.56 2.41 25.04
N VAL E 81 -7.59 1.20 25.58
CA VAL E 81 -7.19 0.91 26.96
C VAL E 81 -6.44 -0.42 26.96
N GLY E 82 -5.27 -0.45 27.63
CA GLY E 82 -4.56 -1.68 27.87
C GLY E 82 -4.02 -1.75 29.28
N VAL E 83 -3.18 -2.75 29.57
CA VAL E 83 -2.66 -2.99 30.91
C VAL E 83 -1.14 -2.88 30.87
N GLN E 84 -0.60 -2.13 31.82
CA GLN E 84 0.84 -2.04 32.04
C GLN E 84 1.21 -2.78 33.31
N ILE E 85 2.39 -3.36 33.27
CA ILE E 85 2.99 -4.02 34.42
C ILE E 85 4.23 -3.20 34.75
N LEU E 86 4.26 -2.62 35.95
CA LEU E 86 5.34 -1.77 36.42
C LEU E 86 6.22 -2.57 37.37
N ASP E 87 7.52 -2.39 37.26
CA ASP E 87 8.43 -3.02 38.21
C ASP E 87 8.65 -2.07 39.38
N ARG E 88 9.56 -2.45 40.27
CA ARG E 88 9.76 -1.73 41.51
C ARG E 88 10.27 -0.32 41.32
N THR E 89 10.73 0.04 40.13
CA THR E 89 11.14 1.40 39.85
C THR E 89 10.00 2.23 39.30
N GLY E 90 8.86 1.63 39.04
CA GLY E 90 7.76 2.34 38.40
C GLY E 90 7.76 2.30 36.89
N ALA E 91 8.79 1.69 36.29
CA ALA E 91 8.85 1.54 34.85
C ALA E 91 7.87 0.49 34.34
N ALA E 92 7.11 0.83 33.30
CA ALA E 92 6.31 -0.17 32.61
C ALA E 92 7.22 -1.06 31.79
N LEU E 93 7.04 -2.37 31.89
CA LEU E 93 7.92 -3.34 31.26
C LEU E 93 7.46 -3.69 29.85
N THR E 94 8.42 -3.72 28.93
CA THR E 94 8.18 -4.22 27.58
C THR E 94 7.77 -5.69 27.67
N LEU E 95 6.84 -6.10 26.80
CA LEU E 95 6.12 -7.35 26.97
C LEU E 95 6.56 -8.41 25.95
N ASP E 96 7.81 -8.36 25.53
CA ASP E 96 8.34 -9.22 24.48
C ASP E 96 9.04 -10.45 25.03
N GLY E 97 9.05 -10.63 26.34
CA GLY E 97 9.64 -11.79 26.96
C GLY E 97 11.14 -11.77 27.06
N ALA E 98 11.80 -10.71 26.58
CA ALA E 98 13.23 -10.59 26.60
C ALA E 98 13.73 -9.44 27.46
N THR E 99 12.84 -8.64 28.03
CA THR E 99 13.17 -7.42 28.76
C THR E 99 12.85 -7.66 30.24
N PHE E 100 13.88 -7.86 31.04
CA PHE E 100 13.68 -8.21 32.44
C PHE E 100 13.57 -6.98 33.32
N SER E 101 12.75 -7.13 34.34
CA SER E 101 12.56 -6.12 35.35
C SER E 101 13.87 -5.77 36.04
N SER E 102 13.82 -4.69 36.82
CA SER E 102 14.90 -4.45 37.77
C SER E 102 15.05 -5.66 38.69
N GLU E 103 16.26 -5.84 39.19
CA GLU E 103 16.57 -7.00 40.03
C GLU E 103 16.14 -6.79 41.47
N THR E 104 15.68 -7.86 42.10
CA THR E 104 15.52 -7.94 43.54
C THR E 104 16.66 -8.73 44.14
N THR E 105 17.27 -8.17 45.19
CA THR E 105 18.34 -8.86 45.91
C THR E 105 17.74 -9.85 46.91
N LEU E 106 18.26 -11.07 46.91
CA LEU E 106 17.67 -12.19 47.63
C LEU E 106 18.35 -12.46 48.95
N ASN E 107 17.57 -12.96 49.89
CA ASN E 107 18.03 -13.72 51.03
C ASN E 107 17.77 -15.20 50.78
N ASN E 108 18.38 -16.04 51.59
CA ASN E 108 18.03 -17.45 51.56
C ASN E 108 16.56 -17.60 51.90
N GLY E 109 15.91 -18.60 51.31
CA GLY E 109 14.53 -18.90 51.64
C GLY E 109 13.58 -18.08 50.80
N THR E 110 12.59 -17.46 51.45
CA THR E 110 11.51 -16.80 50.73
C THR E 110 11.78 -15.31 50.48
N ASN E 111 11.49 -14.90 49.24
CA ASN E 111 11.70 -13.54 48.76
C ASN E 111 10.48 -13.15 47.93
N THR E 112 10.16 -11.86 47.92
CA THR E 112 9.06 -11.36 47.09
C THR E 112 9.59 -10.26 46.19
N ILE E 113 9.23 -10.33 44.91
CA ILE E 113 9.63 -9.37 43.90
C ILE E 113 8.41 -8.53 43.57
N PRO E 114 8.39 -7.23 43.86
CA PRO E 114 7.16 -6.44 43.74
C PRO E 114 6.94 -5.82 42.36
N PHE E 115 5.67 -5.80 41.96
CA PHE E 115 5.20 -5.27 40.69
C PHE E 115 3.87 -4.56 40.95
N GLN E 116 3.44 -3.79 39.98
CA GLN E 116 2.11 -3.21 39.99
C GLN E 116 1.51 -3.41 38.61
N ALA E 117 0.19 -3.39 38.55
CA ALA E 117 -0.51 -3.41 37.29
C ALA E 117 -1.48 -2.24 37.29
N ARG E 118 -1.73 -1.70 36.11
CA ARG E 118 -2.64 -0.57 35.94
C ARG E 118 -3.15 -0.53 34.51
N TYR E 119 -4.22 0.23 34.30
CA TYR E 119 -4.66 0.51 32.94
C TYR E 119 -3.97 1.75 32.41
N PHE E 120 -3.82 1.79 31.09
CA PHE E 120 -3.13 2.84 30.36
C PHE E 120 -3.94 3.15 29.12
N ALA E 121 -4.25 4.43 28.90
CA ALA E 121 -5.05 4.83 27.77
C ALA E 121 -4.17 5.12 26.56
N THR E 122 -4.54 4.56 25.41
CA THR E 122 -3.86 4.87 24.16
C THR E 122 -4.64 5.88 23.32
N GLY E 123 -5.65 6.49 23.93
CA GLY E 123 -6.55 7.41 23.27
C GLY E 123 -7.72 7.66 24.23
N ALA E 124 -8.82 8.10 23.66
CA ALA E 124 -10.05 8.29 24.45
C ALA E 124 -10.71 6.93 24.65
N ALA E 125 -10.65 6.42 25.88
CA ALA E 125 -11.21 5.12 26.17
C ALA E 125 -12.72 5.11 26.00
N THR E 126 -13.23 3.95 25.60
CA THR E 126 -14.65 3.68 25.48
C THR E 126 -15.00 2.56 26.44
N PRO E 127 -16.27 2.41 26.82
CA PRO E 127 -16.61 1.46 27.87
C PRO E 127 -16.50 0.00 27.44
N GLY E 128 -16.34 -0.85 28.44
CA GLY E 128 -16.35 -2.28 28.21
C GLY E 128 -15.45 -3.02 29.17
N ALA E 129 -15.48 -4.35 29.06
CA ALA E 129 -14.64 -5.19 29.90
C ALA E 129 -13.17 -4.93 29.61
N ALA E 130 -12.32 -5.15 30.61
CA ALA E 130 -10.89 -4.89 30.45
C ALA E 130 -10.07 -5.92 31.20
N ASN E 131 -10.06 -7.15 30.70
CA ASN E 131 -9.26 -8.23 31.26
C ASN E 131 -8.02 -8.45 30.40
N ALA E 132 -7.03 -9.12 30.97
CA ALA E 132 -5.76 -9.26 30.24
C ALA E 132 -4.99 -10.43 30.83
N ASP E 133 -4.05 -10.96 30.05
CA ASP E 133 -3.23 -12.09 30.46
C ASP E 133 -1.82 -11.89 29.95
N ALA E 134 -0.87 -12.37 30.74
CA ALA E 134 0.52 -12.41 30.34
C ALA E 134 1.13 -13.66 30.93
N THR E 135 2.29 -14.01 30.43
CA THR E 135 3.09 -15.02 31.07
C THR E 135 4.36 -14.37 31.58
N PHE E 136 5.02 -15.03 32.53
CA PHE E 136 6.25 -14.47 33.04
C PHE E 136 7.29 -15.55 33.25
N LYS E 137 8.54 -15.10 33.27
CA LYS E 137 9.66 -15.99 33.51
C LYS E 137 10.66 -15.28 34.40
N VAL E 138 11.34 -16.08 35.21
CA VAL E 138 12.26 -15.58 36.22
C VAL E 138 13.68 -15.90 35.78
N GLN E 139 14.54 -14.91 35.87
CA GLN E 139 15.95 -15.05 35.57
C GLN E 139 16.74 -14.75 36.82
N TYR E 140 17.83 -15.49 37.03
CA TYR E 140 18.67 -15.36 38.21
C TYR E 140 20.06 -14.86 37.83
N GLN E 141 20.67 -14.15 38.77
CA GLN E 141 22.08 -13.76 38.68
C GLN E 141 22.78 -14.15 39.98
N GLY E 142 23.95 -14.76 39.85
CA GLY E 142 24.79 -15.12 40.98
C GLY E 142 25.70 -16.31 40.63
N GLY E 143 25.88 -17.20 41.62
CA GLY E 143 26.83 -18.29 41.46
C GLY E 143 26.61 -19.14 40.22
N GLY E 144 25.36 -19.22 39.74
CA GLY E 144 25.06 -19.94 38.53
C GLY E 144 24.44 -21.31 38.77
N VAL E 150 12.86 -24.00 33.24
CA VAL E 150 11.89 -23.41 32.33
C VAL E 150 10.56 -23.14 33.03
N VAL E 151 10.60 -22.96 34.34
CA VAL E 151 9.38 -22.64 35.08
C VAL E 151 8.88 -21.26 34.65
N GLU E 152 7.60 -21.19 34.30
CA GLU E 152 7.02 -19.93 33.87
C GLU E 152 5.65 -19.81 34.50
N GLY E 153 5.22 -18.59 34.73
CA GLY E 153 3.97 -18.33 35.40
C GLY E 153 2.98 -17.67 34.46
N LYS E 154 1.78 -17.55 34.97
CA LYS E 154 0.69 -16.84 34.32
C LYS E 154 0.19 -15.72 35.21
N PHE E 155 -0.06 -14.57 34.61
CA PHE E 155 -0.55 -13.41 35.31
C PHE E 155 -1.83 -12.97 34.61
N HIS E 156 -2.83 -12.67 35.41
CA HIS E 156 -4.15 -12.33 34.90
C HIS E 156 -4.65 -11.05 35.55
N VAL E 157 -5.40 -10.28 34.76
CA VAL E 157 -6.22 -9.16 35.19
C VAL E 157 -7.64 -9.56 34.83
N THR E 158 -8.51 -9.65 35.84
CA THR E 158 -9.93 -9.93 35.64
C THR E 158 -10.74 -8.91 36.42
N GLY E 159 -12.06 -8.99 36.28
CA GLY E 159 -12.93 -8.11 37.03
C GLY E 159 -12.88 -6.67 36.62
N GLY E 160 -12.36 -6.38 35.43
CA GLY E 160 -12.06 -5.02 35.01
C GLY E 160 -13.19 -4.46 34.17
N ASN E 161 -13.49 -3.18 34.40
CA ASN E 161 -14.62 -2.57 33.71
C ASN E 161 -14.34 -1.09 33.51
N VAL E 162 -14.50 -0.61 32.28
CA VAL E 162 -14.46 0.82 31.96
C VAL E 162 -15.90 1.23 31.69
N THR E 163 -16.38 2.26 32.39
CA THR E 163 -17.75 2.71 32.22
C THR E 163 -17.78 4.21 31.97
N THR E 164 -18.89 4.69 31.43
CA THR E 164 -19.19 6.11 31.37
CA THR E 164 -19.19 6.12 31.38
C THR E 164 -20.10 6.43 32.55
N ALA E 165 -19.54 7.01 33.59
CA ALA E 165 -20.28 7.29 34.80
C ALA E 165 -19.56 8.44 35.51
N ALA E 166 -20.32 9.13 36.35
CA ALA E 166 -19.80 10.25 37.10
C ALA E 166 -18.95 9.79 38.28
N ALA F 1 6.32 13.78 -26.46
CA ALA F 1 5.22 14.78 -26.49
C ALA F 1 5.30 15.76 -25.31
N ALA F 2 4.86 16.99 -25.56
CA ALA F 2 4.97 18.05 -24.55
C ALA F 2 4.21 17.65 -23.29
N CYS F 3 2.98 17.19 -23.47
CA CYS F 3 2.03 16.81 -22.44
C CYS F 3 1.21 15.66 -22.99
N ALA F 4 0.38 15.08 -22.13
CA ALA F 4 -0.65 14.16 -22.58
C ALA F 4 -1.97 14.59 -21.97
N VAL F 5 -3.06 14.39 -22.73
CA VAL F 5 -4.37 14.70 -22.20
C VAL F 5 -4.75 13.65 -21.16
N ASP F 6 -5.23 14.12 -20.02
CA ASP F 6 -5.62 13.22 -18.93
C ASP F 6 -6.77 12.34 -19.39
N ALA F 7 -6.72 11.06 -18.99
CA ALA F 7 -7.69 10.10 -19.47
C ALA F 7 -9.10 10.42 -19.02
N GLY F 8 -9.27 11.21 -17.95
CA GLY F 8 -10.60 11.67 -17.56
C GLY F 8 -11.11 12.85 -18.38
N SER F 9 -10.22 13.52 -19.10
CA SER F 9 -10.55 14.66 -19.95
C SER F 9 -10.80 14.30 -21.40
N VAL F 10 -10.27 13.16 -21.87
CA VAL F 10 -10.36 12.82 -23.29
C VAL F 10 -11.78 12.54 -23.72
N ASP F 11 -12.63 12.14 -22.79
CA ASP F 11 -14.03 11.91 -23.10
C ASP F 11 -14.79 12.38 -21.86
N GLN F 12 -15.45 13.52 -21.98
CA GLN F 12 -16.05 14.13 -20.81
C GLN F 12 -17.33 14.85 -21.19
N THR F 13 -18.11 15.13 -20.16
CA THR F 13 -19.47 15.62 -20.33
C THR F 13 -19.74 16.74 -19.36
N VAL F 14 -20.49 17.73 -19.83
CA VAL F 14 -20.98 18.81 -18.99
CA VAL F 14 -20.97 18.82 -18.99
C VAL F 14 -22.49 18.73 -18.95
N GLN F 15 -23.06 18.97 -17.78
CA GLN F 15 -24.50 18.99 -17.60
C GLN F 15 -24.93 20.43 -17.41
N LEU F 16 -25.79 20.91 -18.29
CA LEU F 16 -26.23 22.28 -18.27
C LEU F 16 -27.60 22.49 -17.64
N GLY F 17 -28.35 21.44 -17.36
CA GLY F 17 -29.59 21.69 -16.61
C GLY F 17 -30.74 22.18 -17.47
N GLN F 18 -31.77 22.71 -16.79
CA GLN F 18 -33.06 22.96 -17.43
C GLN F 18 -33.28 24.44 -17.67
N VAL F 19 -33.65 24.77 -18.90
CA VAL F 19 -33.79 26.13 -19.39
C VAL F 19 -35.23 26.33 -19.81
N ARG F 20 -35.78 27.48 -19.47
CA ARG F 20 -37.12 27.85 -19.90
C ARG F 20 -37.10 28.52 -21.27
N THR F 21 -38.10 28.21 -22.10
CA THR F 21 -38.23 28.93 -23.37
C THR F 21 -38.31 30.44 -23.13
N ALA F 22 -38.88 30.85 -22.00
CA ALA F 22 -39.02 32.29 -21.72
C ALA F 22 -37.67 32.97 -21.59
N SER F 23 -36.64 32.23 -21.16
CA SER F 23 -35.30 32.74 -20.95
C SER F 23 -34.45 32.75 -22.22
N LEU F 24 -34.89 32.07 -23.27
CA LEU F 24 -34.19 31.95 -24.54
C LEU F 24 -35.14 32.34 -25.68
N ALA F 25 -35.69 33.52 -25.56
CA ALA F 25 -36.76 33.98 -26.44
C ALA F 25 -36.24 34.83 -27.60
N GLN F 26 -35.01 35.28 -27.53
CA GLN F 26 -34.44 36.19 -28.53
C GLN F 26 -33.05 35.71 -28.90
N GLU F 27 -32.68 35.90 -30.16
CA GLU F 27 -31.33 35.61 -30.58
C GLU F 27 -30.34 36.30 -29.67
N GLY F 28 -29.32 35.55 -29.25
CA GLY F 28 -28.28 36.05 -28.40
C GLY F 28 -28.51 35.81 -26.91
N ALA F 29 -29.72 35.47 -26.51
CA ALA F 29 -29.98 35.06 -25.13
C ALA F 29 -29.20 33.78 -24.82
N THR F 30 -28.77 33.67 -23.56
CA THR F 30 -27.95 32.52 -23.17
C THR F 30 -28.39 31.96 -21.83
N SER F 31 -28.03 30.71 -21.63
CA SER F 31 -28.31 30.03 -20.39
C SER F 31 -27.12 30.15 -19.44
N SER F 32 -27.32 29.69 -18.21
CA SER F 32 -26.23 29.66 -17.25
C SER F 32 -25.08 28.83 -17.79
N ALA F 33 -23.86 29.29 -17.52
CA ALA F 33 -22.66 28.64 -18.04
C ALA F 33 -22.03 27.73 -16.99
N VAL F 34 -21.61 26.53 -17.42
CA VAL F 34 -20.94 25.57 -16.54
C VAL F 34 -19.49 25.40 -16.99
N GLY F 35 -18.58 25.37 -16.01
CA GLY F 35 -17.17 25.25 -16.33
C GLY F 35 -16.76 23.83 -16.60
N PHE F 36 -15.76 23.70 -17.46
CA PHE F 36 -15.07 22.44 -17.65
C PHE F 36 -13.65 22.79 -18.02
N ASN F 37 -12.79 21.80 -18.05
CA ASN F 37 -11.41 22.04 -18.42
C ASN F 37 -10.93 20.86 -19.25
N ILE F 38 -9.90 21.13 -20.02
CA ILE F 38 -9.08 20.06 -20.57
C ILE F 38 -7.86 19.97 -19.69
N GLN F 39 -7.66 18.82 -19.06
CA GLN F 39 -6.51 18.59 -18.21
C GLN F 39 -5.39 17.90 -18.99
N LEU F 40 -4.19 18.44 -18.86
CA LEU F 40 -2.96 17.90 -19.42
C LEU F 40 -2.08 17.38 -18.29
N ASN F 41 -1.49 16.22 -18.47
CA ASN F 41 -0.54 15.68 -17.53
C ASN F 41 0.85 15.63 -18.13
N ASP F 42 1.84 15.51 -17.25
CA ASP F 42 3.20 15.17 -17.62
C ASP F 42 3.81 16.23 -18.54
N CYS F 43 3.37 17.46 -18.40
CA CYS F 43 3.88 18.53 -19.24
C CYS F 43 5.34 18.76 -18.94
N ASP F 44 6.08 19.10 -19.99
CA ASP F 44 7.51 19.37 -19.92
C ASP F 44 7.71 20.74 -20.54
N THR F 45 7.95 21.75 -19.70
CA THR F 45 8.00 23.11 -20.18
C THR F 45 9.29 23.43 -20.91
N ASN F 46 10.25 22.51 -20.92
CA ASN F 46 11.41 22.60 -21.81
C ASN F 46 11.10 22.06 -23.21
N VAL F 47 9.89 21.56 -23.40
CA VAL F 47 9.39 21.15 -24.70
C VAL F 47 8.32 22.11 -25.22
N ALA F 48 7.35 22.45 -24.38
CA ALA F 48 6.38 23.47 -24.76
C ALA F 48 5.90 24.22 -23.53
N SER F 49 5.62 25.50 -23.73
CA SER F 49 5.25 26.38 -22.66
C SER F 49 3.77 26.76 -22.66
N LYS F 50 3.03 26.47 -23.75
CA LYS F 50 1.64 26.90 -23.87
C LYS F 50 0.83 25.83 -24.58
N ALA F 51 -0.47 25.77 -24.26
CA ALA F 51 -1.39 24.84 -24.91
C ALA F 51 -2.71 25.54 -25.16
N ALA F 52 -3.34 25.13 -26.25
CA ALA F 52 -4.65 25.64 -26.63
C ALA F 52 -5.45 24.50 -27.21
N VAL F 53 -6.77 24.72 -27.32
CA VAL F 53 -7.69 23.67 -27.74
C VAL F 53 -8.54 24.22 -28.86
N ALA F 54 -8.75 23.41 -29.88
CA ALA F 54 -9.69 23.68 -30.96
C ALA F 54 -10.81 22.64 -30.91
N PHE F 55 -12.04 23.11 -31.06
CA PHE F 55 -13.20 22.25 -31.05
C PHE F 55 -13.79 22.18 -32.46
N LEU F 56 -14.33 21.00 -32.78
CA LEU F 56 -14.90 20.68 -34.08
C LEU F 56 -16.28 20.12 -33.83
N GLY F 57 -17.29 20.77 -34.39
CA GLY F 57 -18.63 20.26 -34.31
C GLY F 57 -19.48 20.92 -35.37
N THR F 58 -20.64 20.34 -35.59
CA THR F 58 -21.59 20.84 -36.58
C THR F 58 -22.33 22.03 -36.02
N ALA F 59 -22.30 23.17 -36.73
CA ALA F 59 -22.94 24.41 -36.29
C ALA F 59 -24.45 24.33 -36.47
N ILE F 60 -25.16 25.04 -35.61
CA ILE F 60 -26.62 25.00 -35.65
C ILE F 60 -27.11 25.56 -36.96
N ASP F 61 -26.47 26.60 -37.47
CA ASP F 61 -26.78 27.15 -38.79
C ASP F 61 -25.58 27.92 -39.29
N ALA F 62 -25.58 28.15 -40.60
CA ALA F 62 -24.41 28.73 -41.25
C ALA F 62 -24.10 30.12 -40.74
N GLY F 63 -25.06 30.81 -40.14
CA GLY F 63 -24.86 32.12 -39.57
C GLY F 63 -24.45 32.13 -38.12
N HIS F 64 -24.28 30.95 -37.52
CA HIS F 64 -23.81 30.81 -36.13
C HIS F 64 -22.73 29.74 -36.04
N THR F 65 -21.53 30.05 -36.54
CA THR F 65 -20.49 29.02 -36.63
C THR F 65 -19.85 28.70 -35.29
N ASN F 66 -20.19 29.43 -34.23
CA ASN F 66 -19.75 29.10 -32.88
C ASN F 66 -20.87 28.62 -32.00
N VAL F 67 -21.95 28.11 -32.61
CA VAL F 67 -23.05 27.52 -31.86
C VAL F 67 -23.24 26.11 -32.38
N LEU F 68 -23.07 25.14 -31.47
CA LEU F 68 -23.18 23.72 -31.77
C LEU F 68 -24.63 23.32 -31.98
N ALA F 69 -24.91 22.61 -33.06
CA ALA F 69 -26.22 22.01 -33.21
C ALA F 69 -26.47 20.96 -32.12
N LEU F 70 -27.74 20.75 -31.84
CA LEU F 70 -28.18 19.73 -30.92
C LEU F 70 -28.36 18.39 -31.62
N GLN F 71 -28.13 17.33 -30.84
CA GLN F 71 -28.51 15.98 -31.26
C GLN F 71 -30.01 15.86 -31.49
N SER F 72 -30.39 15.04 -32.47
CA SER F 72 -31.78 14.64 -32.61
C SER F 72 -32.22 13.78 -31.42
N SER F 73 -33.55 13.68 -31.26
CA SER F 73 -34.18 12.90 -30.19
C SER F 73 -35.52 12.41 -30.71
N ALA F 74 -36.01 11.32 -30.10
CA ALA F 74 -37.28 10.73 -30.54
C ALA F 74 -38.46 11.65 -30.22
N ALA F 75 -38.43 12.33 -29.08
CA ALA F 75 -39.54 13.20 -28.72
C ALA F 75 -39.50 14.51 -29.50
N GLY F 76 -38.35 14.85 -30.08
CA GLY F 76 -38.17 16.13 -30.74
C GLY F 76 -37.31 17.06 -29.91
N SER F 77 -36.11 17.36 -30.40
CA SER F 77 -35.16 18.19 -29.68
CA SER F 77 -35.16 18.20 -29.67
C SER F 77 -35.55 19.66 -29.76
N ALA F 78 -34.95 20.45 -28.89
CA ALA F 78 -35.23 21.88 -28.88
C ALA F 78 -34.79 22.49 -30.20
N THR F 79 -35.53 23.52 -30.62
CA THR F 79 -35.11 24.28 -31.79
C THR F 79 -34.72 25.69 -31.38
N ASN F 80 -33.90 26.30 -32.24
CA ASN F 80 -33.42 27.66 -32.10
C ASN F 80 -32.54 27.81 -30.86
N VAL F 81 -31.89 26.72 -30.46
CA VAL F 81 -30.94 26.78 -29.34
C VAL F 81 -29.80 25.82 -29.63
N GLY F 82 -28.60 26.26 -29.36
CA GLY F 82 -27.46 25.37 -29.47
C GLY F 82 -26.47 25.61 -28.35
N VAL F 83 -25.26 25.06 -28.45
CA VAL F 83 -24.29 25.13 -27.35
C VAL F 83 -23.08 25.92 -27.80
N GLN F 84 -22.64 26.84 -26.95
CA GLN F 84 -21.38 27.53 -27.15
C GLN F 84 -20.36 27.02 -26.15
N ILE F 85 -19.11 26.99 -26.63
CA ILE F 85 -17.94 26.72 -25.81
C ILE F 85 -17.12 28.00 -25.75
N LEU F 86 -16.97 28.55 -24.54
CA LEU F 86 -16.25 29.80 -24.31
C LEU F 86 -14.88 29.51 -23.72
N ASP F 87 -13.85 30.17 -24.24
CA ASP F 87 -12.54 30.02 -23.64
C ASP F 87 -12.34 31.01 -22.48
N ARG F 88 -11.12 31.05 -21.96
CA ARG F 88 -10.81 31.84 -20.78
C ARG F 88 -10.95 33.35 -20.99
N THR F 89 -11.10 33.83 -22.21
CA THR F 89 -11.35 35.26 -22.44
C THR F 89 -12.83 35.54 -22.63
N GLY F 90 -13.67 34.53 -22.48
CA GLY F 90 -15.09 34.64 -22.68
C GLY F 90 -15.52 34.52 -24.12
N ALA F 91 -14.58 34.32 -25.04
CA ALA F 91 -14.92 34.22 -26.45
C ALA F 91 -15.54 32.86 -26.76
N ALA F 92 -16.68 32.86 -27.45
CA ALA F 92 -17.28 31.64 -27.95
C ALA F 92 -16.52 31.19 -29.19
N LEU F 93 -15.99 29.99 -29.16
CA LEU F 93 -15.05 29.54 -30.18
C LEU F 93 -15.77 29.01 -31.40
N THR F 94 -15.28 29.41 -32.57
CA THR F 94 -15.71 28.79 -33.82
C THR F 94 -15.42 27.29 -33.78
N LEU F 95 -16.39 26.50 -34.22
CA LEU F 95 -16.36 25.05 -34.05
C LEU F 95 -15.87 24.35 -35.31
N ASP F 96 -14.81 24.87 -35.94
CA ASP F 96 -14.32 24.36 -37.22
C ASP F 96 -13.03 23.54 -37.08
N GLY F 97 -12.63 23.17 -35.87
CA GLY F 97 -11.41 22.43 -35.62
C GLY F 97 -10.12 23.16 -35.92
N ALA F 98 -10.20 24.41 -36.34
CA ALA F 98 -9.02 25.17 -36.68
C ALA F 98 -8.94 26.49 -35.95
N THR F 99 -9.84 26.75 -35.04
CA THR F 99 -9.91 28.03 -34.33
C THR F 99 -9.53 27.69 -32.90
N PHE F 100 -8.28 27.94 -32.53
CA PHE F 100 -7.81 27.54 -31.22
C PHE F 100 -8.17 28.57 -30.16
N SER F 101 -8.45 28.06 -28.99
CA SER F 101 -8.67 28.87 -27.81
C SER F 101 -7.44 29.73 -27.53
N SER F 102 -7.64 30.71 -26.67
CA SER F 102 -6.51 31.36 -26.04
C SER F 102 -5.59 30.31 -25.43
N GLU F 103 -4.31 30.65 -25.38
CA GLU F 103 -3.31 29.76 -24.83
C GLU F 103 -3.34 29.79 -23.31
N THR F 104 -3.17 28.63 -22.68
CA THR F 104 -2.88 28.52 -21.27
C THR F 104 -1.40 28.27 -21.08
N THR F 105 -0.76 29.06 -20.20
CA THR F 105 0.66 28.90 -19.89
C THR F 105 0.86 27.74 -18.94
N LEU F 106 1.78 26.85 -19.29
CA LEU F 106 1.97 25.58 -18.59
C LEU F 106 3.04 25.64 -17.52
N ASN F 107 2.81 24.87 -16.48
CA ASN F 107 3.84 24.38 -15.58
C ASN F 107 4.17 22.93 -15.93
N ASN F 108 5.31 22.45 -15.41
CA ASN F 108 5.55 21.03 -15.50
C ASN F 108 4.41 20.25 -14.87
N GLY F 109 4.17 19.07 -15.39
CA GLY F 109 3.16 18.19 -14.81
C GLY F 109 1.75 18.57 -15.25
N THR F 110 0.85 18.69 -14.29
CA THR F 110 -0.57 18.76 -14.57
C THR F 110 -1.04 20.20 -14.68
N ASN F 111 -1.82 20.45 -15.72
CA ASN F 111 -2.32 21.79 -16.03
C ASN F 111 -3.76 21.65 -16.45
N THR F 112 -4.56 22.68 -16.21
CA THR F 112 -5.93 22.68 -16.70
C THR F 112 -6.18 23.91 -17.57
N ILE F 113 -6.80 23.68 -18.72
CA ILE F 113 -7.17 24.73 -19.65
C ILE F 113 -8.66 24.96 -19.47
N PRO F 114 -9.08 26.14 -19.00
CA PRO F 114 -10.48 26.33 -18.59
C PRO F 114 -11.39 26.82 -19.70
N PHE F 115 -12.61 26.30 -19.67
CA PHE F 115 -13.67 26.60 -20.64
C PHE F 115 -14.98 26.70 -19.91
N GLN F 116 -15.97 27.24 -20.60
CA GLN F 116 -17.35 27.17 -20.15
C GLN F 116 -18.19 26.65 -21.30
N ALA F 117 -19.30 25.99 -20.96
CA ALA F 117 -20.31 25.68 -21.93
C ALA F 117 -21.63 26.29 -21.50
N ARG F 118 -22.45 26.64 -22.48
CA ARG F 118 -23.75 27.29 -22.22
C ARG F 118 -24.66 27.08 -23.42
N TYR F 119 -25.95 27.25 -23.20
CA TYR F 119 -26.85 27.30 -24.32
C TYR F 119 -26.95 28.73 -24.83
N PHE F 120 -27.23 28.83 -26.12
CA PHE F 120 -27.32 30.10 -26.83
C PHE F 120 -28.52 30.02 -27.76
N ALA F 121 -29.40 31.01 -27.69
CA ALA F 121 -30.58 31.06 -28.53
C ALA F 121 -30.31 31.76 -29.86
N THR F 122 -30.81 31.17 -30.94
CA THR F 122 -30.71 31.75 -32.28
C THR F 122 -32.02 32.38 -32.71
N GLY F 123 -32.96 32.49 -31.78
CA GLY F 123 -34.32 32.92 -32.06
C GLY F 123 -35.12 32.57 -30.84
N ALA F 124 -36.43 32.37 -31.05
CA ALA F 124 -37.29 31.91 -29.97
C ALA F 124 -37.16 30.41 -29.81
N ALA F 125 -36.48 29.99 -28.77
CA ALA F 125 -36.31 28.56 -28.50
C ALA F 125 -37.64 27.88 -28.29
N THR F 126 -37.69 26.62 -28.72
CA THR F 126 -38.81 25.71 -28.47
C THR F 126 -38.35 24.54 -27.61
N PRO F 127 -39.27 23.82 -26.95
CA PRO F 127 -38.88 22.81 -25.97
C PRO F 127 -38.30 21.54 -26.57
N GLY F 128 -37.50 20.87 -25.78
CA GLY F 128 -36.99 19.56 -26.17
C GLY F 128 -35.64 19.30 -25.55
N ALA F 129 -35.17 18.07 -25.72
CA ALA F 129 -33.82 17.70 -25.35
C ALA F 129 -32.79 18.60 -26.00
N ALA F 130 -31.67 18.77 -25.32
CA ALA F 130 -30.64 19.70 -25.76
C ALA F 130 -29.26 19.10 -25.47
N ASN F 131 -29.00 17.97 -26.10
CA ASN F 131 -27.70 17.33 -26.01
C ASN F 131 -26.88 17.73 -27.21
N ALA F 132 -25.57 17.79 -27.01
CA ALA F 132 -24.67 18.14 -28.10
C ALA F 132 -23.33 17.46 -27.91
N ASP F 133 -22.56 17.41 -29.00
CA ASP F 133 -21.27 16.72 -29.02
C ASP F 133 -20.31 17.48 -29.92
N ALA F 134 -19.04 17.44 -29.54
CA ALA F 134 -17.98 18.04 -30.33
C ALA F 134 -16.76 17.16 -30.11
N THR F 135 -15.75 17.35 -30.95
CA THR F 135 -14.45 16.77 -30.69
C THR F 135 -13.45 17.89 -30.50
N PHE F 136 -12.30 17.55 -29.94
CA PHE F 136 -11.32 18.59 -29.70
C PHE F 136 -9.90 18.07 -29.87
N LYS F 137 -9.02 19.01 -30.17
CA LYS F 137 -7.62 18.76 -30.38
C LYS F 137 -6.84 19.77 -29.58
N VAL F 138 -5.77 19.29 -28.94
CA VAL F 138 -4.86 20.13 -28.16
C VAL F 138 -3.62 20.41 -29.00
N GLN F 139 -3.23 21.68 -29.10
CA GLN F 139 -2.04 22.11 -29.81
C GLN F 139 -1.08 22.76 -28.83
N TYR F 140 0.19 22.38 -28.90
CA TYR F 140 1.23 22.95 -28.03
C TYR F 140 2.00 24.00 -28.80
N GLN F 141 2.23 25.13 -28.16
CA GLN F 141 2.99 26.24 -28.71
C GLN F 141 4.24 26.44 -27.87
N GLY F 142 5.34 26.76 -28.55
CA GLY F 142 6.67 26.80 -27.96
C GLY F 142 7.64 25.80 -28.55
N GLY F 143 7.16 24.84 -29.33
CA GLY F 143 8.02 23.86 -29.97
C GLY F 143 7.52 23.49 -31.36
N GLY F 146 3.30 19.70 -34.27
CA GLY F 146 3.34 18.50 -35.07
C GLY F 146 3.71 17.28 -34.26
N GLY F 147 4.07 16.19 -34.94
CA GLY F 147 4.43 14.94 -34.31
C GLY F 147 3.41 13.85 -34.61
N ALA F 148 3.57 12.73 -33.91
CA ALA F 148 2.66 11.61 -34.08
C ALA F 148 1.23 12.06 -33.82
N ASN F 149 0.30 11.44 -34.55
CA ASN F 149 -1.11 11.82 -34.45
C ASN F 149 -1.62 11.54 -33.05
N VAL F 150 -2.46 12.45 -32.55
CA VAL F 150 -3.17 12.28 -31.29
C VAL F 150 -4.66 12.23 -31.64
N VAL F 151 -5.32 11.15 -31.23
CA VAL F 151 -6.76 11.03 -31.51
C VAL F 151 -7.53 12.11 -30.76
N GLU F 152 -8.50 12.70 -31.43
CA GLU F 152 -9.21 13.83 -30.85
C GLU F 152 -9.97 13.39 -29.61
N GLY F 153 -10.09 14.29 -28.69
CA GLY F 153 -10.94 14.04 -27.54
C GLY F 153 -12.40 14.27 -27.89
N LYS F 154 -13.26 13.86 -26.97
CA LYS F 154 -14.70 13.97 -27.14
C LYS F 154 -15.29 14.81 -26.01
N PHE F 155 -16.12 15.77 -26.40
CA PHE F 155 -16.84 16.64 -25.49
C PHE F 155 -18.33 16.46 -25.68
N HIS F 156 -19.04 16.31 -24.59
CA HIS F 156 -20.49 16.08 -24.62
C HIS F 156 -21.20 17.04 -23.68
N VAL F 157 -22.38 17.48 -24.10
CA VAL F 157 -23.38 18.09 -23.25
C VAL F 157 -24.57 17.13 -23.22
N THR F 158 -24.96 16.68 -22.03
CA THR F 158 -26.12 15.80 -21.86
C THR F 158 -26.94 16.29 -20.68
N GLY F 159 -28.09 15.66 -20.47
CA GLY F 159 -28.91 15.90 -19.30
C GLY F 159 -29.65 17.23 -19.26
N GLY F 160 -29.37 18.15 -20.18
CA GLY F 160 -30.03 19.44 -20.20
C GLY F 160 -31.21 19.40 -21.14
N ASN F 161 -32.12 20.34 -20.96
CA ASN F 161 -33.28 20.37 -21.84
C ASN F 161 -33.99 21.70 -21.69
N VAL F 162 -34.89 21.93 -22.64
CA VAL F 162 -35.59 23.21 -22.75
C VAL F 162 -37.06 22.91 -22.53
N THR F 163 -37.71 23.68 -21.66
CA THR F 163 -39.11 23.49 -21.37
C THR F 163 -39.87 24.81 -21.37
N THR F 164 -41.17 24.71 -21.57
CA THR F 164 -42.09 25.82 -21.36
C THR F 164 -42.65 25.69 -19.96
N ALA F 165 -42.24 26.60 -19.07
CA ALA F 165 -42.54 26.44 -17.66
C ALA F 165 -42.40 27.80 -16.97
N ALA F 166 -43.04 27.91 -15.81
CA ALA F 166 -42.93 29.10 -14.95
C ALA F 166 -41.55 29.17 -14.27
N ALA G 1 18.31 6.50 -23.48
CA ALA G 1 19.36 7.44 -23.01
C ALA G 1 18.74 8.59 -22.23
N ALA G 2 17.74 8.28 -21.41
CA ALA G 2 17.09 9.30 -20.60
C ALA G 2 18.07 9.99 -19.68
N CYS G 3 19.12 9.29 -19.25
CA CYS G 3 20.14 9.80 -18.34
C CYS G 3 21.52 9.44 -18.88
N ALA G 4 22.56 9.97 -18.22
CA ALA G 4 23.93 9.55 -18.41
C ALA G 4 24.43 8.88 -17.14
N VAL G 5 25.21 7.81 -17.29
CA VAL G 5 25.79 7.17 -16.11
C VAL G 5 26.96 8.01 -15.65
N ASP G 6 26.98 8.37 -14.37
CA ASP G 6 28.04 9.20 -13.85
C ASP G 6 29.39 8.50 -14.04
N ALA G 7 30.40 9.30 -14.42
CA ALA G 7 31.72 8.73 -14.73
C ALA G 7 32.30 8.00 -13.54
N GLY G 8 32.00 8.47 -12.32
CA GLY G 8 32.47 7.78 -11.13
C GLY G 8 31.81 6.44 -10.91
N SER G 9 30.56 6.28 -11.36
CA SER G 9 29.88 5.01 -11.15
C SER G 9 30.28 3.96 -12.16
N VAL G 10 30.74 4.40 -13.33
CA VAL G 10 30.94 3.51 -14.47
C VAL G 10 32.06 2.53 -14.19
N ASP G 11 33.00 2.90 -13.32
CA ASP G 11 34.08 2.00 -12.90
C ASP G 11 34.31 2.26 -11.42
N GLN G 12 33.83 1.38 -10.56
CA GLN G 12 33.83 1.63 -9.13
C GLN G 12 34.05 0.34 -8.38
N THR G 13 34.41 0.50 -7.11
CA THR G 13 34.86 -0.59 -6.25
C THR G 13 34.23 -0.48 -4.86
N VAL G 14 33.95 -1.64 -4.27
CA VAL G 14 33.62 -1.73 -2.85
C VAL G 14 34.64 -2.64 -2.17
N GLN G 15 34.91 -2.34 -0.90
CA GLN G 15 35.80 -3.21 -0.13
C GLN G 15 35.03 -3.69 1.09
N LEU G 16 35.00 -5.00 1.26
CA LEU G 16 34.17 -5.68 2.24
C LEU G 16 34.92 -6.03 3.51
N GLY G 17 36.22 -5.82 3.54
CA GLY G 17 36.97 -6.05 4.76
C GLY G 17 37.41 -7.47 4.98
N GLN G 18 37.69 -7.75 6.24
CA GLN G 18 38.25 -9.02 6.66
C GLN G 18 37.18 -9.85 7.36
N VAL G 19 37.05 -11.10 6.93
CA VAL G 19 36.00 -11.98 7.39
CA VAL G 19 36.00 -11.97 7.41
C VAL G 19 36.64 -13.27 7.88
N ARG G 20 36.00 -13.90 8.83
CA ARG G 20 36.51 -15.11 9.45
C ARG G 20 35.90 -16.34 8.82
N THR G 21 36.73 -17.39 8.66
CA THR G 21 36.20 -18.68 8.27
C THR G 21 35.06 -19.09 9.19
N ALA G 22 35.19 -18.78 10.48
CA ALA G 22 34.19 -19.20 11.46
C ALA G 22 32.83 -18.55 11.21
N SER G 23 32.84 -17.39 10.57
CA SER G 23 31.65 -16.62 10.27
C SER G 23 31.00 -17.02 8.96
N LEU G 24 31.72 -17.74 8.13
CA LEU G 24 31.26 -18.15 6.82
C LEU G 24 31.45 -19.64 6.70
N ALA G 25 30.87 -20.38 7.66
CA ALA G 25 31.19 -21.78 7.86
C ALA G 25 30.16 -22.73 7.27
N GLN G 26 29.08 -22.22 6.70
CA GLN G 26 28.07 -23.11 6.13
C GLN G 26 27.33 -22.32 5.06
N GLU G 27 26.72 -23.04 4.15
CA GLU G 27 25.92 -22.43 3.11
C GLU G 27 24.98 -21.39 3.73
N GLY G 28 24.93 -20.23 3.10
CA GLY G 28 23.97 -19.20 3.49
C GLY G 28 24.52 -18.19 4.47
N ALA G 29 25.68 -18.42 5.04
CA ALA G 29 26.27 -17.43 5.92
C ALA G 29 26.66 -16.24 5.08
N THR G 30 26.53 -15.05 5.65
CA THR G 30 26.89 -13.82 4.94
C THR G 30 27.79 -12.96 5.80
N SER G 31 28.58 -12.15 5.11
CA SER G 31 29.37 -11.11 5.75
C SER G 31 28.58 -9.80 5.80
N SER G 32 29.14 -8.82 6.51
CA SER G 32 28.51 -7.51 6.56
C SER G 32 28.39 -6.94 5.16
N ALA G 33 27.31 -6.24 4.89
CA ALA G 33 27.08 -5.63 3.59
C ALA G 33 27.54 -4.19 3.57
N VAL G 34 28.01 -3.77 2.40
CA VAL G 34 28.52 -2.42 2.17
C VAL G 34 27.74 -1.85 1.00
N GLY G 35 27.27 -0.58 1.14
CA GLY G 35 26.50 0.04 0.11
C GLY G 35 27.33 0.58 -1.05
N PHE G 36 26.68 0.64 -2.21
CA PHE G 36 27.20 1.39 -3.34
C PHE G 36 26.01 1.81 -4.15
N ASN G 37 26.25 2.60 -5.19
CA ASN G 37 25.13 3.00 -6.00
C ASN G 37 25.56 3.21 -7.43
N ILE G 38 24.58 3.17 -8.31
CA ILE G 38 24.77 3.62 -9.68
C ILE G 38 24.12 5.00 -9.76
N GLN G 39 24.91 6.01 -10.10
CA GLN G 39 24.43 7.38 -10.17
C GLN G 39 24.15 7.75 -11.61
N LEU G 40 23.00 8.32 -11.85
CA LEU G 40 22.58 8.78 -13.16
C LEU G 40 22.47 10.29 -13.14
N ASN G 41 23.06 10.94 -14.13
CA ASN G 41 23.04 12.39 -14.28
C ASN G 41 22.17 12.83 -15.45
N ASP G 42 21.74 14.09 -15.38
CA ASP G 42 21.06 14.75 -16.48
C ASP G 42 19.85 13.96 -16.97
N CYS G 43 19.15 13.30 -16.06
CA CYS G 43 17.96 12.54 -16.43
C CYS G 43 16.87 13.49 -16.93
N ASP G 44 16.15 13.03 -17.94
CA ASP G 44 15.00 13.74 -18.49
C ASP G 44 13.81 12.82 -18.30
N THR G 45 12.95 13.12 -17.32
CA THR G 45 11.83 12.21 -17.07
C THR G 45 10.80 12.21 -18.20
N ASN G 46 10.89 13.13 -19.15
CA ASN G 46 10.05 13.07 -20.35
C ASN G 46 10.50 11.97 -21.28
N VAL G 47 11.72 11.48 -21.11
CA VAL G 47 12.21 10.32 -21.84
C VAL G 47 11.95 9.02 -21.09
N ALA G 48 12.29 8.98 -19.79
CA ALA G 48 12.03 7.79 -18.99
C ALA G 48 11.88 8.16 -17.52
N SER G 49 10.99 7.43 -16.84
CA SER G 49 10.65 7.73 -15.46
C SER G 49 11.32 6.79 -14.47
N LYS G 50 11.94 5.72 -14.94
CA LYS G 50 12.46 4.71 -14.02
C LYS G 50 13.71 4.08 -14.63
N ALA G 51 14.59 3.61 -13.77
CA ALA G 51 15.79 2.92 -14.24
C ALA G 51 16.08 1.71 -13.36
N ALA G 52 16.80 0.75 -13.96
CA ALA G 52 17.22 -0.45 -13.26
C ALA G 52 18.57 -0.87 -13.81
N VAL G 53 19.22 -1.82 -13.12
CA VAL G 53 20.57 -2.24 -13.45
C VAL G 53 20.63 -3.76 -13.42
N ALA G 54 21.34 -4.32 -14.40
CA ALA G 54 21.65 -5.74 -14.40
C ALA G 54 23.16 -5.89 -14.31
N PHE G 55 23.57 -7.00 -13.72
CA PHE G 55 24.98 -7.31 -13.49
C PHE G 55 25.32 -8.65 -14.10
N LEU G 56 26.49 -8.71 -14.72
CA LEU G 56 27.00 -9.88 -15.43
C LEU G 56 28.35 -10.22 -14.85
N GLY G 57 28.56 -11.48 -14.49
CA GLY G 57 29.87 -11.91 -14.03
C GLY G 57 29.90 -13.42 -14.00
N THR G 58 31.07 -13.97 -13.77
CA THR G 58 31.18 -15.42 -13.62
C THR G 58 30.65 -15.80 -12.24
N ALA G 59 29.62 -16.65 -12.21
CA ALA G 59 29.12 -17.07 -10.92
C ALA G 59 29.94 -18.27 -10.42
N ILE G 60 29.84 -18.49 -9.10
CA ILE G 60 30.71 -19.45 -8.43
C ILE G 60 30.38 -20.87 -8.87
N ASP G 61 29.10 -21.21 -9.03
CA ASP G 61 28.69 -22.50 -9.60
C ASP G 61 27.20 -22.42 -9.97
N ALA G 62 26.70 -23.50 -10.59
CA ALA G 62 25.32 -23.54 -11.07
C ALA G 62 24.29 -23.54 -9.92
N GLY G 63 24.70 -23.92 -8.72
CA GLY G 63 23.84 -23.82 -7.57
C GLY G 63 23.75 -22.45 -6.95
N HIS G 64 24.53 -21.49 -7.45
CA HIS G 64 24.56 -20.13 -6.92
C HIS G 64 24.81 -19.12 -8.04
N THR G 65 23.81 -18.97 -8.93
CA THR G 65 23.95 -18.06 -10.05
C THR G 65 23.89 -16.60 -9.65
N ASN G 66 23.58 -16.30 -8.39
CA ASN G 66 23.65 -14.93 -7.89
C ASN G 66 24.86 -14.72 -6.99
N VAL G 67 25.85 -15.60 -7.04
CA VAL G 67 27.07 -15.48 -6.25
C VAL G 67 28.24 -15.37 -7.20
N LEU G 68 28.90 -14.22 -7.17
CA LEU G 68 30.05 -14.00 -8.03
CA LEU G 68 30.06 -13.99 -8.02
C LEU G 68 31.24 -14.84 -7.59
N ALA G 69 31.88 -15.49 -8.54
CA ALA G 69 33.12 -16.21 -8.28
C ALA G 69 34.24 -15.24 -7.93
N LEU G 70 35.17 -15.72 -7.11
CA LEU G 70 36.31 -14.91 -6.71
C LEU G 70 37.44 -15.06 -7.72
N GLN G 71 38.16 -13.96 -7.91
CA GLN G 71 39.37 -14.00 -8.72
C GLN G 71 40.42 -14.87 -8.04
N SER G 72 41.10 -15.69 -8.85
CA SER G 72 42.27 -16.39 -8.34
C SER G 72 43.33 -15.38 -7.89
N SER G 73 44.23 -15.86 -7.04
CA SER G 73 45.36 -15.08 -6.55
C SER G 73 46.55 -16.00 -6.38
N ALA G 74 47.74 -15.41 -6.48
CA ALA G 74 48.97 -16.18 -6.35
C ALA G 74 48.98 -16.99 -5.06
N ALA G 75 48.62 -16.35 -3.95
CA ALA G 75 48.72 -17.01 -2.66
C ALA G 75 47.57 -17.98 -2.41
N GLY G 76 46.58 -18.02 -3.28
CA GLY G 76 45.44 -18.90 -3.08
C GLY G 76 44.24 -18.12 -2.57
N SER G 77 43.20 -18.01 -3.37
CA SER G 77 42.02 -17.28 -2.94
C SER G 77 41.15 -18.11 -2.02
N ALA G 78 40.22 -17.43 -1.34
CA ALA G 78 39.19 -18.12 -0.55
C ALA G 78 38.39 -19.04 -1.47
N THR G 79 37.91 -20.15 -0.92
CA THR G 79 36.95 -21.00 -1.61
C THR G 79 35.68 -21.15 -0.77
N ASN G 80 34.64 -21.61 -1.44
CA ASN G 80 33.31 -21.80 -0.87
C ASN G 80 32.72 -20.48 -0.42
N VAL G 81 33.08 -19.40 -1.11
CA VAL G 81 32.48 -18.10 -0.82
C VAL G 81 32.62 -17.21 -2.05
N GLY G 82 31.60 -16.39 -2.29
CA GLY G 82 31.63 -15.39 -3.33
C GLY G 82 30.89 -14.12 -2.94
N VAL G 83 30.63 -13.26 -3.92
CA VAL G 83 30.06 -11.95 -3.68
C VAL G 83 28.65 -11.90 -4.25
N GLN G 84 27.72 -11.41 -3.45
CA GLN G 84 26.39 -11.08 -3.94
C GLN G 84 26.22 -9.57 -4.03
N ILE G 85 25.45 -9.19 -5.04
CA ILE G 85 25.02 -7.82 -5.27
C ILE G 85 23.51 -7.79 -5.01
N LEU G 86 23.10 -6.98 -4.06
CA LEU G 86 21.72 -6.94 -3.58
C LEU G 86 21.08 -5.63 -4.00
N ASP G 87 19.83 -5.69 -4.42
CA ASP G 87 19.12 -4.48 -4.82
C ASP G 87 18.34 -3.93 -3.63
N ARG G 88 17.59 -2.86 -3.88
CA ARG G 88 16.96 -2.12 -2.80
C ARG G 88 15.92 -2.93 -2.05
N THR G 89 15.51 -4.09 -2.57
CA THR G 89 14.53 -4.92 -1.91
C THR G 89 15.20 -6.01 -1.09
N GLY G 90 16.52 -6.11 -1.18
CA GLY G 90 17.27 -7.15 -0.49
C GLY G 90 17.50 -8.38 -1.31
N ALA G 91 16.97 -8.43 -2.54
CA ALA G 91 17.16 -9.58 -3.41
C ALA G 91 18.56 -9.60 -3.97
N ALA G 92 19.20 -10.78 -3.95
CA ALA G 92 20.50 -10.95 -4.60
C ALA G 92 20.30 -11.19 -6.09
N LEU G 93 20.96 -10.40 -6.94
CA LEU G 93 20.68 -10.40 -8.35
C LEU G 93 21.44 -11.50 -9.08
N THR G 94 20.73 -12.26 -9.91
CA THR G 94 21.39 -13.21 -10.82
C THR G 94 22.39 -12.50 -11.70
N LEU G 95 23.58 -13.07 -11.80
CA LEU G 95 24.72 -12.45 -12.49
C LEU G 95 24.79 -12.80 -13.96
N ASP G 96 23.64 -12.87 -14.60
CA ASP G 96 23.53 -13.26 -15.99
C ASP G 96 23.32 -12.06 -16.92
N GLY G 97 23.50 -10.84 -16.44
CA GLY G 97 23.35 -9.65 -17.26
C GLY G 97 21.94 -9.41 -17.77
N ALA G 98 20.97 -10.12 -17.23
CA ALA G 98 19.61 -10.05 -17.77
C ALA G 98 18.57 -10.02 -16.66
N THR G 99 18.97 -10.00 -15.42
CA THR G 99 18.08 -10.03 -14.27
C THR G 99 18.22 -8.66 -13.64
N PHE G 100 17.31 -7.77 -13.98
CA PHE G 100 17.43 -6.38 -13.55
C PHE G 100 16.98 -6.19 -12.11
N SER G 101 17.61 -5.26 -11.45
CA SER G 101 17.19 -4.79 -10.14
C SER G 101 15.76 -4.27 -10.21
N SER G 102 15.16 -4.16 -9.04
CA SER G 102 13.95 -3.36 -8.95
C SER G 102 14.23 -1.97 -9.49
N GLU G 103 13.18 -1.30 -9.96
CA GLU G 103 13.33 0.02 -10.55
C GLU G 103 13.51 1.09 -9.48
N THR G 104 14.32 2.09 -9.78
CA THR G 104 14.32 3.36 -9.07
C THR G 104 13.56 4.41 -9.87
N THR G 105 12.65 5.10 -9.20
CA THR G 105 11.87 6.15 -9.85
C THR G 105 12.66 7.44 -9.87
N LEU G 106 12.74 8.07 -11.04
CA LEU G 106 13.63 9.18 -11.30
C LEU G 106 12.98 10.55 -11.15
N ASN G 107 13.79 11.50 -10.70
CA ASN G 107 13.56 12.91 -10.94
C ASN G 107 14.46 13.36 -12.09
N ASN G 108 14.16 14.55 -12.62
CA ASN G 108 15.07 15.17 -13.58
C ASN G 108 16.42 15.39 -12.90
N GLY G 109 17.48 15.32 -13.69
CA GLY G 109 18.82 15.54 -13.14
C GLY G 109 19.37 14.29 -12.47
N THR G 110 19.96 14.46 -11.27
CA THR G 110 20.76 13.41 -10.66
C THR G 110 19.94 12.48 -9.77
N ASN G 111 20.20 11.20 -9.90
CA ASN G 111 19.50 10.14 -9.18
C ASN G 111 20.52 9.10 -8.78
N THR G 112 20.29 8.45 -7.65
CA THR G 112 21.14 7.33 -7.25
C THR G 112 20.30 6.08 -7.07
N ILE G 113 20.79 4.97 -7.64
CA ILE G 113 20.15 3.66 -7.54
C ILE G 113 20.95 2.87 -6.51
N PRO G 114 20.38 2.50 -5.37
CA PRO G 114 21.18 1.90 -4.30
C PRO G 114 21.32 0.39 -4.43
N PHE G 115 22.51 -0.09 -4.09
CA PHE G 115 22.85 -1.50 -4.02
C PHE G 115 23.68 -1.77 -2.76
N GLN G 116 23.82 -3.04 -2.46
CA GLN G 116 24.78 -3.49 -1.46
C GLN G 116 25.56 -4.68 -2.01
N ALA G 117 26.77 -4.86 -1.49
CA ALA G 117 27.53 -6.08 -1.77
C ALA G 117 27.88 -6.74 -0.45
N ARG G 118 27.98 -8.07 -0.48
CA ARG G 118 28.36 -8.85 0.69
C ARG G 118 28.98 -10.15 0.22
N TYR G 119 29.75 -10.79 1.10
CA TYR G 119 30.12 -12.17 0.86
C TYR G 119 29.03 -13.14 1.28
N PHE G 120 28.98 -14.27 0.59
CA PHE G 120 27.99 -15.32 0.76
C PHE G 120 28.72 -16.64 0.67
N ALA G 121 28.59 -17.46 1.72
CA ALA G 121 29.22 -18.76 1.77
C ALA G 121 28.37 -19.82 1.10
N THR G 122 29.03 -20.67 0.32
CA THR G 122 28.39 -21.79 -0.36
C THR G 122 28.75 -23.10 0.31
N GLY G 123 29.31 -23.04 1.51
CA GLY G 123 29.88 -24.18 2.19
C GLY G 123 30.73 -23.63 3.31
N ALA G 124 31.72 -24.41 3.71
CA ALA G 124 32.67 -23.96 4.74
C ALA G 124 33.78 -23.21 4.03
N ALA G 125 33.77 -21.89 4.18
CA ALA G 125 34.76 -21.07 3.50
C ALA G 125 36.15 -21.43 3.96
N THR G 126 37.09 -21.34 3.05
CA THR G 126 38.51 -21.51 3.33
C THR G 126 39.21 -20.16 3.15
N PRO G 127 40.39 -19.99 3.73
CA PRO G 127 41.00 -18.65 3.77
C PRO G 127 41.71 -18.23 2.48
N GLY G 128 41.79 -16.93 2.33
CA GLY G 128 42.51 -16.35 1.21
C GLY G 128 41.84 -15.07 0.76
N ALA G 129 42.51 -14.39 -0.17
CA ALA G 129 41.95 -13.18 -0.76
C ALA G 129 40.58 -13.43 -1.41
N ALA G 130 39.73 -12.42 -1.37
CA ALA G 130 38.32 -12.55 -1.83
C ALA G 130 37.92 -11.34 -2.67
N ASN G 131 38.51 -11.26 -3.86
CA ASN G 131 38.25 -10.16 -4.78
C ASN G 131 37.44 -10.68 -5.96
N ALA G 132 36.66 -9.81 -6.58
CA ALA G 132 35.70 -10.21 -7.61
C ALA G 132 35.43 -9.05 -8.55
N ASP G 133 35.02 -9.39 -9.75
CA ASP G 133 34.70 -8.37 -10.77
C ASP G 133 33.40 -8.73 -11.46
N ALA G 134 32.67 -7.70 -11.87
CA ALA G 134 31.45 -7.85 -12.65
C ALA G 134 31.30 -6.66 -13.57
N THR G 135 30.38 -6.79 -14.51
CA THR G 135 30.02 -5.66 -15.37
C THR G 135 28.55 -5.38 -15.18
N PHE G 136 28.09 -4.22 -15.62
CA PHE G 136 26.69 -3.89 -15.41
C PHE G 136 26.18 -3.06 -16.56
N LYS G 137 24.85 -3.01 -16.68
CA LYS G 137 24.19 -2.25 -17.71
C LYS G 137 22.93 -1.64 -17.13
N VAL G 138 22.59 -0.47 -17.61
CA VAL G 138 21.47 0.32 -17.12
C VAL G 138 20.38 0.33 -18.15
N GLN G 139 19.16 0.03 -17.73
CA GLN G 139 18.01 0.11 -18.63
C GLN G 139 16.95 1.04 -18.05
N TYR G 140 16.15 1.60 -18.94
CA TYR G 140 15.11 2.55 -18.60
C TYR G 140 13.73 1.99 -18.89
N GLN G 141 12.76 2.48 -18.11
CA GLN G 141 11.36 2.17 -18.35
C GLN G 141 10.54 3.43 -18.11
N GLY G 142 9.37 3.47 -18.73
CA GLY G 142 8.48 4.63 -18.62
C GLY G 142 8.69 5.64 -19.72
N GLY G 146 10.88 2.20 -23.67
CA GLY G 146 12.09 2.10 -22.87
C GLY G 146 13.36 2.13 -23.71
N GLY G 147 14.51 2.23 -23.03
CA GLY G 147 15.80 2.25 -23.70
C GLY G 147 16.90 1.75 -22.78
N ALA G 148 18.15 2.00 -23.15
CA ALA G 148 19.27 1.59 -22.30
C ALA G 148 20.50 2.42 -22.60
N ASN G 149 21.34 2.62 -21.59
CA ASN G 149 22.63 3.23 -21.83
C ASN G 149 23.49 2.26 -22.63
N VAL G 150 24.32 2.81 -23.52
CA VAL G 150 25.20 1.94 -24.30
C VAL G 150 26.46 1.55 -23.54
N VAL G 151 26.73 2.16 -22.39
CA VAL G 151 27.96 1.87 -21.67
CA VAL G 151 27.95 1.87 -21.65
C VAL G 151 27.84 0.52 -20.95
N GLU G 152 28.97 -0.17 -20.86
CA GLU G 152 29.13 -1.34 -20.01
C GLU G 152 29.92 -0.87 -18.78
N GLY G 153 29.24 -0.78 -17.63
CA GLY G 153 29.91 -0.38 -16.42
C GLY G 153 30.68 -1.52 -15.81
N LYS G 154 31.59 -1.17 -14.91
CA LYS G 154 32.46 -2.14 -14.27
C LYS G 154 32.34 -1.98 -12.75
N PHE G 155 32.21 -3.11 -12.07
CA PHE G 155 32.09 -3.16 -10.63
C PHE G 155 33.14 -4.11 -10.07
N HIS G 156 33.81 -3.69 -9.00
CA HIS G 156 34.87 -4.50 -8.42
C HIS G 156 34.70 -4.62 -6.93
N VAL G 157 35.11 -5.77 -6.41
CA VAL G 157 35.39 -5.96 -4.98
C VAL G 157 36.87 -6.23 -4.83
N THR G 158 37.55 -5.45 -3.99
CA THR G 158 38.96 -5.65 -3.70
C THR G 158 39.19 -5.56 -2.19
N GLY G 159 40.45 -5.77 -1.78
CA GLY G 159 40.88 -5.67 -0.39
C GLY G 159 40.28 -6.68 0.54
N GLY G 160 39.60 -7.70 0.03
CA GLY G 160 38.93 -8.66 0.88
C GLY G 160 39.82 -9.83 1.22
N ASN G 161 39.55 -10.43 2.38
CA ASN G 161 40.39 -11.51 2.90
C ASN G 161 39.56 -12.32 3.89
N VAL G 162 39.55 -13.63 3.69
CA VAL G 162 38.96 -14.57 4.61
C VAL G 162 40.12 -15.18 5.40
N THR G 163 40.05 -15.15 6.72
CA THR G 163 41.13 -15.59 7.59
CA THR G 163 41.14 -15.69 7.53
C THR G 163 40.62 -16.62 8.60
N THR G 164 41.54 -17.43 9.13
CA THR G 164 41.26 -18.37 10.20
C THR G 164 41.34 -17.74 11.58
N ALA G 165 41.47 -16.43 11.65
CA ALA G 165 41.64 -15.75 12.93
C ALA G 165 40.38 -15.77 13.77
N ALA G 166 40.57 -15.56 15.07
CA ALA G 166 39.49 -15.46 16.05
C ALA G 166 38.80 -14.10 16.08
N ALA H 1 12.68 -31.06 -12.97
CA ALA H 1 12.17 -29.67 -12.97
C ALA H 1 12.76 -28.91 -11.79
N ALA H 2 12.46 -27.62 -11.71
CA ALA H 2 13.06 -26.77 -10.69
C ALA H 2 12.76 -27.28 -9.30
N CYS H 3 11.58 -27.84 -9.10
CA CYS H 3 11.14 -28.35 -7.82
C CYS H 3 10.56 -29.73 -8.04
N ALA H 4 10.28 -30.41 -6.94
CA ALA H 4 9.54 -31.65 -6.93
C ALA H 4 8.23 -31.42 -6.19
N VAL H 5 7.12 -31.89 -6.77
CA VAL H 5 5.86 -31.82 -6.05
C VAL H 5 5.92 -32.76 -4.85
N ASP H 6 5.54 -32.26 -3.69
CA ASP H 6 5.53 -33.08 -2.49
C ASP H 6 4.63 -34.29 -2.72
N ALA H 7 5.06 -35.43 -2.19
CA ALA H 7 4.33 -36.66 -2.44
C ALA H 7 2.95 -36.62 -1.82
N GLY H 8 2.79 -35.90 -0.69
CA GLY H 8 1.47 -35.70 -0.12
C GLY H 8 0.60 -34.73 -0.89
N SER H 9 1.20 -33.85 -1.69
CA SER H 9 0.46 -32.88 -2.47
C SER H 9 0.02 -33.39 -3.83
N VAL H 10 0.75 -34.36 -4.39
CA VAL H 10 0.48 -34.83 -5.74
C VAL H 10 -0.87 -35.48 -5.86
N ASP H 11 -1.39 -36.07 -4.77
CA ASP H 11 -2.72 -36.70 -4.78
C ASP H 11 -3.38 -36.33 -3.46
N GLN H 12 -4.30 -35.38 -3.50
CA GLN H 12 -4.85 -34.84 -2.28
C GLN H 12 -6.32 -34.51 -2.45
N THR H 13 -6.97 -34.29 -1.32
CA THR H 13 -8.40 -34.18 -1.24
C THR H 13 -8.78 -33.03 -0.33
N VAL H 14 -9.87 -32.37 -0.67
CA VAL H 14 -10.54 -31.41 0.19
C VAL H 14 -11.93 -31.92 0.44
N GLN H 15 -12.43 -31.69 1.65
CA GLN H 15 -13.81 -31.99 1.97
C GLN H 15 -14.51 -30.67 2.31
N LEU H 16 -15.56 -30.39 1.57
CA LEU H 16 -16.20 -29.09 1.57
C LEU H 16 -17.37 -29.00 2.53
N GLY H 17 -17.67 -30.06 3.22
CA GLY H 17 -18.69 -30.01 4.23
C GLY H 17 -20.07 -30.28 3.66
N GLN H 18 -21.04 -30.03 4.53
CA GLN H 18 -22.45 -30.25 4.21
C GLN H 18 -23.10 -28.90 3.92
N VAL H 19 -23.59 -28.74 2.69
CA VAL H 19 -24.07 -27.45 2.19
C VAL H 19 -25.56 -27.56 1.88
N ARG H 20 -26.34 -26.67 2.46
CA ARG H 20 -27.77 -26.62 2.22
C ARG H 20 -28.09 -26.08 0.83
N THR H 21 -29.14 -26.64 0.21
CA THR H 21 -29.61 -26.10 -1.06
C THR H 21 -29.93 -24.62 -0.95
N ALA H 22 -30.44 -24.17 0.22
CA ALA H 22 -30.72 -22.74 0.43
C ALA H 22 -29.49 -21.86 0.26
N SER H 23 -28.30 -22.42 0.46
CA SER H 23 -27.06 -21.66 0.36
C SER H 23 -26.49 -21.68 -1.04
N LEU H 24 -27.11 -22.43 -1.95
CA LEU H 24 -26.76 -22.59 -3.35
C LEU H 24 -28.01 -22.46 -4.21
N ALA H 25 -28.77 -21.38 -3.99
CA ALA H 25 -30.14 -21.29 -4.50
C ALA H 25 -30.25 -20.51 -5.80
N GLN H 26 -29.16 -19.92 -6.28
CA GLN H 26 -29.21 -19.19 -7.55
C GLN H 26 -27.80 -19.12 -8.10
N GLU H 27 -27.73 -18.86 -9.40
CA GLU H 27 -26.45 -18.77 -10.08
C GLU H 27 -25.57 -17.77 -9.34
N GLY H 28 -24.34 -18.17 -9.06
CA GLY H 28 -23.38 -17.30 -8.42
C GLY H 28 -23.23 -17.48 -6.93
N ALA H 29 -24.16 -18.19 -6.28
CA ALA H 29 -24.02 -18.51 -4.86
C ALA H 29 -22.82 -19.42 -4.70
N THR H 30 -22.10 -19.25 -3.57
CA THR H 30 -20.93 -20.10 -3.32
C THR H 30 -20.94 -20.57 -1.88
N SER H 31 -20.37 -21.77 -1.67
CA SER H 31 -20.29 -22.35 -0.34
C SER H 31 -18.98 -21.98 0.32
N SER H 32 -18.86 -22.31 1.60
CA SER H 32 -17.67 -21.98 2.36
C SER H 32 -16.43 -22.57 1.72
N ALA H 33 -15.37 -21.78 1.65
CA ALA H 33 -14.15 -22.16 0.97
C ALA H 33 -13.24 -22.89 1.94
N VAL H 34 -12.61 -23.95 1.44
CA VAL H 34 -11.63 -24.70 2.21
C VAL H 34 -10.27 -24.56 1.55
N GLY H 35 -9.25 -24.23 2.35
CA GLY H 35 -7.92 -24.05 1.80
C GLY H 35 -7.21 -25.35 1.49
N PHE H 36 -6.37 -25.31 0.46
CA PHE H 36 -5.38 -26.33 0.21
C PHE H 36 -4.18 -25.68 -0.44
N ASN H 37 -3.13 -26.48 -0.62
CA ASN H 37 -1.95 -25.91 -1.24
C ASN H 37 -1.30 -26.97 -2.09
N ILE H 38 -0.51 -26.50 -3.03
CA ILE H 38 0.45 -27.35 -3.74
C ILE H 38 1.79 -27.06 -3.09
N GLN H 39 2.39 -28.07 -2.49
CA GLN H 39 3.69 -27.96 -1.84
C GLN H 39 4.76 -28.46 -2.79
N LEU H 40 5.77 -27.65 -2.99
CA LEU H 40 6.95 -27.98 -3.75
C LEU H 40 8.13 -28.13 -2.80
N ASN H 41 8.91 -29.18 -3.03
CA ASN H 41 10.11 -29.46 -2.25
C ASN H 41 11.33 -29.29 -3.12
N ASP H 42 12.47 -29.10 -2.46
CA ASP H 42 13.77 -29.14 -3.10
C ASP H 42 13.88 -28.12 -4.22
N CYS H 43 13.14 -27.02 -4.10
CA CYS H 43 13.18 -26.01 -5.14
C CYS H 43 14.61 -25.46 -5.32
N ASP H 44 15.00 -25.30 -6.58
CA ASP H 44 16.29 -24.77 -7.01
C ASP H 44 16.02 -23.43 -7.68
N THR H 45 16.17 -22.35 -6.93
CA THR H 45 15.80 -21.05 -7.48
C THR H 45 16.82 -20.51 -8.49
N ASN H 46 17.92 -21.22 -8.73
CA ASN H 46 18.74 -20.92 -9.89
C ASN H 46 18.05 -21.35 -11.17
N VAL H 47 17.17 -22.33 -11.08
CA VAL H 47 16.43 -22.81 -12.23
C VAL H 47 15.13 -22.05 -12.40
N ALA H 48 14.41 -21.79 -11.31
CA ALA H 48 13.13 -21.13 -11.41
C ALA H 48 12.89 -20.30 -10.16
N SER H 49 12.48 -19.05 -10.35
CA SER H 49 12.21 -18.16 -9.23
C SER H 49 10.74 -18.11 -8.85
N LYS H 50 9.86 -18.64 -9.70
CA LYS H 50 8.42 -18.52 -9.50
C LYS H 50 7.76 -19.80 -9.99
N ALA H 51 6.65 -20.16 -9.38
CA ALA H 51 5.87 -21.28 -9.86
C ALA H 51 4.40 -20.90 -9.86
N ALA H 52 3.65 -21.58 -10.73
CA ALA H 52 2.20 -21.41 -10.82
C ALA H 52 1.59 -22.76 -11.16
N VAL H 53 0.28 -22.87 -10.95
CA VAL H 53 -0.43 -24.12 -11.12
C VAL H 53 -1.64 -23.88 -12.01
N ALA H 54 -1.88 -24.80 -12.92
CA ALA H 54 -3.09 -24.83 -13.72
C ALA H 54 -3.84 -26.12 -13.44
N PHE H 55 -5.15 -26.06 -13.53
CA PHE H 55 -6.03 -27.18 -13.21
C PHE H 55 -6.86 -27.56 -14.41
N LEU H 56 -7.06 -28.86 -14.58
CA LEU H 56 -7.76 -29.41 -15.74
C LEU H 56 -8.88 -30.28 -15.23
N GLY H 57 -10.10 -29.95 -15.65
CA GLY H 57 -11.24 -30.79 -15.34
C GLY H 57 -12.38 -30.44 -16.26
N THR H 58 -13.34 -31.35 -16.35
CA THR H 58 -14.51 -31.12 -17.18
C THR H 58 -15.44 -30.11 -16.51
N ALA H 59 -15.76 -29.06 -17.24
CA ALA H 59 -16.63 -28.00 -16.74
C ALA H 59 -18.06 -28.48 -16.65
N ILE H 60 -18.78 -27.94 -15.68
CA ILE H 60 -20.19 -28.30 -15.49
C ILE H 60 -20.99 -28.00 -16.74
N ASP H 61 -20.68 -26.91 -17.42
CA ASP H 61 -21.36 -26.59 -18.66
C ASP H 61 -20.53 -25.55 -19.40
N ALA H 62 -20.84 -25.40 -20.69
CA ALA H 62 -19.99 -24.55 -21.51
C ALA H 62 -20.00 -23.10 -21.03
N GLY H 63 -21.04 -22.68 -20.32
CA GLY H 63 -21.11 -21.31 -19.82
C GLY H 63 -20.40 -21.03 -18.51
N HIS H 64 -19.81 -22.07 -17.88
CA HIS H 64 -19.10 -21.91 -16.60
C HIS H 64 -17.79 -22.67 -16.65
N THR H 65 -16.81 -22.12 -17.38
CA THR H 65 -15.60 -22.89 -17.61
C THR H 65 -14.69 -22.96 -16.39
N ASN H 66 -14.97 -22.22 -15.32
CA ASN H 66 -14.22 -22.36 -14.09
C ASN H 66 -15.00 -23.09 -13.00
N VAL H 67 -16.06 -23.82 -13.39
CA VAL H 67 -16.84 -24.60 -12.45
C VAL H 67 -16.75 -26.06 -12.88
N LEU H 68 -16.19 -26.88 -12.01
CA LEU H 68 -15.93 -28.29 -12.24
C LEU H 68 -17.19 -29.11 -12.06
N ALA H 69 -17.47 -29.96 -13.05
CA ALA H 69 -18.61 -30.86 -12.95
C ALA H 69 -18.41 -31.85 -11.82
N LEU H 70 -19.52 -32.30 -11.25
CA LEU H 70 -19.48 -33.33 -10.23
C LEU H 70 -19.48 -34.73 -10.85
N GLN H 71 -18.89 -35.67 -10.11
CA GLN H 71 -19.08 -37.08 -10.44
C GLN H 71 -20.55 -37.46 -10.39
N SER H 72 -20.97 -38.34 -11.29
CA SER H 72 -22.25 -39.00 -11.10
C SER H 72 -22.19 -40.00 -9.94
N SER H 73 -23.35 -40.32 -9.41
CA SER H 73 -23.46 -41.27 -8.31
C SER H 73 -24.72 -42.09 -8.51
N ALA H 74 -24.74 -43.27 -7.89
CA ALA H 74 -25.89 -44.14 -8.04
C ALA H 74 -27.14 -43.49 -7.46
N ALA H 75 -27.00 -42.82 -6.31
CA ALA H 75 -28.16 -42.22 -5.66
C ALA H 75 -28.60 -40.94 -6.35
N GLY H 76 -27.75 -40.36 -7.19
CA GLY H 76 -28.06 -39.12 -7.85
C GLY H 76 -27.28 -37.97 -7.23
N SER H 77 -26.41 -37.35 -8.00
CA SER H 77 -25.58 -36.28 -7.47
C SER H 77 -26.36 -34.98 -7.46
N ALA H 78 -25.86 -34.03 -6.68
CA ALA H 78 -26.42 -32.70 -6.70
C ALA H 78 -26.41 -32.16 -8.10
N THR H 79 -27.43 -31.36 -8.43
CA THR H 79 -27.44 -30.70 -9.72
C THR H 79 -27.34 -29.18 -9.52
N ASN H 80 -26.92 -28.51 -10.58
CA ASN H 80 -26.77 -27.06 -10.62
C ASN H 80 -25.67 -26.57 -9.68
N VAL H 81 -24.69 -27.42 -9.42
CA VAL H 81 -23.59 -27.05 -8.54
CA VAL H 81 -23.62 -27.18 -8.46
C VAL H 81 -22.34 -27.74 -9.02
N GLY H 82 -21.24 -26.99 -8.96
CA GLY H 82 -19.93 -27.56 -9.27
C GLY H 82 -18.89 -26.98 -8.34
N VAL H 83 -17.62 -27.26 -8.60
CA VAL H 83 -16.51 -26.86 -7.71
C VAL H 83 -15.65 -25.82 -8.42
N GLN H 84 -15.33 -24.74 -7.71
CA GLN H 84 -14.33 -23.79 -8.16
C GLN H 84 -13.06 -23.98 -7.36
N ILE H 85 -11.96 -23.67 -8.03
CA ILE H 85 -10.61 -23.67 -7.46
C ILE H 85 -10.12 -22.25 -7.62
N LEU H 86 -9.90 -21.58 -6.48
CA LEU H 86 -9.47 -20.19 -6.43
C LEU H 86 -7.99 -20.14 -6.15
N ASP H 87 -7.31 -19.23 -6.84
CA ASP H 87 -5.91 -19.02 -6.54
C ASP H 87 -5.76 -17.94 -5.44
N ARG H 88 -4.51 -17.53 -5.22
CA ARG H 88 -4.17 -16.64 -4.12
C ARG H 88 -4.78 -15.26 -4.25
N THR H 89 -5.23 -14.88 -5.46
CA THR H 89 -5.92 -13.62 -5.66
C THR H 89 -7.42 -13.73 -5.43
N GLY H 90 -7.95 -14.92 -5.17
CA GLY H 90 -9.38 -15.15 -5.11
C GLY H 90 -10.02 -15.44 -6.45
N ALA H 91 -9.24 -15.50 -7.52
CA ALA H 91 -9.79 -15.73 -8.85
C ALA H 91 -10.06 -17.21 -9.03
N ALA H 92 -11.26 -17.54 -9.50
CA ALA H 92 -11.55 -18.90 -9.90
C ALA H 92 -10.86 -19.19 -11.21
N LEU H 93 -10.14 -20.29 -11.28
CA LEU H 93 -9.31 -20.57 -12.45
C LEU H 93 -10.09 -21.38 -13.47
N THR H 94 -10.05 -20.94 -14.72
CA THR H 94 -10.57 -21.73 -15.83
C THR H 94 -9.97 -23.11 -15.80
N LEU H 95 -10.81 -24.13 -15.91
CA LEU H 95 -10.38 -25.51 -15.68
C LEU H 95 -9.90 -26.21 -16.94
N ASP H 96 -9.12 -25.50 -17.76
CA ASP H 96 -8.65 -26.01 -19.04
C ASP H 96 -7.18 -26.40 -19.05
N GLY H 97 -6.54 -26.48 -17.88
CA GLY H 97 -5.16 -26.91 -17.85
C GLY H 97 -4.19 -25.87 -18.34
N ALA H 98 -4.67 -24.67 -18.62
CA ALA H 98 -3.84 -23.70 -19.32
C ALA H 98 -4.05 -22.30 -18.76
N THR H 99 -4.78 -22.17 -17.68
CA THR H 99 -5.04 -20.91 -17.02
C THR H 99 -4.35 -21.02 -15.67
N PHE H 100 -3.14 -20.46 -15.62
CA PHE H 100 -2.31 -20.61 -14.43
C PHE H 100 -2.67 -19.59 -13.36
N SER H 101 -2.58 -20.04 -12.12
CA SER H 101 -2.63 -19.18 -10.96
C SER H 101 -1.67 -18.02 -11.15
N SER H 102 -1.92 -16.95 -10.41
CA SER H 102 -0.86 -16.00 -10.16
C SER H 102 0.35 -16.74 -9.60
N GLU H 103 1.51 -16.14 -9.78
CA GLU H 103 2.77 -16.79 -9.45
C GLU H 103 3.00 -16.73 -7.96
N THR H 104 3.60 -17.79 -7.43
CA THR H 104 4.19 -17.77 -6.09
C THR H 104 5.70 -17.65 -6.24
N THR H 105 6.28 -16.69 -5.55
CA THR H 105 7.73 -16.50 -5.59
C THR H 105 8.39 -17.48 -4.64
N LEU H 106 9.43 -18.15 -5.12
CA LEU H 106 10.00 -19.33 -4.46
C LEU H 106 11.24 -19.00 -3.66
N ASN H 107 11.42 -19.71 -2.56
CA ASN H 107 12.71 -19.89 -1.92
C ASN H 107 13.25 -21.29 -2.25
N ASN H 108 14.55 -21.47 -2.00
CA ASN H 108 15.09 -22.82 -2.06
C ASN H 108 14.35 -23.72 -1.08
N GLY H 109 14.26 -25.00 -1.44
CA GLY H 109 13.59 -25.95 -0.57
C GLY H 109 12.09 -25.89 -0.70
N THR H 110 11.40 -25.91 0.42
CA THR H 110 9.96 -26.12 0.41
C THR H 110 9.18 -24.82 0.32
N ASN H 111 8.15 -24.86 -0.52
CA ASN H 111 7.28 -23.74 -0.82
C ASN H 111 5.86 -24.25 -0.87
N THR H 112 4.92 -23.41 -0.48
CA THR H 112 3.51 -23.73 -0.65
C THR H 112 2.81 -22.67 -1.50
N ILE H 113 2.07 -23.15 -2.48
CA ILE H 113 1.25 -22.34 -3.37
C ILE H 113 -0.19 -22.46 -2.89
N PRO H 114 -0.82 -21.38 -2.41
CA PRO H 114 -2.12 -21.52 -1.75
C PRO H 114 -3.29 -21.40 -2.70
N PHE H 115 -4.34 -22.18 -2.41
CA PHE H 115 -5.55 -22.26 -3.19
C PHE H 115 -6.74 -22.43 -2.24
N GLN H 116 -7.92 -22.21 -2.78
CA GLN H 116 -9.16 -22.55 -2.09
C GLN H 116 -10.05 -23.34 -3.03
N ALA H 117 -10.90 -24.17 -2.45
CA ALA H 117 -11.93 -24.84 -3.20
C ALA H 117 -13.27 -24.55 -2.54
N ARG H 118 -14.31 -24.47 -3.37
CA ARG H 118 -15.65 -24.17 -2.86
C ARG H 118 -16.66 -24.68 -3.89
N TYR H 119 -17.91 -24.84 -3.45
CA TYR H 119 -18.99 -25.06 -4.41
C TYR H 119 -19.50 -23.74 -4.97
N PHE H 120 -20.00 -23.80 -6.19
CA PHE H 120 -20.55 -22.66 -6.94
C PHE H 120 -21.82 -23.16 -7.62
N ALA H 121 -22.89 -22.40 -7.43
CA ALA H 121 -24.19 -22.78 -7.99
C ALA H 121 -24.37 -22.14 -9.35
N THR H 122 -24.84 -22.94 -10.32
CA THR H 122 -25.22 -22.42 -11.62
C THR H 122 -26.71 -22.21 -11.75
N GLY H 123 -27.44 -22.36 -10.65
CA GLY H 123 -28.89 -22.32 -10.63
C GLY H 123 -29.32 -22.72 -9.24
N ALA H 124 -30.56 -23.16 -9.10
CA ALA H 124 -31.00 -23.64 -7.79
C ALA H 124 -30.54 -25.07 -7.60
N ALA H 125 -29.60 -25.27 -6.69
CA ALA H 125 -29.06 -26.59 -6.45
C ALA H 125 -30.11 -27.54 -5.93
N THR H 126 -29.92 -28.82 -6.24
CA THR H 126 -30.66 -29.95 -5.69
C THR H 126 -29.74 -30.82 -4.87
N PRO H 127 -30.27 -31.58 -3.92
CA PRO H 127 -29.40 -32.29 -2.97
C PRO H 127 -28.80 -33.57 -3.53
N GLY H 128 -27.68 -33.95 -2.94
CA GLY H 128 -27.02 -35.18 -3.29
C GLY H 128 -25.52 -35.03 -3.13
N ALA H 129 -24.81 -36.15 -3.38
CA ALA H 129 -23.36 -36.18 -3.34
C ALA H 129 -22.78 -35.13 -4.28
N ALA H 130 -21.65 -34.60 -3.89
CA ALA H 130 -21.01 -33.57 -4.67
C ALA H 130 -19.50 -33.79 -4.68
N ASN H 131 -19.11 -34.93 -5.21
CA ASN H 131 -17.71 -35.29 -5.36
C ASN H 131 -17.21 -34.83 -6.72
N ALA H 132 -15.91 -34.57 -6.81
CA ALA H 132 -15.33 -34.08 -8.06
C ALA H 132 -13.84 -34.36 -8.10
N ASP H 133 -13.27 -34.27 -9.30
CA ASP H 133 -11.87 -34.59 -9.48
C ASP H 133 -11.33 -33.69 -10.59
N ALA H 134 -10.07 -33.32 -10.42
CA ALA H 134 -9.36 -32.55 -11.42
C ALA H 134 -7.90 -33.00 -11.38
N THR H 135 -7.16 -32.61 -12.40
CA THR H 135 -5.72 -32.80 -12.35
C THR H 135 -5.07 -31.43 -12.37
N PHE H 136 -3.82 -31.39 -11.98
CA PHE H 136 -3.11 -30.10 -12.00
C PHE H 136 -1.68 -30.29 -12.49
N LYS H 137 -1.11 -29.18 -12.96
CA LYS H 137 0.27 -29.17 -13.41
C LYS H 137 0.96 -27.89 -12.94
N VAL H 138 2.22 -28.04 -12.57
CA VAL H 138 3.03 -26.96 -12.06
C VAL H 138 3.93 -26.46 -13.17
N GLN H 139 3.98 -25.15 -13.34
CA GLN H 139 4.79 -24.51 -14.36
C GLN H 139 5.71 -23.53 -13.67
N TYR H 140 6.95 -23.44 -14.14
CA TYR H 140 8.00 -22.67 -13.52
C TYR H 140 8.37 -21.50 -14.41
N GLN H 141 8.80 -20.41 -13.76
CA GLN H 141 9.41 -19.28 -14.45
C GLN H 141 10.72 -18.93 -13.76
N GLY H 142 11.75 -18.67 -14.55
CA GLY H 142 13.05 -18.25 -14.04
C GLY H 142 14.17 -18.60 -15.02
N GLY H 143 15.34 -18.92 -14.46
CA GLY H 143 16.52 -19.23 -15.23
C GLY H 143 16.33 -20.29 -16.30
N GLY H 144 16.12 -21.54 -15.89
CA GLY H 144 15.90 -22.62 -16.82
C GLY H 144 16.64 -23.90 -16.46
N GLY H 145 16.00 -25.05 -16.66
CA GLY H 145 16.59 -26.33 -16.33
C GLY H 145 15.57 -27.46 -16.37
N GLY H 147 10.04 -24.11 -17.49
CA GLY H 147 9.86 -25.56 -17.42
C GLY H 147 8.58 -25.99 -16.73
N ALA H 148 8.33 -27.29 -16.69
CA ALA H 148 7.10 -27.82 -16.13
C ALA H 148 7.33 -29.23 -15.60
N ASN H 149 6.92 -29.45 -14.36
CA ASN H 149 6.87 -30.80 -13.81
C ASN H 149 6.17 -31.74 -14.79
N VAL H 150 6.73 -32.93 -14.97
CA VAL H 150 6.06 -33.91 -15.82
C VAL H 150 4.96 -34.63 -15.03
N VAL H 151 5.09 -34.73 -13.70
CA VAL H 151 4.06 -35.38 -12.91
C VAL H 151 2.74 -34.62 -13.03
N GLU H 152 1.65 -35.37 -13.15
CA GLU H 152 0.31 -34.82 -13.22
C GLU H 152 -0.33 -35.02 -11.85
N GLY H 153 -0.56 -33.91 -11.12
CA GLY H 153 -1.19 -34.00 -9.83
C GLY H 153 -2.68 -34.31 -9.94
N LYS H 154 -3.23 -34.87 -8.87
CA LYS H 154 -4.64 -35.20 -8.79
C LYS H 154 -5.25 -34.48 -7.60
N PHE H 155 -6.36 -33.80 -7.85
CA PHE H 155 -7.10 -33.06 -6.85
C PHE H 155 -8.49 -33.65 -6.73
N HIS H 156 -8.92 -33.91 -5.50
CA HIS H 156 -10.20 -34.57 -5.27
C HIS H 156 -11.03 -33.74 -4.31
N VAL H 157 -12.34 -33.71 -4.56
CA VAL H 157 -13.31 -33.27 -3.58
C VAL H 157 -14.11 -34.51 -3.24
N THR H 158 -14.12 -34.89 -1.97
CA THR H 158 -14.87 -36.05 -1.51
C THR H 158 -15.61 -35.64 -0.25
N GLY H 159 -16.58 -36.45 0.11
CA GLY H 159 -17.31 -36.21 1.34
C GLY H 159 -18.32 -35.08 1.26
N GLY H 160 -17.97 -33.99 0.63
CA GLY H 160 -18.90 -32.88 0.56
C GLY H 160 -20.18 -33.30 -0.12
N ASN H 161 -21.30 -32.75 0.34
CA ASN H 161 -22.59 -33.07 -0.24
C ASN H 161 -23.59 -31.96 0.03
N VAL H 162 -24.57 -31.87 -0.86
CA VAL H 162 -25.59 -30.83 -0.82
C VAL H 162 -26.83 -31.43 -0.19
N THR H 163 -27.36 -30.76 0.82
CA THR H 163 -28.40 -31.32 1.66
C THR H 163 -29.62 -30.40 1.62
N THR H 164 -30.72 -30.94 2.09
CA THR H 164 -31.87 -30.15 2.49
C THR H 164 -31.93 -30.02 4.02
N ALA H 165 -30.76 -29.96 4.69
CA ALA H 165 -30.75 -29.93 6.15
C ALA H 165 -31.55 -28.74 6.67
N ALA H 166 -32.12 -28.93 7.85
CA ALA H 166 -33.00 -27.93 8.48
C ALA H 166 -32.26 -26.61 8.68
S SO4 I . 7.36 21.53 -10.84
O1 SO4 I . 8.55 20.70 -10.82
O2 SO4 I . 7.04 21.98 -9.50
O3 SO4 I . 7.56 22.69 -11.71
O4 SO4 I . 6.24 20.72 -11.35
S SO4 J . -50.94 15.05 -7.77
O1 SO4 J . -49.95 14.01 -7.56
O2 SO4 J . -52.19 14.67 -7.11
O3 SO4 J . -50.47 16.32 -7.23
O4 SO4 J . -51.17 15.21 -9.21
S SO4 K . 7.77 -0.91 -8.55
O1 SO4 K . 8.63 -1.91 -9.16
O2 SO4 K . 6.63 -1.57 -7.92
O3 SO4 K . 7.29 0.02 -9.57
O4 SO4 K . 8.51 -0.16 -7.54
NA NA L . 5.36 -17.15 -1.15
C ACY M . 2.83 -9.72 -8.44
O ACY M . 3.80 -10.47 -8.41
OXT ACY M . 2.86 -8.45 -8.60
CH3 ACY M . 1.45 -10.25 -8.27
H1 ACY M . 0.79 -9.62 -8.62
H2 ACY M . 1.25 -10.40 -7.33
H3 ACY M . 1.34 -11.10 -8.74
S SO4 N . -35.48 16.00 -34.21
O1 SO4 N . -35.67 14.62 -34.64
O2 SO4 N . -35.00 16.02 -32.82
O3 SO4 N . -34.49 16.63 -35.08
O4 SO4 N . -36.73 16.73 -34.29
S SO4 O . 8.84 -34.40 -12.27
O1 SO4 O . 9.36 -35.76 -12.42
O2 SO4 O . 9.17 -33.91 -10.94
O3 SO4 O . 9.44 -33.53 -13.28
O4 SO4 O . 7.40 -34.41 -12.45
#